data_2CP2
#
_entry.id   2CP2
#
_entity_poly.entity_id   1
_entity_poly.type   'polypeptide(L)'
_entity_poly.pdbx_seq_one_letter_code
;GSSGSSGAAEVGDDFLGDFVVGERVWVNGVKPGVVQYLGETQFAPGQWAGVVLDDPVGKNDGAVGGVRYFECPALQGIFT
RPSKLTRQPSGPSSG
;
_entity_poly.pdbx_strand_id   A
#
# COMPACT_ATOMS: atom_id res chain seq x y z
N GLY A 1 -6.20 13.80 18.81
CA GLY A 1 -6.33 12.72 19.82
C GLY A 1 -6.28 11.33 19.22
N SER A 2 -7.40 10.89 18.66
CA SER A 2 -7.48 9.57 18.04
C SER A 2 -6.50 9.46 16.88
N SER A 3 -6.59 10.38 15.94
CA SER A 3 -5.72 10.40 14.77
C SER A 3 -4.26 10.54 15.19
N GLY A 4 -3.59 9.41 15.41
CA GLY A 4 -2.20 9.44 15.81
C GLY A 4 -1.64 8.05 16.06
N SER A 5 -1.77 7.17 15.07
CA SER A 5 -1.28 5.81 15.21
C SER A 5 0.23 5.74 14.96
N SER A 6 0.78 4.54 15.03
CA SER A 6 2.21 4.35 14.82
C SER A 6 2.47 3.28 13.76
N GLY A 7 3.55 3.45 13.00
CA GLY A 7 3.88 2.49 11.97
C GLY A 7 5.10 1.66 12.31
N ALA A 8 4.99 0.85 13.36
CA ALA A 8 6.10 0.01 13.80
C ALA A 8 5.93 -1.42 13.30
N ALA A 9 6.98 -2.22 13.45
CA ALA A 9 6.95 -3.62 13.02
C ALA A 9 6.68 -3.72 11.52
N GLU A 10 7.15 -2.73 10.77
CA GLU A 10 6.96 -2.71 9.32
C GLU A 10 8.00 -1.80 8.66
N VAL A 11 8.62 -2.30 7.59
CA VAL A 11 9.62 -1.54 6.87
C VAL A 11 9.48 -1.73 5.36
N GLY A 12 9.69 -0.66 4.61
CA GLY A 12 9.58 -0.73 3.17
C GLY A 12 10.83 -1.29 2.51
N ASP A 13 10.79 -1.44 1.19
CA ASP A 13 11.92 -1.97 0.45
C ASP A 13 12.93 -0.86 0.14
N ASP A 14 13.90 -1.18 -0.72
CA ASP A 14 14.93 -0.21 -1.09
C ASP A 14 14.70 0.29 -2.51
N PHE A 15 14.31 -0.61 -3.40
CA PHE A 15 14.06 -0.25 -4.79
C PHE A 15 12.58 0.00 -5.04
N LEU A 16 12.26 1.09 -5.72
CA LEU A 16 10.88 1.45 -6.02
C LEU A 16 10.45 0.83 -7.35
N GLY A 17 9.42 -0.02 -7.28
CA GLY A 17 8.92 -0.66 -8.48
C GLY A 17 8.44 0.34 -9.52
N ASP A 18 8.45 -0.07 -10.78
CA ASP A 18 8.01 0.79 -11.88
C ASP A 18 6.49 0.90 -11.91
N PHE A 19 5.93 1.53 -10.89
CA PHE A 19 4.48 1.70 -10.80
C PHE A 19 4.11 3.18 -10.85
N VAL A 20 3.31 3.55 -11.84
CA VAL A 20 2.87 4.94 -12.00
C VAL A 20 1.65 5.23 -11.14
N VAL A 21 1.28 6.51 -11.06
CA VAL A 21 0.14 6.92 -10.26
C VAL A 21 -1.14 6.88 -11.09
N GLY A 22 -2.01 5.92 -10.78
CA GLY A 22 -3.27 5.79 -11.51
C GLY A 22 -3.35 4.49 -12.28
N GLU A 23 -2.74 3.44 -11.73
CA GLU A 23 -2.76 2.13 -12.37
C GLU A 23 -3.33 1.07 -11.45
N ARG A 24 -3.66 -0.09 -12.01
CA ARG A 24 -4.22 -1.19 -11.22
C ARG A 24 -3.16 -2.23 -10.91
N VAL A 25 -2.86 -2.41 -9.63
CA VAL A 25 -1.87 -3.38 -9.20
C VAL A 25 -2.44 -4.34 -8.15
N TRP A 26 -2.02 -5.60 -8.21
CA TRP A 26 -2.49 -6.60 -7.26
C TRP A 26 -1.60 -6.64 -6.02
N VAL A 27 -2.18 -6.29 -4.88
CA VAL A 27 -1.45 -6.29 -3.62
C VAL A 27 -1.38 -7.69 -3.02
N ASN A 28 -0.18 -8.26 -2.99
CA ASN A 28 0.03 -9.59 -2.45
C ASN A 28 -0.78 -10.62 -3.21
N GLY A 29 -1.00 -10.36 -4.50
CA GLY A 29 -1.77 -11.28 -5.32
C GLY A 29 -3.17 -11.51 -4.79
N VAL A 30 -3.76 -10.46 -4.21
CA VAL A 30 -5.10 -10.56 -3.65
C VAL A 30 -6.12 -9.90 -4.58
N LYS A 31 -6.02 -8.59 -4.72
CA LYS A 31 -6.93 -7.84 -5.57
C LYS A 31 -6.26 -6.59 -6.13
N PRO A 32 -6.71 -6.11 -7.30
CA PRO A 32 -6.14 -4.92 -7.94
C PRO A 32 -6.50 -3.64 -7.21
N GLY A 33 -5.54 -2.73 -7.12
CA GLY A 33 -5.76 -1.47 -6.43
C GLY A 33 -5.20 -0.29 -7.19
N VAL A 34 -5.85 0.87 -7.03
CA VAL A 34 -5.42 2.08 -7.72
C VAL A 34 -4.33 2.80 -6.92
N VAL A 35 -3.14 2.89 -7.51
CA VAL A 35 -2.02 3.55 -6.85
C VAL A 35 -2.19 5.07 -6.88
N GLN A 36 -2.09 5.70 -5.71
CA GLN A 36 -2.22 7.15 -5.61
C GLN A 36 -0.92 7.78 -5.12
N TYR A 37 -0.27 7.12 -4.17
CA TYR A 37 0.98 7.62 -3.61
C TYR A 37 2.12 6.63 -3.86
N LEU A 38 3.31 7.16 -4.13
CA LEU A 38 4.47 6.33 -4.38
C LEU A 38 5.74 6.98 -3.85
N GLY A 39 6.48 6.25 -3.01
CA GLY A 39 7.70 6.79 -2.44
C GLY A 39 7.90 6.36 -1.01
N GLU A 40 8.42 7.26 -0.19
CA GLU A 40 8.68 6.97 1.22
C GLU A 40 7.54 7.49 2.09
N THR A 41 6.98 6.60 2.92
CA THR A 41 5.89 6.96 3.81
C THR A 41 6.41 7.68 5.04
N GLN A 42 5.50 8.03 5.96
CA GLN A 42 5.87 8.72 7.18
C GLN A 42 5.68 7.81 8.39
N PHE A 43 4.69 6.92 8.32
CA PHE A 43 4.41 5.99 9.41
C PHE A 43 5.55 4.98 9.58
N ALA A 44 6.21 4.65 8.48
CA ALA A 44 7.32 3.70 8.50
C ALA A 44 8.35 4.04 7.43
N PRO A 45 9.63 3.74 7.70
CA PRO A 45 10.72 4.00 6.75
C PRO A 45 10.69 3.07 5.54
N GLY A 46 11.76 3.08 4.76
CA GLY A 46 11.83 2.23 3.59
C GLY A 46 10.91 2.68 2.48
N GLN A 47 11.03 2.05 1.32
CA GLN A 47 10.20 2.40 0.17
C GLN A 47 8.77 1.88 0.36
N TRP A 48 7.79 2.74 0.06
CA TRP A 48 6.39 2.36 0.19
C TRP A 48 5.61 2.79 -1.05
N ALA A 49 4.44 2.17 -1.25
CA ALA A 49 3.60 2.49 -2.38
C ALA A 49 2.12 2.47 -1.99
N GLY A 50 1.53 3.67 -1.90
CA GLY A 50 0.13 3.78 -1.53
C GLY A 50 -0.80 3.25 -2.61
N VAL A 51 -1.76 2.42 -2.21
CA VAL A 51 -2.71 1.84 -3.14
C VAL A 51 -4.13 1.90 -2.59
N VAL A 52 -5.09 2.22 -3.46
CA VAL A 52 -6.49 2.31 -3.06
C VAL A 52 -7.30 1.14 -3.59
N LEU A 53 -7.98 0.44 -2.69
CA LEU A 53 -8.80 -0.70 -3.07
C LEU A 53 -10.15 -0.26 -3.61
N ASP A 54 -10.73 -1.08 -4.47
CA ASP A 54 -12.03 -0.78 -5.07
C ASP A 54 -13.13 -0.81 -4.02
N ASP A 55 -12.97 -1.67 -3.02
CA ASP A 55 -13.95 -1.81 -1.95
C ASP A 55 -13.29 -1.66 -0.58
N PRO A 56 -14.09 -1.45 0.47
CA PRO A 56 -13.58 -1.29 1.84
C PRO A 56 -12.96 -2.58 2.37
N VAL A 57 -11.70 -2.82 2.03
CA VAL A 57 -10.99 -4.01 2.48
C VAL A 57 -9.49 -3.76 2.54
N GLY A 58 -9.11 -2.52 2.82
CA GLY A 58 -7.70 -2.18 2.90
C GLY A 58 -7.18 -2.21 4.33
N LYS A 59 -6.59 -1.09 4.76
CA LYS A 59 -6.05 -0.99 6.11
C LYS A 59 -6.27 0.40 6.67
N ASN A 60 -5.78 1.42 5.95
CA ASN A 60 -5.92 2.80 6.38
C ASN A 60 -6.97 3.53 5.54
N ASP A 61 -7.16 4.81 5.83
CA ASP A 61 -8.12 5.63 5.09
C ASP A 61 -7.46 6.86 4.49
N GLY A 62 -6.18 6.71 4.13
CA GLY A 62 -5.45 7.82 3.54
C GLY A 62 -4.62 8.57 4.57
N ALA A 63 -5.09 8.60 5.80
CA ALA A 63 -4.38 9.29 6.88
C ALA A 63 -3.84 8.29 7.91
N VAL A 64 -2.53 8.31 8.11
CA VAL A 64 -1.89 7.42 9.07
C VAL A 64 -1.03 8.19 10.06
N GLY A 65 -1.54 8.37 11.27
CA GLY A 65 -0.79 9.09 12.29
C GLY A 65 -0.82 10.59 12.07
N GLY A 66 -1.89 11.07 11.45
CA GLY A 66 -2.02 12.50 11.20
C GLY A 66 -1.58 12.88 9.79
N VAL A 67 -0.64 12.11 9.23
CA VAL A 67 -0.13 12.37 7.90
C VAL A 67 -1.12 11.88 6.83
N ARG A 68 -1.55 12.81 5.97
CA ARG A 68 -2.49 12.49 4.91
C ARG A 68 -1.78 12.43 3.56
N TYR A 69 -1.68 11.22 3.01
CA TYR A 69 -1.03 11.03 1.72
C TYR A 69 -1.99 11.31 0.57
N PHE A 70 -3.01 10.46 0.44
CA PHE A 70 -4.01 10.62 -0.61
C PHE A 70 -5.41 10.68 -0.03
N GLU A 71 -6.35 11.18 -0.83
CA GLU A 71 -7.73 11.30 -0.38
C GLU A 71 -8.60 10.20 -1.02
N CYS A 72 -9.19 9.37 -0.17
CA CYS A 72 -10.04 8.27 -0.63
C CYS A 72 -10.88 7.71 0.50
N PRO A 73 -11.88 6.87 0.18
CA PRO A 73 -12.77 6.28 1.18
C PRO A 73 -12.00 5.60 2.30
N ALA A 74 -12.70 5.26 3.38
CA ALA A 74 -12.08 4.60 4.52
C ALA A 74 -11.94 3.11 4.29
N LEU A 75 -10.96 2.50 4.96
CA LEU A 75 -10.72 1.06 4.82
C LEU A 75 -10.39 0.71 3.38
N GLN A 76 -9.78 1.65 2.66
CA GLN A 76 -9.42 1.44 1.27
C GLN A 76 -7.96 1.80 1.02
N GLY A 77 -7.54 2.92 1.60
CA GLY A 77 -6.16 3.38 1.44
C GLY A 77 -5.17 2.45 2.11
N ILE A 78 -4.91 1.30 1.50
CA ILE A 78 -3.98 0.33 2.05
C ILE A 78 -2.55 0.63 1.59
N PHE A 79 -1.61 0.51 2.51
CA PHE A 79 -0.20 0.77 2.20
C PHE A 79 0.60 -0.52 2.19
N THR A 80 1.52 -0.64 1.23
CA THR A 80 2.36 -1.83 1.10
C THR A 80 3.61 -1.52 0.29
N ARG A 81 4.56 -2.46 0.32
CA ARG A 81 5.81 -2.29 -0.42
C ARG A 81 5.57 -2.38 -1.93
N PRO A 82 6.29 -1.57 -2.73
CA PRO A 82 6.14 -1.57 -4.19
C PRO A 82 6.28 -2.96 -4.78
N SER A 83 7.27 -3.70 -4.31
CA SER A 83 7.52 -5.06 -4.79
C SER A 83 6.30 -5.95 -4.57
N LYS A 84 5.59 -5.70 -3.47
CA LYS A 84 4.40 -6.48 -3.14
C LYS A 84 3.33 -6.33 -4.21
N LEU A 85 3.31 -5.18 -4.87
CA LEU A 85 2.34 -4.90 -5.92
C LEU A 85 2.73 -5.61 -7.22
N THR A 86 1.74 -5.93 -8.04
CA THR A 86 1.99 -6.60 -9.31
C THR A 86 0.95 -6.19 -10.35
N ARG A 87 1.28 -6.41 -11.62
CA ARG A 87 0.39 -6.06 -12.72
C ARG A 87 -0.40 -7.28 -13.19
N GLN A 88 -0.71 -8.18 -12.26
CA GLN A 88 -1.46 -9.39 -12.58
C GLN A 88 -1.75 -10.19 -11.32
N PRO A 89 -2.89 -10.90 -11.28
CA PRO A 89 -3.28 -11.72 -10.13
C PRO A 89 -2.43 -12.99 -10.00
N SER A 90 -1.62 -13.05 -8.94
CA SER A 90 -0.76 -14.20 -8.71
C SER A 90 -1.25 -15.00 -7.50
N GLY A 91 -0.52 -16.05 -7.17
CA GLY A 91 -0.89 -16.88 -6.03
C GLY A 91 -0.07 -18.16 -5.95
N PRO A 92 -0.15 -19.03 -6.98
CA PRO A 92 0.59 -20.29 -7.01
C PRO A 92 2.09 -20.08 -7.17
N SER A 93 2.46 -19.00 -7.86
CA SER A 93 3.87 -18.67 -8.07
C SER A 93 4.14 -17.20 -7.82
N SER A 94 5.32 -16.89 -7.29
CA SER A 94 5.69 -15.52 -7.00
C SER A 94 6.90 -15.10 -7.82
N GLY A 95 7.03 -15.67 -9.02
CA GLY A 95 8.15 -15.35 -9.89
C GLY A 95 7.71 -14.67 -11.17
N GLY A 1 4.77 -12.42 28.38
CA GLY A 1 3.50 -12.00 27.75
C GLY A 1 3.70 -11.57 26.30
N SER A 2 2.59 -11.45 25.57
CA SER A 2 2.64 -11.04 24.17
C SER A 2 2.92 -9.55 24.05
N SER A 3 3.12 -9.08 22.82
CA SER A 3 3.39 -7.67 22.57
C SER A 3 2.97 -7.28 21.16
N GLY A 4 2.80 -5.97 20.94
CA GLY A 4 2.40 -5.49 19.63
C GLY A 4 2.19 -3.99 19.60
N SER A 5 2.17 -3.41 18.40
CA SER A 5 1.98 -1.98 18.25
C SER A 5 0.74 -1.68 17.41
N SER A 6 0.18 -0.49 17.58
CA SER A 6 -1.00 -0.08 16.83
C SER A 6 -0.65 0.97 15.79
N GLY A 7 -0.73 0.59 14.52
CA GLY A 7 -0.41 1.51 13.44
C GLY A 7 0.90 1.19 12.77
N ALA A 8 1.97 1.79 13.26
CA ALA A 8 3.31 1.56 12.70
C ALA A 8 3.86 0.21 13.13
N ALA A 9 4.02 -0.69 12.17
CA ALA A 9 4.54 -2.03 12.45
C ALA A 9 5.20 -2.62 11.22
N GLU A 10 4.43 -2.84 10.17
CA GLU A 10 4.95 -3.40 8.93
C GLU A 10 6.04 -2.51 8.34
N VAL A 11 7.12 -3.14 7.89
CA VAL A 11 8.24 -2.41 7.31
C VAL A 11 8.09 -2.28 5.80
N GLY A 12 8.88 -1.41 5.20
CA GLY A 12 8.83 -1.22 3.75
C GLY A 12 10.02 -1.81 3.04
N ASP A 13 10.06 -1.66 1.72
CA ASP A 13 11.16 -2.18 0.92
C ASP A 13 11.93 -1.06 0.25
N ASP A 14 13.22 -1.25 0.06
CA ASP A 14 14.08 -0.26 -0.57
C ASP A 14 14.29 -0.57 -2.04
N PHE A 15 13.28 -1.15 -2.67
CA PHE A 15 13.36 -1.51 -4.08
C PHE A 15 12.66 -0.46 -4.96
N LEU A 16 11.40 -0.18 -4.63
CA LEU A 16 10.63 0.80 -5.39
C LEU A 16 10.45 0.36 -6.83
N GLY A 17 9.27 -0.19 -7.13
CA GLY A 17 9.00 -0.65 -8.48
C GLY A 17 8.84 0.50 -9.46
N ASP A 18 8.55 0.16 -10.72
CA ASP A 18 8.37 1.17 -11.75
C ASP A 18 6.89 1.45 -11.99
N PHE A 19 6.10 1.34 -10.93
CA PHE A 19 4.66 1.58 -11.03
C PHE A 19 4.38 3.08 -11.05
N VAL A 20 3.26 3.45 -11.67
CA VAL A 20 2.86 4.85 -11.77
C VAL A 20 1.56 5.11 -11.02
N VAL A 21 1.16 6.38 -10.94
CA VAL A 21 -0.06 6.76 -10.26
C VAL A 21 -1.26 6.69 -11.20
N GLY A 22 -2.35 6.10 -10.72
CA GLY A 22 -3.54 5.98 -11.53
C GLY A 22 -3.77 4.57 -12.04
N GLU A 23 -2.68 3.82 -12.18
CA GLU A 23 -2.75 2.45 -12.67
C GLU A 23 -3.28 1.51 -11.58
N ARG A 24 -3.54 0.26 -11.95
CA ARG A 24 -4.04 -0.72 -11.00
C ARG A 24 -3.00 -1.80 -10.72
N VAL A 25 -2.88 -2.19 -9.46
CA VAL A 25 -1.92 -3.21 -9.06
C VAL A 25 -2.55 -4.20 -8.09
N TRP A 26 -2.20 -5.48 -8.25
CA TRP A 26 -2.73 -6.52 -7.39
C TRP A 26 -1.85 -6.71 -6.15
N VAL A 27 -2.39 -6.34 -4.99
CA VAL A 27 -1.67 -6.46 -3.73
C VAL A 27 -1.68 -7.89 -3.22
N ASN A 28 -0.50 -8.50 -3.12
CA ASN A 28 -0.38 -9.86 -2.64
C ASN A 28 -1.16 -10.83 -3.54
N GLY A 29 -1.32 -10.46 -4.80
CA GLY A 29 -2.04 -11.30 -5.75
C GLY A 29 -3.45 -11.60 -5.29
N VAL A 30 -4.04 -10.66 -4.55
CA VAL A 30 -5.40 -10.82 -4.06
C VAL A 30 -6.39 -10.01 -4.89
N LYS A 31 -6.29 -8.69 -4.82
CA LYS A 31 -7.18 -7.81 -5.58
C LYS A 31 -6.44 -6.57 -6.06
N PRO A 32 -6.87 -5.99 -7.19
CA PRO A 32 -6.23 -4.79 -7.76
C PRO A 32 -6.51 -3.54 -6.93
N GLY A 33 -5.63 -2.55 -7.07
CA GLY A 33 -5.80 -1.31 -6.32
C GLY A 33 -5.25 -0.11 -7.07
N VAL A 34 -5.97 0.99 -7.00
CA VAL A 34 -5.55 2.22 -7.68
C VAL A 34 -4.40 2.90 -6.93
N VAL A 35 -3.24 2.95 -7.58
CA VAL A 35 -2.06 3.56 -6.99
C VAL A 35 -2.20 5.09 -6.93
N GLN A 36 -2.10 5.64 -5.73
CA GLN A 36 -2.22 7.09 -5.54
C GLN A 36 -0.89 7.69 -5.10
N TYR A 37 -0.30 7.09 -4.07
CA TYR A 37 0.97 7.56 -3.54
C TYR A 37 2.10 6.63 -3.92
N LEU A 38 3.30 7.18 -4.08
CA LEU A 38 4.47 6.40 -4.46
C LEU A 38 5.75 7.04 -3.93
N GLY A 39 6.26 6.53 -2.83
CA GLY A 39 7.47 7.07 -2.24
C GLY A 39 7.67 6.63 -0.80
N GLU A 40 8.38 7.45 -0.03
CA GLU A 40 8.63 7.14 1.37
C GLU A 40 7.43 7.51 2.24
N THR A 41 7.37 6.93 3.43
CA THR A 41 6.27 7.19 4.36
C THR A 41 6.79 7.87 5.63
N GLN A 42 5.88 8.13 6.57
CA GLN A 42 6.24 8.76 7.82
C GLN A 42 6.12 7.79 8.99
N PHE A 43 5.19 6.84 8.87
CA PHE A 43 4.97 5.85 9.92
C PHE A 43 6.16 4.89 10.01
N ALA A 44 6.65 4.46 8.87
CA ALA A 44 7.79 3.54 8.82
C ALA A 44 8.78 3.93 7.73
N PRO A 45 10.06 3.57 7.91
CA PRO A 45 11.11 3.90 6.93
C PRO A 45 10.98 3.10 5.65
N GLY A 46 12.02 3.14 4.81
CA GLY A 46 12.01 2.41 3.57
C GLY A 46 11.00 2.97 2.57
N GLN A 47 11.12 2.57 1.32
CA GLN A 47 10.22 3.04 0.28
C GLN A 47 8.86 2.34 0.37
N TRP A 48 7.79 3.11 0.17
CA TRP A 48 6.44 2.57 0.25
C TRP A 48 5.65 2.93 -1.00
N ALA A 49 4.40 2.47 -1.06
CA ALA A 49 3.54 2.74 -2.20
C ALA A 49 2.06 2.63 -1.81
N GLY A 50 1.39 3.78 -1.72
CA GLY A 50 -0.01 3.79 -1.37
C GLY A 50 -0.91 3.32 -2.49
N VAL A 51 -1.88 2.49 -2.15
CA VAL A 51 -2.81 1.95 -3.15
C VAL A 51 -4.24 1.99 -2.63
N VAL A 52 -5.19 2.21 -3.55
CA VAL A 52 -6.60 2.27 -3.18
C VAL A 52 -7.35 1.05 -3.70
N LEU A 53 -7.65 0.11 -2.80
CA LEU A 53 -8.37 -1.10 -3.17
C LEU A 53 -9.74 -0.78 -3.75
N ASP A 54 -10.13 -1.51 -4.79
CA ASP A 54 -11.41 -1.29 -5.44
C ASP A 54 -12.56 -1.49 -4.45
N ASP A 55 -12.35 -2.37 -3.48
CA ASP A 55 -13.37 -2.66 -2.47
C ASP A 55 -12.88 -2.25 -1.08
N PRO A 56 -13.81 -2.08 -0.13
CA PRO A 56 -13.48 -1.69 1.24
C PRO A 56 -12.81 -2.82 2.02
N VAL A 57 -11.64 -3.25 1.55
CA VAL A 57 -10.90 -4.31 2.20
C VAL A 57 -9.47 -3.88 2.50
N GLY A 58 -9.29 -2.60 2.75
CA GLY A 58 -7.96 -2.08 3.05
C GLY A 58 -7.71 -1.98 4.55
N LYS A 59 -7.02 -0.91 4.96
CA LYS A 59 -6.72 -0.71 6.37
C LYS A 59 -6.97 0.74 6.77
N ASN A 60 -6.20 1.66 6.19
CA ASN A 60 -6.33 3.08 6.49
C ASN A 60 -7.27 3.76 5.49
N ASP A 61 -7.49 5.06 5.68
CA ASP A 61 -8.37 5.82 4.80
C ASP A 61 -7.60 6.96 4.12
N GLY A 62 -6.32 6.71 3.85
CA GLY A 62 -5.49 7.73 3.21
C GLY A 62 -4.84 8.66 4.21
N ALA A 63 -4.60 8.16 5.41
CA ALA A 63 -3.97 8.95 6.47
C ALA A 63 -3.38 8.06 7.55
N VAL A 64 -2.10 8.28 7.86
CA VAL A 64 -1.42 7.49 8.87
C VAL A 64 -0.66 8.39 9.84
N GLY A 65 -1.09 8.41 11.10
CA GLY A 65 -0.44 9.24 12.10
C GLY A 65 -0.66 10.71 11.85
N GLY A 66 -1.78 11.06 11.23
CA GLY A 66 -2.07 12.45 10.94
C GLY A 66 -1.67 12.86 9.54
N VAL A 67 -0.66 12.20 9.01
CA VAL A 67 -0.17 12.51 7.66
C VAL A 67 -1.07 11.88 6.60
N ARG A 68 -1.51 12.71 5.66
CA ARG A 68 -2.39 12.24 4.59
C ARG A 68 -1.59 11.95 3.32
N TYR A 69 -1.86 10.80 2.71
CA TYR A 69 -1.16 10.41 1.48
C TYR A 69 -2.04 10.60 0.27
N PHE A 70 -3.28 10.12 0.35
CA PHE A 70 -4.23 10.24 -0.76
C PHE A 70 -5.67 10.30 -0.23
N GLU A 71 -6.47 11.18 -0.83
CA GLU A 71 -7.86 11.33 -0.43
C GLU A 71 -8.75 10.27 -1.09
N CYS A 72 -9.18 9.30 -0.31
CA CYS A 72 -10.03 8.24 -0.82
C CYS A 72 -10.99 7.74 0.26
N PRO A 73 -12.02 6.97 -0.14
CA PRO A 73 -13.02 6.44 0.80
C PRO A 73 -12.37 5.69 1.97
N ALA A 74 -13.17 5.41 2.99
CA ALA A 74 -12.67 4.70 4.17
C ALA A 74 -12.42 3.23 3.86
N LEU A 75 -11.45 2.64 4.55
CA LEU A 75 -11.11 1.24 4.35
C LEU A 75 -10.65 0.99 2.92
N GLN A 76 -10.03 1.99 2.32
CA GLN A 76 -9.53 1.88 0.95
C GLN A 76 -8.17 2.53 0.81
N GLY A 77 -7.41 2.56 1.90
CA GLY A 77 -6.09 3.17 1.87
C GLY A 77 -5.03 2.25 2.46
N ILE A 78 -4.92 1.04 1.92
CA ILE A 78 -3.95 0.08 2.40
C ILE A 78 -2.54 0.45 1.96
N PHE A 79 -1.57 0.25 2.85
CA PHE A 79 -0.18 0.55 2.55
C PHE A 79 0.66 -0.71 2.49
N THR A 80 1.30 -0.95 1.34
CA THR A 80 2.13 -2.13 1.16
C THR A 80 3.39 -1.78 0.37
N ARG A 81 4.33 -2.73 0.31
CA ARG A 81 5.57 -2.52 -0.41
C ARG A 81 5.36 -2.64 -1.91
N PRO A 82 6.00 -1.76 -2.71
CA PRO A 82 5.86 -1.78 -4.17
C PRO A 82 6.16 -3.15 -4.76
N SER A 83 7.21 -3.79 -4.26
CA SER A 83 7.60 -5.11 -4.74
C SER A 83 6.47 -6.12 -4.57
N LYS A 84 5.71 -5.97 -3.49
CA LYS A 84 4.59 -6.87 -3.22
C LYS A 84 3.49 -6.69 -4.26
N LEU A 85 3.37 -5.48 -4.80
CA LEU A 85 2.35 -5.20 -5.81
C LEU A 85 2.68 -5.90 -7.13
N THR A 86 1.64 -6.18 -7.91
CA THR A 86 1.82 -6.84 -9.19
C THR A 86 0.88 -6.26 -10.24
N ARG A 87 1.17 -6.54 -11.51
CA ARG A 87 0.35 -6.04 -12.61
C ARG A 87 -0.54 -7.14 -13.16
N GLN A 88 -0.92 -8.09 -12.30
CA GLN A 88 -1.77 -9.18 -12.71
C GLN A 88 -2.05 -10.12 -11.54
N PRO A 89 -3.24 -10.75 -11.51
CA PRO A 89 -3.62 -11.68 -10.44
C PRO A 89 -2.84 -12.98 -10.49
N SER A 90 -1.94 -13.17 -9.53
CA SER A 90 -1.13 -14.38 -9.47
C SER A 90 -1.82 -15.46 -8.64
N GLY A 91 -2.05 -15.17 -7.37
CA GLY A 91 -2.71 -16.13 -6.49
C GLY A 91 -1.83 -17.33 -6.18
N PRO A 92 -2.43 -18.50 -5.96
CA PRO A 92 -1.68 -19.73 -5.65
C PRO A 92 -0.87 -20.23 -6.85
N SER A 93 0.42 -19.90 -6.87
CA SER A 93 1.29 -20.32 -7.96
C SER A 93 2.75 -20.30 -7.52
N SER A 94 3.46 -21.39 -7.77
CA SER A 94 4.86 -21.49 -7.40
C SER A 94 5.70 -21.98 -8.57
N GLY A 95 6.94 -21.49 -8.66
CA GLY A 95 7.81 -21.88 -9.75
C GLY A 95 8.28 -23.32 -9.62
N GLY A 1 -6.37 -12.78 20.44
CA GLY A 1 -4.91 -12.83 20.23
C GLY A 1 -4.38 -11.62 19.47
N SER A 2 -3.51 -11.86 18.50
CA SER A 2 -2.93 -10.78 17.71
C SER A 2 -3.16 -11.03 16.22
N SER A 3 -3.18 -9.95 15.44
CA SER A 3 -3.38 -10.05 14.00
C SER A 3 -2.04 -10.10 13.27
N GLY A 4 -1.11 -9.24 13.68
CA GLY A 4 0.19 -9.23 13.04
C GLY A 4 1.06 -8.08 13.55
N SER A 5 0.60 -6.85 13.36
CA SER A 5 1.34 -5.68 13.79
C SER A 5 0.53 -4.41 13.57
N SER A 6 0.69 -3.43 14.45
CA SER A 6 -0.02 -2.17 14.34
C SER A 6 0.61 -1.28 13.27
N GLY A 7 -0.18 -0.34 12.75
CA GLY A 7 0.31 0.56 11.73
C GLY A 7 1.24 1.63 12.29
N ALA A 8 2.47 1.22 12.62
CA ALA A 8 3.45 2.15 13.17
C ALA A 8 4.85 1.53 13.18
N ALA A 9 4.93 0.26 13.57
CA ALA A 9 6.20 -0.45 13.62
C ALA A 9 6.39 -1.32 12.39
N GLU A 10 5.84 -0.87 11.27
CA GLU A 10 5.95 -1.61 10.02
C GLU A 10 6.85 -0.88 9.02
N VAL A 11 7.92 -1.55 8.60
CA VAL A 11 8.86 -0.95 7.66
C VAL A 11 8.54 -1.37 6.23
N GLY A 12 9.12 -0.67 5.26
CA GLY A 12 8.89 -0.97 3.87
C GLY A 12 10.10 -1.60 3.20
N ASP A 13 9.98 -1.88 1.91
CA ASP A 13 11.09 -2.47 1.15
C ASP A 13 12.03 -1.39 0.63
N ASP A 14 13.23 -1.81 0.26
CA ASP A 14 14.23 -0.88 -0.26
C ASP A 14 14.42 -1.06 -1.77
N PHE A 15 13.30 -1.27 -2.47
CA PHE A 15 13.34 -1.46 -3.91
C PHE A 15 11.96 -1.25 -4.52
N LEU A 16 11.80 -0.14 -5.25
CA LEU A 16 10.52 0.18 -5.89
C LEU A 16 10.18 -0.86 -6.95
N GLY A 17 9.07 -0.64 -7.65
CA GLY A 17 8.65 -1.56 -8.69
C GLY A 17 8.36 -0.87 -10.00
N ASP A 18 8.91 0.32 -10.18
CA ASP A 18 8.71 1.09 -11.40
C ASP A 18 7.22 1.30 -11.68
N PHE A 19 6.44 1.39 -10.61
CA PHE A 19 5.00 1.60 -10.73
C PHE A 19 4.68 3.09 -10.90
N VAL A 20 3.48 3.37 -11.39
CA VAL A 20 3.04 4.74 -11.61
C VAL A 20 1.74 5.03 -10.87
N VAL A 21 1.25 6.26 -11.01
CA VAL A 21 0.01 6.66 -10.35
C VAL A 21 -1.15 6.66 -11.33
N GLY A 22 -2.17 5.87 -11.03
CA GLY A 22 -3.34 5.78 -11.89
C GLY A 22 -3.46 4.43 -12.57
N GLU A 23 -2.98 3.39 -11.90
CA GLU A 23 -3.04 2.04 -12.44
C GLU A 23 -3.50 1.05 -11.37
N ARG A 24 -4.14 -0.04 -11.81
CA ARG A 24 -4.62 -1.06 -10.90
C ARG A 24 -3.56 -2.12 -10.65
N VAL A 25 -2.92 -2.05 -9.49
CA VAL A 25 -1.88 -3.01 -9.13
C VAL A 25 -2.38 -4.01 -8.10
N TRP A 26 -2.00 -5.27 -8.28
CA TRP A 26 -2.41 -6.32 -7.36
C TRP A 26 -1.59 -6.28 -6.08
N VAL A 27 -2.25 -6.05 -4.95
CA VAL A 27 -1.58 -5.99 -3.66
C VAL A 27 -1.35 -7.38 -3.09
N ASN A 28 -0.10 -7.83 -3.14
CA ASN A 28 0.25 -9.15 -2.63
C ASN A 28 -0.52 -10.25 -3.36
N GLY A 29 -0.79 -10.03 -4.64
CA GLY A 29 -1.52 -11.00 -5.43
C GLY A 29 -2.90 -11.28 -4.86
N VAL A 30 -3.47 -10.31 -4.16
CA VAL A 30 -4.78 -10.46 -3.57
C VAL A 30 -5.86 -9.81 -4.44
N LYS A 31 -5.70 -8.51 -4.70
CA LYS A 31 -6.65 -7.77 -5.51
C LYS A 31 -6.03 -6.49 -6.06
N PRO A 32 -6.44 -6.05 -7.26
CA PRO A 32 -5.92 -4.84 -7.88
C PRO A 32 -6.39 -3.57 -7.17
N GLY A 33 -5.55 -2.54 -7.20
CA GLY A 33 -5.90 -1.28 -6.56
C GLY A 33 -5.29 -0.08 -7.26
N VAL A 34 -5.98 1.05 -7.19
CA VAL A 34 -5.50 2.28 -7.82
C VAL A 34 -4.34 2.88 -7.03
N VAL A 35 -3.22 3.06 -7.70
CA VAL A 35 -2.04 3.64 -7.06
C VAL A 35 -2.15 5.16 -6.95
N GLN A 36 -1.99 5.67 -5.74
CA GLN A 36 -2.09 7.10 -5.50
C GLN A 36 -0.77 7.65 -4.98
N TYR A 37 -0.12 6.90 -4.10
CA TYR A 37 1.16 7.31 -3.52
C TYR A 37 2.28 6.37 -3.96
N LEU A 38 3.46 6.93 -4.18
CA LEU A 38 4.61 6.13 -4.60
C LEU A 38 5.92 6.80 -4.16
N GLY A 39 6.68 6.11 -3.32
CA GLY A 39 7.93 6.65 -2.85
C GLY A 39 8.27 6.16 -1.45
N GLU A 40 7.86 6.93 -0.44
CA GLU A 40 8.12 6.57 0.95
C GLU A 40 7.03 7.12 1.87
N THR A 41 7.05 6.67 3.12
CA THR A 41 6.07 7.10 4.10
C THR A 41 6.73 7.87 5.24
N GLN A 42 5.92 8.29 6.21
CA GLN A 42 6.44 9.04 7.35
C GLN A 42 6.37 8.20 8.62
N PHE A 43 5.35 7.36 8.72
CA PHE A 43 5.18 6.50 9.88
C PHE A 43 6.37 5.55 10.04
N ALA A 44 6.96 5.17 8.92
CA ALA A 44 8.11 4.26 8.93
C ALA A 44 8.97 4.45 7.69
N PRO A 45 10.28 4.19 7.81
CA PRO A 45 11.22 4.33 6.70
C PRO A 45 11.01 3.28 5.62
N GLY A 46 11.86 3.30 4.59
CA GLY A 46 11.75 2.34 3.51
C GLY A 46 10.76 2.78 2.45
N GLN A 47 10.80 2.11 1.30
CA GLN A 47 9.90 2.43 0.20
C GLN A 47 8.48 1.95 0.48
N TRP A 48 7.50 2.78 0.12
CA TRP A 48 6.10 2.43 0.34
C TRP A 48 5.26 2.78 -0.88
N ALA A 49 4.02 2.28 -0.92
CA ALA A 49 3.12 2.53 -2.02
C ALA A 49 1.68 2.66 -1.54
N GLY A 50 1.07 3.82 -1.82
CA GLY A 50 -0.30 4.04 -1.40
C GLY A 50 -1.30 3.59 -2.44
N VAL A 51 -1.72 2.33 -2.34
CA VAL A 51 -2.68 1.76 -3.28
C VAL A 51 -4.09 1.83 -2.71
N VAL A 52 -5.07 2.04 -3.59
CA VAL A 52 -6.47 2.12 -3.18
C VAL A 52 -7.27 0.94 -3.71
N LEU A 53 -7.76 0.11 -2.80
CA LEU A 53 -8.54 -1.07 -3.17
C LEU A 53 -9.97 -0.67 -3.55
N ASP A 54 -10.46 -1.24 -4.64
CA ASP A 54 -11.81 -0.95 -5.11
C ASP A 54 -12.85 -1.38 -4.09
N ASP A 55 -12.53 -2.45 -3.35
CA ASP A 55 -13.44 -2.96 -2.32
C ASP A 55 -12.95 -2.61 -0.93
N PRO A 56 -13.87 -2.52 0.06
CA PRO A 56 -13.52 -2.19 1.43
C PRO A 56 -12.73 -3.30 2.12
N VAL A 57 -11.54 -3.58 1.60
CA VAL A 57 -10.68 -4.62 2.16
C VAL A 57 -9.26 -4.11 2.38
N GLY A 58 -9.14 -2.82 2.66
CA GLY A 58 -7.83 -2.23 2.90
C GLY A 58 -7.47 -2.19 4.36
N LYS A 59 -6.74 -1.15 4.77
CA LYS A 59 -6.33 -1.00 6.16
C LYS A 59 -6.60 0.42 6.66
N ASN A 60 -6.09 1.41 5.94
CA ASN A 60 -6.27 2.80 6.30
C ASN A 60 -7.25 3.49 5.36
N ASP A 61 -7.36 4.81 5.48
CA ASP A 61 -8.26 5.58 4.63
C ASP A 61 -7.54 6.78 4.02
N GLY A 62 -6.24 6.62 3.79
CA GLY A 62 -5.45 7.70 3.21
C GLY A 62 -4.57 8.38 4.23
N ALA A 63 -5.00 8.37 5.48
CA ALA A 63 -4.23 9.00 6.56
C ALA A 63 -3.62 7.95 7.48
N VAL A 64 -2.33 8.08 7.75
CA VAL A 64 -1.63 7.14 8.62
C VAL A 64 -0.87 7.88 9.72
N GLY A 65 -1.28 7.66 10.97
CA GLY A 65 -0.63 8.31 12.09
C GLY A 65 -1.00 9.78 12.20
N GLY A 66 -0.16 10.64 11.64
CA GLY A 66 -0.42 12.08 11.69
C GLY A 66 -0.07 12.77 10.40
N VAL A 67 -0.12 12.04 9.29
CA VAL A 67 0.21 12.60 7.98
C VAL A 67 -0.71 12.05 6.91
N ARG A 68 -1.32 12.94 6.13
CA ARG A 68 -2.23 12.54 5.06
C ARG A 68 -1.47 12.33 3.76
N TYR A 69 -1.90 11.35 2.98
CA TYR A 69 -1.25 11.05 1.70
C TYR A 69 -2.23 11.26 0.54
N PHE A 70 -3.25 10.42 0.46
CA PHE A 70 -4.24 10.52 -0.60
C PHE A 70 -5.66 10.50 -0.02
N GLU A 71 -6.60 11.06 -0.78
CA GLU A 71 -7.99 11.10 -0.34
C GLU A 71 -8.81 10.01 -1.02
N CYS A 72 -9.28 9.05 -0.23
CA CYS A 72 -10.08 7.95 -0.76
C CYS A 72 -11.00 7.38 0.32
N PRO A 73 -11.98 6.55 -0.08
CA PRO A 73 -12.93 5.94 0.87
C PRO A 73 -12.22 5.24 2.02
N ALA A 74 -13.00 4.85 3.03
CA ALA A 74 -12.46 4.17 4.20
C ALA A 74 -12.25 2.69 3.92
N LEU A 75 -11.28 2.09 4.62
CA LEU A 75 -10.98 0.68 4.45
C LEU A 75 -10.56 0.37 3.01
N GLN A 76 -9.99 1.38 2.35
CA GLN A 76 -9.55 1.21 0.96
C GLN A 76 -8.11 1.66 0.80
N GLY A 77 -7.76 2.76 1.43
CA GLY A 77 -6.40 3.28 1.34
C GLY A 77 -5.41 2.43 2.12
N ILE A 78 -5.00 1.32 1.52
CA ILE A 78 -4.05 0.42 2.16
C ILE A 78 -2.61 0.80 1.81
N PHE A 79 -1.69 0.51 2.71
CA PHE A 79 -0.27 0.81 2.49
C PHE A 79 0.56 -0.46 2.48
N THR A 80 1.45 -0.57 1.49
CA THR A 80 2.32 -1.73 1.36
C THR A 80 3.56 -1.40 0.56
N ARG A 81 4.50 -2.33 0.49
CA ARG A 81 5.74 -2.14 -0.24
C ARG A 81 5.50 -2.28 -1.75
N PRO A 82 6.20 -1.46 -2.56
CA PRO A 82 6.06 -1.51 -4.02
C PRO A 82 6.28 -2.90 -4.59
N SER A 83 7.28 -3.59 -4.06
CA SER A 83 7.60 -4.94 -4.51
C SER A 83 6.40 -5.88 -4.32
N LYS A 84 5.63 -5.63 -3.27
CA LYS A 84 4.46 -6.45 -2.98
C LYS A 84 3.41 -6.31 -4.08
N LEU A 85 3.35 -5.15 -4.70
CA LEU A 85 2.40 -4.90 -5.77
C LEU A 85 2.83 -5.59 -7.06
N THR A 86 1.84 -6.01 -7.85
CA THR A 86 2.12 -6.68 -9.11
C THR A 86 1.15 -6.24 -10.20
N ARG A 87 1.50 -6.50 -11.45
CA ARG A 87 0.67 -6.12 -12.58
C ARG A 87 -0.08 -7.34 -13.13
N GLN A 88 -0.38 -8.29 -12.25
CA GLN A 88 -1.10 -9.49 -12.65
C GLN A 88 -1.40 -10.37 -11.44
N PRO A 89 -2.51 -11.13 -11.49
CA PRO A 89 -2.90 -12.02 -10.39
C PRO A 89 -1.98 -13.22 -10.25
N SER A 90 -1.74 -13.65 -9.02
CA SER A 90 -0.87 -14.79 -8.76
C SER A 90 -1.66 -15.93 -8.12
N GLY A 91 -1.42 -17.15 -8.61
CA GLY A 91 -2.12 -18.31 -8.07
C GLY A 91 -1.24 -19.55 -8.06
N PRO A 92 -1.54 -20.50 -7.17
CA PRO A 92 -0.75 -21.75 -7.06
C PRO A 92 -0.98 -22.67 -8.26
N SER A 93 -0.42 -23.87 -8.19
CA SER A 93 -0.55 -24.85 -9.26
C SER A 93 -1.49 -25.97 -8.86
N SER A 94 -2.58 -26.13 -9.62
CA SER A 94 -3.56 -27.16 -9.34
C SER A 94 -3.01 -28.54 -9.69
N GLY A 95 -2.66 -29.32 -8.67
CA GLY A 95 -2.12 -30.65 -8.90
C GLY A 95 -2.26 -31.54 -7.69
N GLY A 1 14.97 7.25 23.36
CA GLY A 1 14.74 6.40 24.56
C GLY A 1 14.32 4.99 24.21
N SER A 2 13.01 4.78 24.06
CA SER A 2 12.48 3.47 23.72
C SER A 2 11.28 3.60 22.78
N SER A 3 10.24 4.27 23.23
CA SER A 3 9.04 4.46 22.43
C SER A 3 8.95 5.90 21.91
N GLY A 4 7.96 6.16 21.06
CA GLY A 4 7.79 7.49 20.52
C GLY A 4 8.55 7.68 19.22
N SER A 5 8.51 6.68 18.36
CA SER A 5 9.20 6.73 17.08
C SER A 5 8.25 6.38 15.94
N SER A 6 8.81 6.28 14.73
CA SER A 6 8.01 5.94 13.55
C SER A 6 7.75 4.44 13.48
N GLY A 7 6.48 4.06 13.57
CA GLY A 7 6.13 2.66 13.52
C GLY A 7 4.70 2.44 13.01
N ALA A 8 4.31 1.18 12.92
CA ALA A 8 2.96 0.84 12.45
C ALA A 8 2.70 -0.66 12.57
N ALA A 9 3.53 -1.45 11.89
CA ALA A 9 3.39 -2.91 11.92
C ALA A 9 4.57 -3.58 11.24
N GLU A 10 4.99 -3.03 10.11
CA GLU A 10 6.11 -3.58 9.36
C GLU A 10 6.81 -2.49 8.55
N VAL A 11 7.96 -2.84 7.97
CA VAL A 11 8.73 -1.90 7.17
C VAL A 11 8.44 -2.06 5.69
N GLY A 12 9.09 -1.24 4.87
CA GLY A 12 8.89 -1.31 3.43
C GLY A 12 10.13 -1.77 2.70
N ASP A 13 9.99 -2.00 1.39
CA ASP A 13 11.11 -2.44 0.57
C ASP A 13 12.08 -1.29 0.29
N ASP A 14 13.26 -1.62 -0.22
CA ASP A 14 14.26 -0.61 -0.53
C ASP A 14 14.51 -0.54 -2.04
N PHE A 15 13.44 -0.65 -2.81
CA PHE A 15 13.54 -0.60 -4.27
C PHE A 15 12.16 -0.43 -4.91
N LEU A 16 11.95 0.73 -5.52
CA LEU A 16 10.68 1.01 -6.17
C LEU A 16 10.55 0.26 -7.49
N GLY A 17 9.41 -0.40 -7.68
CA GLY A 17 9.19 -1.16 -8.89
C GLY A 17 9.00 -0.26 -10.10
N ASP A 18 8.51 -0.84 -11.19
CA ASP A 18 8.29 -0.09 -12.42
C ASP A 18 6.82 0.28 -12.57
N PHE A 19 6.17 0.58 -11.45
CA PHE A 19 4.76 0.95 -11.45
C PHE A 19 4.59 2.44 -11.68
N VAL A 20 3.34 2.90 -11.71
CA VAL A 20 3.05 4.31 -11.91
C VAL A 20 1.84 4.75 -11.07
N VAL A 21 1.49 6.02 -11.18
CA VAL A 21 0.36 6.56 -10.43
C VAL A 21 -0.88 6.67 -11.32
N GLY A 22 -1.93 5.95 -10.94
CA GLY A 22 -3.16 5.98 -11.71
C GLY A 22 -3.42 4.68 -12.46
N GLU A 23 -2.98 3.57 -11.86
CA GLU A 23 -3.17 2.27 -12.46
C GLU A 23 -3.64 1.25 -11.43
N ARG A 24 -4.03 0.06 -11.90
CA ARG A 24 -4.50 -0.99 -11.00
C ARG A 24 -3.39 -2.01 -10.74
N VAL A 25 -2.98 -2.11 -9.47
CA VAL A 25 -1.92 -3.04 -9.09
C VAL A 25 -2.45 -4.07 -8.09
N TRP A 26 -2.13 -5.34 -8.33
CA TRP A 26 -2.57 -6.42 -7.46
C TRP A 26 -1.63 -6.56 -6.26
N VAL A 27 -2.09 -6.13 -5.09
CA VAL A 27 -1.29 -6.21 -3.88
C VAL A 27 -1.09 -7.66 -3.45
N ASN A 28 0.14 -8.15 -3.57
CA ASN A 28 0.45 -9.53 -3.19
C ASN A 28 -0.36 -10.51 -4.00
N GLY A 29 -0.70 -10.14 -5.23
CA GLY A 29 -1.49 -11.00 -6.09
C GLY A 29 -2.83 -11.38 -5.48
N VAL A 30 -3.42 -10.44 -4.75
CA VAL A 30 -4.71 -10.67 -4.11
C VAL A 30 -5.82 -9.91 -4.82
N LYS A 31 -5.77 -8.58 -4.74
CA LYS A 31 -6.77 -7.74 -5.38
C LYS A 31 -6.12 -6.47 -5.96
N PRO A 32 -6.66 -5.97 -7.08
CA PRO A 32 -6.12 -4.77 -7.73
C PRO A 32 -6.49 -3.50 -6.97
N GLY A 33 -5.60 -2.51 -7.04
CA GLY A 33 -5.84 -1.25 -6.35
C GLY A 33 -5.29 -0.05 -7.10
N VAL A 34 -5.91 1.10 -6.92
CA VAL A 34 -5.48 2.32 -7.59
C VAL A 34 -4.35 2.99 -6.83
N VAL A 35 -3.16 2.98 -7.41
CA VAL A 35 -1.99 3.60 -6.78
C VAL A 35 -2.10 5.12 -6.80
N GLN A 36 -1.76 5.74 -5.68
CA GLN A 36 -1.82 7.20 -5.56
C GLN A 36 -0.47 7.76 -5.12
N TYR A 37 0.08 7.17 -4.06
CA TYR A 37 1.37 7.62 -3.53
C TYR A 37 2.46 6.60 -3.83
N LEU A 38 3.66 7.09 -4.10
CA LEU A 38 4.80 6.22 -4.41
C LEU A 38 6.09 6.80 -3.84
N GLY A 39 6.53 6.27 -2.70
CA GLY A 39 7.75 6.74 -2.09
C GLY A 39 7.87 6.30 -0.64
N GLU A 40 8.77 6.94 0.09
CA GLU A 40 8.99 6.61 1.50
C GLU A 40 7.88 7.19 2.37
N THR A 41 7.19 6.33 3.10
CA THR A 41 6.11 6.76 3.98
C THR A 41 6.65 7.50 5.19
N GLN A 42 5.75 7.90 6.08
CA GLN A 42 6.14 8.63 7.28
C GLN A 42 5.98 7.75 8.53
N PHE A 43 5.02 6.83 8.47
CA PHE A 43 4.77 5.93 9.59
C PHE A 43 5.92 4.94 9.77
N ALA A 44 6.47 4.48 8.66
CA ALA A 44 7.58 3.53 8.69
C ALA A 44 8.63 3.88 7.64
N PRO A 45 9.89 3.48 7.88
CA PRO A 45 10.99 3.75 6.95
C PRO A 45 10.88 2.93 5.66
N GLY A 46 11.96 2.93 4.88
CA GLY A 46 11.96 2.18 3.64
C GLY A 46 10.97 2.74 2.63
N GLN A 47 11.10 2.30 1.38
CA GLN A 47 10.21 2.76 0.32
C GLN A 47 8.83 2.13 0.45
N TRP A 48 7.80 2.88 0.05
CA TRP A 48 6.43 2.39 0.13
C TRP A 48 5.63 2.82 -1.09
N ALA A 49 4.42 2.28 -1.22
CA ALA A 49 3.55 2.60 -2.35
C ALA A 49 2.08 2.53 -1.94
N GLY A 50 1.49 3.69 -1.69
CA GLY A 50 0.09 3.73 -1.30
C GLY A 50 -0.83 3.28 -2.40
N VAL A 51 -1.81 2.45 -2.05
CA VAL A 51 -2.77 1.94 -3.02
C VAL A 51 -4.20 2.07 -2.51
N VAL A 52 -5.16 2.08 -3.43
CA VAL A 52 -6.56 2.20 -3.07
C VAL A 52 -7.37 1.00 -3.56
N LEU A 53 -7.77 0.14 -2.62
CA LEU A 53 -8.54 -1.05 -2.95
C LEU A 53 -9.97 -0.67 -3.36
N ASP A 54 -10.50 -1.38 -4.35
CA ASP A 54 -11.85 -1.12 -4.83
C ASP A 54 -12.87 -1.38 -3.73
N ASP A 55 -12.57 -2.35 -2.87
CA ASP A 55 -13.47 -2.70 -1.76
C ASP A 55 -12.88 -2.25 -0.42
N PRO A 56 -13.74 -2.02 0.58
CA PRO A 56 -13.32 -1.59 1.91
C PRO A 56 -12.61 -2.71 2.68
N VAL A 57 -11.49 -3.17 2.15
CA VAL A 57 -10.72 -4.23 2.79
C VAL A 57 -9.24 -3.86 2.91
N GLY A 58 -8.99 -2.55 3.05
CA GLY A 58 -7.62 -2.09 3.18
C GLY A 58 -7.15 -2.06 4.63
N LYS A 59 -6.69 -0.89 5.07
CA LYS A 59 -6.22 -0.73 6.44
C LYS A 59 -6.39 0.71 6.92
N ASN A 60 -5.82 1.64 6.17
CA ASN A 60 -5.91 3.06 6.52
C ASN A 60 -7.00 3.74 5.71
N ASP A 61 -7.24 5.02 6.00
CA ASP A 61 -8.25 5.79 5.31
C ASP A 61 -7.65 7.04 4.67
N GLY A 62 -6.41 6.91 4.19
CA GLY A 62 -5.74 8.04 3.56
C GLY A 62 -4.83 8.77 4.52
N ALA A 63 -5.19 8.77 5.80
CA ALA A 63 -4.38 9.45 6.81
C ALA A 63 -3.81 8.45 7.82
N VAL A 64 -2.51 8.56 8.08
CA VAL A 64 -1.84 7.66 9.01
C VAL A 64 -1.06 8.44 10.06
N GLY A 65 -1.62 8.52 11.26
CA GLY A 65 -0.97 9.25 12.34
C GLY A 65 -0.89 10.74 12.07
N GLY A 66 -1.89 11.26 11.36
CA GLY A 66 -1.92 12.68 11.05
C GLY A 66 -1.17 13.01 9.78
N VAL A 67 -1.13 12.05 8.85
CA VAL A 67 -0.44 12.25 7.59
C VAL A 67 -1.28 11.76 6.41
N ARG A 68 -1.88 12.68 5.69
CA ARG A 68 -2.71 12.34 4.54
C ARG A 68 -1.87 12.20 3.28
N TYR A 69 -2.08 11.09 2.56
CA TYR A 69 -1.33 10.82 1.34
C TYR A 69 -2.22 11.06 0.11
N PHE A 70 -3.40 10.48 0.12
CA PHE A 70 -4.33 10.62 -1.00
C PHE A 70 -5.77 10.63 -0.50
N GLU A 71 -6.57 11.55 -1.03
CA GLU A 71 -7.97 11.67 -0.64
C GLU A 71 -8.79 10.52 -1.22
N CYS A 72 -9.21 9.60 -0.36
CA CYS A 72 -10.01 8.46 -0.78
C CYS A 72 -10.83 7.91 0.38
N PRO A 73 -11.85 7.08 0.09
CA PRO A 73 -12.72 6.49 1.11
C PRO A 73 -11.92 5.78 2.21
N ALA A 74 -12.57 5.53 3.33
CA ALA A 74 -11.92 4.86 4.45
C ALA A 74 -11.85 3.35 4.23
N LEU A 75 -10.88 2.71 4.89
CA LEU A 75 -10.70 1.27 4.75
C LEU A 75 -10.40 0.88 3.30
N GLN A 76 -9.81 1.81 2.56
CA GLN A 76 -9.49 1.57 1.16
C GLN A 76 -8.02 1.88 0.88
N GLY A 77 -7.54 2.99 1.44
CA GLY A 77 -6.16 3.39 1.24
C GLY A 77 -5.18 2.47 1.96
N ILE A 78 -4.93 1.30 1.38
CA ILE A 78 -4.02 0.33 1.97
C ILE A 78 -2.58 0.61 1.53
N PHE A 79 -1.63 0.30 2.42
CA PHE A 79 -0.22 0.52 2.13
C PHE A 79 0.52 -0.82 2.04
N THR A 80 1.41 -0.93 1.06
CA THR A 80 2.18 -2.15 0.86
C THR A 80 3.47 -1.86 0.09
N ARG A 81 4.41 -2.79 0.15
CA ARG A 81 5.69 -2.64 -0.54
C ARG A 81 5.49 -2.71 -2.06
N PRO A 82 6.21 -1.86 -2.82
CA PRO A 82 6.11 -1.84 -4.28
C PRO A 82 6.35 -3.21 -4.90
N SER A 83 7.39 -3.90 -4.42
CA SER A 83 7.72 -5.22 -4.93
C SER A 83 6.56 -6.19 -4.73
N LYS A 84 5.79 -5.98 -3.68
CA LYS A 84 4.65 -6.84 -3.38
C LYS A 84 3.55 -6.67 -4.42
N LEU A 85 3.45 -5.46 -4.98
CA LEU A 85 2.44 -5.15 -5.99
C LEU A 85 2.71 -5.94 -7.27
N THR A 86 1.65 -6.24 -8.01
CA THR A 86 1.77 -6.98 -9.26
C THR A 86 0.84 -6.41 -10.32
N ARG A 87 1.17 -6.64 -11.58
CA ARG A 87 0.36 -6.15 -12.70
C ARG A 87 -0.55 -7.25 -13.23
N GLN A 88 -0.97 -8.15 -12.35
CA GLN A 88 -1.84 -9.25 -12.73
C GLN A 88 -2.21 -10.10 -11.51
N PRO A 89 -3.39 -10.73 -11.53
CA PRO A 89 -3.86 -11.58 -10.43
C PRO A 89 -3.04 -12.86 -10.29
N SER A 90 -1.85 -12.72 -9.70
CA SER A 90 -0.97 -13.87 -9.51
C SER A 90 -0.62 -14.53 -10.84
N GLY A 91 0.24 -15.53 -10.79
CA GLY A 91 0.65 -16.23 -12.00
C GLY A 91 -0.48 -17.05 -12.60
N PRO A 92 -0.16 -18.10 -13.37
CA PRO A 92 -1.17 -18.96 -14.00
C PRO A 92 -1.90 -19.82 -12.98
N SER A 93 -1.16 -20.43 -12.07
CA SER A 93 -1.73 -21.28 -11.04
C SER A 93 -1.75 -20.57 -9.69
N SER A 94 -2.93 -20.12 -9.28
CA SER A 94 -3.08 -19.42 -8.01
C SER A 94 -3.45 -20.40 -6.89
N GLY A 95 -2.43 -20.91 -6.21
CA GLY A 95 -2.67 -21.86 -5.12
C GLY A 95 -1.41 -22.59 -4.71
N GLY A 1 -0.44 -6.29 28.94
CA GLY A 1 1.02 -6.45 28.65
C GLY A 1 1.28 -7.42 27.52
N SER A 2 0.41 -7.40 26.51
CA SER A 2 0.57 -8.28 25.36
C SER A 2 -0.29 -7.81 24.19
N SER A 3 -1.53 -7.43 24.49
CA SER A 3 -2.46 -6.95 23.46
C SER A 3 -2.43 -5.44 23.38
N GLY A 4 -1.22 -4.86 23.37
CA GLY A 4 -1.08 -3.42 23.28
C GLY A 4 -0.32 -2.98 22.05
N SER A 5 -1.02 -2.34 21.12
CA SER A 5 -0.40 -1.86 19.89
C SER A 5 -0.47 -0.34 19.80
N SER A 6 0.39 0.24 18.96
CA SER A 6 0.41 1.69 18.78
C SER A 6 -0.15 2.07 17.42
N GLY A 7 0.14 1.26 16.41
CA GLY A 7 -0.35 1.52 15.07
C GLY A 7 0.09 0.48 14.07
N ALA A 8 1.21 0.75 13.39
CA ALA A 8 1.74 -0.17 12.40
C ALA A 8 3.26 -0.25 12.47
N ALA A 9 3.78 -1.45 12.68
CA ALA A 9 5.22 -1.65 12.78
C ALA A 9 5.76 -2.34 11.52
N GLU A 10 5.11 -2.08 10.39
CA GLU A 10 5.53 -2.67 9.13
C GLU A 10 6.67 -1.87 8.50
N VAL A 11 7.68 -2.58 8.00
CA VAL A 11 8.83 -1.95 7.37
C VAL A 11 8.62 -1.78 5.88
N GLY A 12 9.43 -0.92 5.26
CA GLY A 12 9.32 -0.68 3.84
C GLY A 12 10.51 -1.19 3.07
N ASP A 13 10.34 -1.40 1.77
CA ASP A 13 11.41 -1.89 0.91
C ASP A 13 12.39 -0.77 0.57
N ASP A 14 13.68 -1.09 0.62
CA ASP A 14 14.71 -0.11 0.32
C ASP A 14 14.70 0.27 -1.15
N PHE A 15 14.33 -0.68 -2.01
CA PHE A 15 14.27 -0.45 -3.44
C PHE A 15 12.84 -0.13 -3.88
N LEU A 16 12.71 0.51 -5.03
CA LEU A 16 11.39 0.87 -5.56
C LEU A 16 10.94 -0.14 -6.61
N GLY A 17 9.63 -0.27 -6.77
CA GLY A 17 9.09 -1.21 -7.74
C GLY A 17 8.87 -0.56 -9.09
N ASP A 18 8.32 -1.34 -10.03
CA ASP A 18 8.05 -0.84 -11.37
C ASP A 18 6.56 -0.56 -11.56
N PHE A 19 6.08 0.49 -10.91
CA PHE A 19 4.67 0.87 -11.01
C PHE A 19 4.52 2.39 -10.98
N VAL A 20 3.34 2.86 -11.39
CA VAL A 20 3.06 4.29 -11.41
C VAL A 20 1.67 4.59 -10.87
N VAL A 21 1.31 5.87 -10.83
CA VAL A 21 0.00 6.28 -10.34
C VAL A 21 -1.03 6.31 -11.46
N GLY A 22 -2.18 5.68 -11.22
CA GLY A 22 -3.23 5.64 -12.22
C GLY A 22 -3.29 4.32 -12.96
N GLU A 23 -3.02 3.24 -12.24
CA GLU A 23 -3.05 1.90 -12.82
C GLU A 23 -3.56 0.88 -11.81
N ARG A 24 -3.85 -0.33 -12.30
CA ARG A 24 -4.35 -1.40 -11.44
C ARG A 24 -3.21 -2.33 -11.03
N VAL A 25 -2.92 -2.37 -9.73
CA VAL A 25 -1.87 -3.22 -9.20
C VAL A 25 -2.39 -4.14 -8.10
N TRP A 26 -2.04 -5.42 -8.19
CA TRP A 26 -2.48 -6.40 -7.20
C TRP A 26 -1.60 -6.35 -5.96
N VAL A 27 -2.19 -5.98 -4.83
CA VAL A 27 -1.48 -5.89 -3.57
C VAL A 27 -1.20 -7.27 -2.99
N ASN A 28 0.07 -7.67 -3.00
CA ASN A 28 0.47 -8.98 -2.47
C ASN A 28 -0.21 -10.10 -3.25
N GLY A 29 -0.46 -9.86 -4.54
CA GLY A 29 -1.09 -10.86 -5.38
C GLY A 29 -2.45 -11.27 -4.85
N VAL A 30 -3.14 -10.34 -4.17
CA VAL A 30 -4.45 -10.62 -3.62
C VAL A 30 -5.55 -9.98 -4.46
N LYS A 31 -5.58 -8.66 -4.48
CA LYS A 31 -6.58 -7.92 -5.25
C LYS A 31 -5.98 -6.64 -5.84
N PRO A 32 -6.50 -6.19 -6.99
CA PRO A 32 -6.02 -4.98 -7.66
C PRO A 32 -6.42 -3.72 -6.91
N GLY A 33 -5.79 -2.60 -7.29
CA GLY A 33 -6.09 -1.33 -6.64
C GLY A 33 -5.47 -0.16 -7.36
N VAL A 34 -6.17 0.97 -7.36
CA VAL A 34 -5.68 2.18 -8.01
C VAL A 34 -4.59 2.85 -7.19
N VAL A 35 -3.38 2.91 -7.73
CA VAL A 35 -2.26 3.52 -7.04
C VAL A 35 -2.44 5.03 -6.94
N GLN A 36 -2.14 5.58 -5.78
CA GLN A 36 -2.26 7.02 -5.55
C GLN A 36 -0.94 7.62 -5.08
N TYR A 37 -0.28 6.92 -4.14
CA TYR A 37 0.99 7.38 -3.60
C TYR A 37 2.11 6.41 -3.96
N LEU A 38 3.29 6.96 -4.24
CA LEU A 38 4.44 6.14 -4.60
C LEU A 38 5.74 6.83 -4.20
N GLY A 39 6.41 6.28 -3.18
CA GLY A 39 7.65 6.85 -2.73
C GLY A 39 8.03 6.40 -1.34
N GLU A 40 7.70 7.21 -0.33
CA GLU A 40 8.00 6.88 1.05
C GLU A 40 6.86 7.29 1.97
N THR A 41 6.90 6.80 3.21
CA THR A 41 5.86 7.11 4.19
C THR A 41 6.46 7.79 5.41
N GLN A 42 5.61 8.08 6.40
CA GLN A 42 6.06 8.73 7.63
C GLN A 42 5.96 7.78 8.81
N PHE A 43 4.91 6.97 8.83
CA PHE A 43 4.70 6.01 9.91
C PHE A 43 5.79 4.94 9.90
N ALA A 44 6.29 4.63 8.70
CA ALA A 44 7.33 3.62 8.56
C ALA A 44 8.39 4.07 7.56
N PRO A 45 9.67 3.70 7.79
CA PRO A 45 10.77 4.07 6.89
C PRO A 45 10.76 3.26 5.60
N GLY A 46 11.86 3.35 4.85
CA GLY A 46 11.96 2.62 3.61
C GLY A 46 10.98 3.10 2.56
N GLN A 47 11.11 2.59 1.34
CA GLN A 47 10.21 2.97 0.25
C GLN A 47 8.83 2.35 0.43
N TRP A 48 7.79 3.17 0.29
CA TRP A 48 6.43 2.71 0.43
C TRP A 48 5.58 3.11 -0.77
N ALA A 49 4.48 2.41 -0.97
CA ALA A 49 3.58 2.69 -2.09
C ALA A 49 2.13 2.40 -1.72
N GLY A 50 1.36 3.46 -1.49
CA GLY A 50 -0.04 3.29 -1.14
C GLY A 50 -0.91 2.98 -2.34
N VAL A 51 -1.92 2.14 -2.12
CA VAL A 51 -2.83 1.75 -3.19
C VAL A 51 -4.29 1.82 -2.73
N VAL A 52 -5.16 2.30 -3.61
CA VAL A 52 -6.57 2.42 -3.29
C VAL A 52 -7.37 1.26 -3.86
N LEU A 53 -7.92 0.44 -2.98
CA LEU A 53 -8.71 -0.72 -3.38
C LEU A 53 -10.07 -0.30 -3.91
N ASP A 54 -10.58 -1.06 -4.89
CA ASP A 54 -11.87 -0.75 -5.48
C ASP A 54 -13.00 -0.97 -4.48
N ASP A 55 -12.85 -1.98 -3.63
CA ASP A 55 -13.86 -2.28 -2.62
C ASP A 55 -13.37 -1.90 -1.23
N PRO A 56 -14.29 -1.56 -0.32
CA PRO A 56 -13.95 -1.17 1.05
C PRO A 56 -13.44 -2.34 1.88
N VAL A 57 -12.22 -2.77 1.58
CA VAL A 57 -11.61 -3.89 2.30
C VAL A 57 -10.13 -3.66 2.51
N GLY A 58 -9.74 -2.39 2.65
CA GLY A 58 -8.34 -2.07 2.86
C GLY A 58 -7.99 -1.99 4.33
N LYS A 59 -7.20 -0.97 4.70
CA LYS A 59 -6.79 -0.79 6.08
C LYS A 59 -6.98 0.65 6.53
N ASN A 60 -6.12 1.53 6.04
CA ASN A 60 -6.20 2.95 6.39
C ASN A 60 -7.15 3.69 5.46
N ASP A 61 -7.23 5.00 5.63
CA ASP A 61 -8.12 5.82 4.80
C ASP A 61 -7.35 6.97 4.16
N GLY A 62 -6.07 6.74 3.89
CA GLY A 62 -5.24 7.76 3.28
C GLY A 62 -4.28 8.40 4.26
N ALA A 63 -4.70 8.49 5.51
CA ALA A 63 -3.87 9.08 6.56
C ALA A 63 -3.53 8.07 7.64
N VAL A 64 -2.28 8.04 8.06
CA VAL A 64 -1.83 7.12 9.10
C VAL A 64 -1.12 7.85 10.22
N GLY A 65 -1.41 7.45 11.46
CA GLY A 65 -0.80 8.10 12.61
C GLY A 65 -1.16 9.56 12.73
N GLY A 66 -0.33 10.42 12.15
CA GLY A 66 -0.59 11.85 12.21
C GLY A 66 -0.17 12.56 10.93
N VAL A 67 -0.21 11.85 9.81
CA VAL A 67 0.16 12.41 8.53
C VAL A 67 -0.72 11.88 7.40
N ARG A 68 -1.13 12.75 6.50
CA ARG A 68 -1.97 12.36 5.38
C ARG A 68 -1.15 12.21 4.10
N TYR A 69 -1.54 11.26 3.26
CA TYR A 69 -0.84 11.01 2.01
C TYR A 69 -1.77 11.23 0.82
N PHE A 70 -2.81 10.42 0.73
CA PHE A 70 -3.77 10.53 -0.37
C PHE A 70 -5.20 10.59 0.16
N GLU A 71 -6.00 11.49 -0.39
CA GLU A 71 -7.39 11.64 0.03
C GLU A 71 -8.28 10.63 -0.68
N CYS A 72 -8.54 9.51 -0.01
CA CYS A 72 -9.38 8.46 -0.57
C CYS A 72 -10.36 7.93 0.47
N PRO A 73 -11.43 7.25 0.03
CA PRO A 73 -12.44 6.69 0.93
C PRO A 73 -11.83 5.80 2.01
N ALA A 74 -12.56 5.62 3.10
CA ALA A 74 -12.08 4.78 4.20
C ALA A 74 -12.11 3.31 3.83
N LEU A 75 -11.29 2.52 4.52
CA LEU A 75 -11.23 1.08 4.26
C LEU A 75 -10.80 0.80 2.82
N GLN A 76 -10.03 1.72 2.26
CA GLN A 76 -9.55 1.57 0.89
C GLN A 76 -8.06 1.92 0.79
N GLY A 77 -7.67 3.00 1.45
CA GLY A 77 -6.27 3.41 1.43
C GLY A 77 -5.37 2.45 2.15
N ILE A 78 -4.91 1.42 1.44
CA ILE A 78 -4.03 0.42 2.02
C ILE A 78 -2.57 0.69 1.64
N PHE A 79 -1.69 0.65 2.63
CA PHE A 79 -0.27 0.89 2.41
C PHE A 79 0.49 -0.43 2.32
N THR A 80 1.44 -0.50 1.40
CA THR A 80 2.25 -1.69 1.21
C THR A 80 3.55 -1.37 0.47
N ARG A 81 4.40 -2.37 0.31
CA ARG A 81 5.67 -2.20 -0.38
C ARG A 81 5.49 -2.35 -1.89
N PRO A 82 6.29 -1.61 -2.68
CA PRO A 82 6.22 -1.67 -4.15
C PRO A 82 6.32 -3.09 -4.68
N SER A 83 7.25 -3.86 -4.12
CA SER A 83 7.45 -5.24 -4.53
C SER A 83 6.19 -6.06 -4.32
N LYS A 84 5.45 -5.74 -3.26
CA LYS A 84 4.22 -6.46 -2.94
C LYS A 84 3.19 -6.30 -4.06
N LEU A 85 3.25 -5.17 -4.75
CA LEU A 85 2.32 -4.90 -5.84
C LEU A 85 2.76 -5.61 -7.12
N THR A 86 1.79 -6.22 -7.80
CA THR A 86 2.07 -6.94 -9.04
C THR A 86 0.97 -6.70 -10.08
N ARG A 87 1.26 -7.05 -11.32
CA ARG A 87 0.29 -6.87 -12.40
C ARG A 87 -0.44 -8.18 -12.70
N GLN A 88 -0.71 -8.95 -11.64
CA GLN A 88 -1.41 -10.23 -11.79
C GLN A 88 -1.69 -10.85 -10.42
N PRO A 89 -2.85 -11.51 -10.26
CA PRO A 89 -3.23 -12.15 -9.00
C PRO A 89 -2.43 -13.42 -8.74
N SER A 90 -1.32 -13.28 -8.03
CA SER A 90 -0.46 -14.42 -7.71
C SER A 90 -0.56 -14.77 -6.22
N GLY A 91 -1.32 -15.82 -5.92
CA GLY A 91 -1.48 -16.23 -4.54
C GLY A 91 -2.52 -15.41 -3.80
N PRO A 92 -3.81 -15.72 -3.96
CA PRO A 92 -4.89 -14.98 -3.29
C PRO A 92 -4.92 -15.25 -1.79
N SER A 93 -5.99 -14.78 -1.14
CA SER A 93 -6.13 -14.97 0.31
C SER A 93 -7.61 -15.14 0.68
N SER A 94 -7.85 -15.84 1.78
CA SER A 94 -9.21 -16.08 2.25
C SER A 94 -9.23 -16.40 3.74
N GLY A 95 -8.27 -15.83 4.48
CA GLY A 95 -8.19 -16.09 5.90
C GLY A 95 -6.82 -16.53 6.34
N GLY A 1 9.67 9.10 24.08
CA GLY A 1 9.82 10.48 24.62
C GLY A 1 8.97 11.50 23.89
N SER A 2 7.68 11.21 23.77
CA SER A 2 6.75 12.10 23.09
C SER A 2 7.14 12.27 21.62
N SER A 3 6.27 11.80 20.73
CA SER A 3 6.52 11.90 19.30
C SER A 3 7.78 11.14 18.92
N GLY A 4 7.61 10.07 18.15
CA GLY A 4 8.75 9.27 17.72
C GLY A 4 8.68 7.84 18.25
N SER A 5 7.53 7.20 18.03
CA SER A 5 7.34 5.82 18.47
C SER A 5 6.96 4.92 17.30
N SER A 6 7.47 5.24 16.13
CA SER A 6 7.18 4.46 14.92
C SER A 6 5.73 4.61 14.50
N GLY A 7 4.83 4.04 15.30
CA GLY A 7 3.41 4.11 14.99
C GLY A 7 2.84 2.79 14.52
N ALA A 8 2.94 2.55 13.21
CA ALA A 8 2.43 1.31 12.64
C ALA A 8 3.39 0.15 12.89
N ALA A 9 3.06 -1.01 12.33
CA ALA A 9 3.89 -2.20 12.49
C ALA A 9 4.23 -2.83 11.14
N GLU A 10 5.04 -2.12 10.36
CA GLU A 10 5.44 -2.61 9.05
C GLU A 10 6.77 -1.99 8.62
N VAL A 11 7.30 -2.45 7.50
CA VAL A 11 8.57 -1.94 6.98
C VAL A 11 8.58 -1.95 5.46
N GLY A 12 8.97 -0.82 4.87
CA GLY A 12 9.03 -0.71 3.43
C GLY A 12 10.26 -1.36 2.85
N ASP A 13 10.30 -1.49 1.52
CA ASP A 13 11.45 -2.08 0.84
C ASP A 13 12.56 -1.06 0.64
N ASP A 14 13.65 -1.51 0.03
CA ASP A 14 14.79 -0.62 -0.23
C ASP A 14 14.86 -0.23 -1.70
N PHE A 15 13.69 -0.10 -2.33
CA PHE A 15 13.62 0.26 -3.73
C PHE A 15 12.16 0.44 -4.17
N LEU A 16 11.95 1.36 -5.12
CA LEU A 16 10.61 1.63 -5.63
C LEU A 16 10.37 0.91 -6.94
N GLY A 17 9.23 0.25 -7.06
CA GLY A 17 8.90 -0.47 -8.27
C GLY A 17 8.74 0.44 -9.47
N ASP A 18 8.40 -0.13 -10.61
CA ASP A 18 8.22 0.64 -11.83
C ASP A 18 6.75 0.95 -12.06
N PHE A 19 6.05 1.27 -10.98
CA PHE A 19 4.62 1.59 -11.07
C PHE A 19 4.41 3.10 -11.13
N VAL A 20 3.18 3.52 -11.43
CA VAL A 20 2.85 4.93 -11.52
C VAL A 20 1.54 5.24 -10.79
N VAL A 21 1.20 6.52 -10.72
CA VAL A 21 -0.02 6.95 -10.05
C VAL A 21 -1.20 6.95 -11.02
N GLY A 22 -2.14 6.03 -10.82
CA GLY A 22 -3.30 5.95 -11.68
C GLY A 22 -3.54 4.55 -12.21
N GLU A 23 -2.46 3.77 -12.33
CA GLU A 23 -2.56 2.41 -12.82
C GLU A 23 -3.07 1.47 -11.73
N ARG A 24 -3.54 0.30 -12.14
CA ARG A 24 -4.06 -0.69 -11.20
C ARG A 24 -3.00 -1.71 -10.84
N VAL A 25 -3.03 -2.17 -9.59
CA VAL A 25 -2.06 -3.16 -9.12
C VAL A 25 -2.68 -4.08 -8.07
N TRP A 26 -2.31 -5.36 -8.12
CA TRP A 26 -2.83 -6.34 -7.19
C TRP A 26 -1.93 -6.45 -5.95
N VAL A 27 -2.54 -6.35 -4.78
CA VAL A 27 -1.79 -6.44 -3.53
C VAL A 27 -1.74 -7.87 -3.03
N ASN A 28 -0.53 -8.45 -3.02
CA ASN A 28 -0.34 -9.81 -2.57
C ASN A 28 -1.16 -10.79 -3.41
N GLY A 29 -1.40 -10.43 -4.67
CA GLY A 29 -2.17 -11.28 -5.55
C GLY A 29 -3.56 -11.56 -5.02
N VAL A 30 -4.14 -10.58 -4.34
CA VAL A 30 -5.48 -10.73 -3.77
C VAL A 30 -6.49 -9.89 -4.55
N LYS A 31 -6.36 -8.58 -4.48
CA LYS A 31 -7.26 -7.68 -5.18
C LYS A 31 -6.52 -6.47 -5.74
N PRO A 32 -6.99 -5.92 -6.87
CA PRO A 32 -6.36 -4.76 -7.50
C PRO A 32 -6.58 -3.47 -6.72
N GLY A 33 -5.77 -2.45 -7.01
CA GLY A 33 -5.89 -1.18 -6.32
C GLY A 33 -5.33 -0.03 -7.13
N VAL A 34 -5.70 1.19 -6.75
CA VAL A 34 -5.22 2.38 -7.44
C VAL A 34 -4.04 3.02 -6.70
N VAL A 35 -2.92 3.15 -7.40
CA VAL A 35 -1.72 3.75 -6.80
C VAL A 35 -1.86 5.27 -6.71
N GLN A 36 -1.98 5.78 -5.49
CA GLN A 36 -2.12 7.21 -5.27
C GLN A 36 -0.81 7.81 -4.79
N TYR A 37 -0.19 7.17 -3.81
CA TYR A 37 1.09 7.64 -3.26
C TYR A 37 2.23 6.74 -3.70
N LEU A 38 3.42 7.33 -3.83
CA LEU A 38 4.60 6.58 -4.25
C LEU A 38 5.87 7.25 -3.72
N GLY A 39 6.40 6.71 -2.63
CA GLY A 39 7.62 7.26 -2.05
C GLY A 39 7.84 6.78 -0.63
N GLU A 40 8.68 7.50 0.11
CA GLU A 40 8.99 7.14 1.49
C GLU A 40 7.96 7.74 2.45
N THR A 41 7.21 6.89 3.12
CA THR A 41 6.19 7.33 4.07
C THR A 41 6.83 8.03 5.26
N GLN A 42 6.00 8.46 6.21
CA GLN A 42 6.48 9.14 7.40
C GLN A 42 6.30 8.27 8.64
N PHE A 43 5.27 7.45 8.62
CA PHE A 43 4.98 6.56 9.76
C PHE A 43 6.10 5.55 9.95
N ALA A 44 6.75 5.17 8.85
CA ALA A 44 7.84 4.21 8.90
C ALA A 44 8.81 4.40 7.73
N PRO A 45 10.08 4.00 7.90
CA PRO A 45 11.09 4.13 6.84
C PRO A 45 10.85 3.17 5.69
N GLY A 46 11.82 3.09 4.79
CA GLY A 46 11.70 2.21 3.64
C GLY A 46 10.73 2.75 2.60
N GLN A 47 10.85 2.25 1.37
CA GLN A 47 9.99 2.68 0.28
C GLN A 47 8.56 2.18 0.49
N TRP A 48 7.59 2.98 0.09
CA TRP A 48 6.18 2.62 0.23
C TRP A 48 5.39 2.98 -1.02
N ALA A 49 4.25 2.34 -1.20
CA ALA A 49 3.40 2.58 -2.36
C ALA A 49 1.92 2.58 -1.97
N GLY A 50 1.37 3.77 -1.81
CA GLY A 50 -0.03 3.89 -1.44
C GLY A 50 -0.96 3.41 -2.54
N VAL A 51 -1.72 2.35 -2.25
CA VAL A 51 -2.66 1.79 -3.23
C VAL A 51 -4.07 1.74 -2.66
N VAL A 52 -5.05 2.04 -3.50
CA VAL A 52 -6.45 2.03 -3.08
C VAL A 52 -7.17 0.80 -3.63
N LEU A 53 -7.43 -0.16 -2.75
CA LEU A 53 -8.12 -1.39 -3.14
C LEU A 53 -9.51 -1.09 -3.69
N ASP A 54 -10.03 -2.00 -4.50
CA ASP A 54 -11.35 -1.82 -5.10
C ASP A 54 -12.44 -1.94 -4.04
N ASP A 55 -12.36 -3.00 -3.24
CA ASP A 55 -13.35 -3.24 -2.18
C ASP A 55 -12.83 -2.72 -0.84
N PRO A 56 -13.76 -2.36 0.06
CA PRO A 56 -13.39 -1.86 1.39
C PRO A 56 -12.83 -2.95 2.30
N VAL A 57 -11.69 -3.51 1.89
CA VAL A 57 -11.05 -4.57 2.66
C VAL A 57 -9.56 -4.29 2.83
N GLY A 58 -9.20 -3.01 2.88
CA GLY A 58 -7.81 -2.64 3.04
C GLY A 58 -7.40 -2.53 4.49
N LYS A 59 -7.02 -1.32 4.91
CA LYS A 59 -6.61 -1.09 6.29
C LYS A 59 -6.90 0.35 6.71
N ASN A 60 -6.23 1.30 6.05
CA ASN A 60 -6.42 2.71 6.36
C ASN A 60 -7.32 3.38 5.32
N ASP A 61 -7.60 4.66 5.53
CA ASP A 61 -8.45 5.41 4.61
C ASP A 61 -7.62 6.31 3.72
N GLY A 62 -6.49 6.78 4.23
CA GLY A 62 -5.62 7.64 3.46
C GLY A 62 -4.56 8.31 4.32
N ALA A 63 -4.91 8.61 5.56
CA ALA A 63 -3.99 9.26 6.48
C ALA A 63 -3.53 8.29 7.56
N VAL A 64 -2.22 8.19 7.74
CA VAL A 64 -1.64 7.29 8.74
C VAL A 64 -0.55 7.99 9.54
N GLY A 65 -0.86 8.32 10.79
CA GLY A 65 0.10 8.98 11.65
C GLY A 65 0.11 10.49 11.45
N GLY A 66 -1.08 11.09 11.40
CA GLY A 66 -1.19 12.51 11.21
C GLY A 66 -0.56 12.98 9.91
N VAL A 67 -0.56 12.11 8.91
CA VAL A 67 0.02 12.42 7.61
C VAL A 67 -0.89 11.94 6.48
N ARG A 68 -1.58 12.88 5.84
CA ARG A 68 -2.47 12.55 4.73
C ARG A 68 -1.69 12.33 3.44
N TYR A 69 -1.70 11.09 2.95
CA TYR A 69 -0.99 10.76 1.72
C TYR A 69 -1.89 10.92 0.51
N PHE A 70 -3.15 10.50 0.64
CA PHE A 70 -4.11 10.61 -0.44
C PHE A 70 -5.54 10.64 0.10
N GLU A 71 -6.45 11.21 -0.69
CA GLU A 71 -7.84 11.32 -0.29
C GLU A 71 -8.69 10.26 -0.99
N CYS A 72 -9.19 9.29 -0.21
CA CYS A 72 -10.01 8.21 -0.75
C CYS A 72 -10.90 7.61 0.33
N PRO A 73 -11.88 6.79 -0.07
CA PRO A 73 -12.80 6.14 0.87
C PRO A 73 -12.07 5.42 1.99
N ALA A 74 -12.79 5.10 3.06
CA ALA A 74 -12.22 4.40 4.20
C ALA A 74 -12.09 2.90 3.92
N LEU A 75 -11.15 2.25 4.61
CA LEU A 75 -10.93 0.82 4.44
C LEU A 75 -10.56 0.50 2.99
N GLN A 76 -9.94 1.46 2.31
CA GLN A 76 -9.54 1.26 0.92
C GLN A 76 -8.07 1.64 0.73
N GLY A 77 -7.68 2.75 1.31
CA GLY A 77 -6.30 3.21 1.19
C GLY A 77 -5.33 2.33 1.94
N ILE A 78 -4.92 1.23 1.30
CA ILE A 78 -3.99 0.29 1.92
C ILE A 78 -2.56 0.58 1.47
N PHE A 79 -1.62 0.46 2.41
CA PHE A 79 -0.22 0.70 2.10
C PHE A 79 0.58 -0.60 2.09
N THR A 80 1.44 -0.76 1.10
CA THR A 80 2.25 -1.96 0.97
C THR A 80 3.47 -1.71 0.08
N ARG A 81 4.44 -2.60 0.14
CA ARG A 81 5.66 -2.47 -0.65
C ARG A 81 5.36 -2.65 -2.15
N PRO A 82 5.97 -1.81 -3.01
CA PRO A 82 5.75 -1.89 -4.46
C PRO A 82 6.03 -3.28 -5.02
N SER A 83 7.12 -3.88 -4.56
CA SER A 83 7.50 -5.22 -5.01
C SER A 83 6.38 -6.22 -4.77
N LYS A 84 5.62 -6.01 -3.70
CA LYS A 84 4.51 -6.90 -3.35
C LYS A 84 3.37 -6.75 -4.34
N LEU A 85 3.22 -5.55 -4.91
CA LEU A 85 2.16 -5.28 -5.87
C LEU A 85 2.46 -5.95 -7.21
N THR A 86 1.41 -6.39 -7.89
CA THR A 86 1.56 -7.04 -9.18
C THR A 86 0.65 -6.39 -10.23
N ARG A 87 0.94 -6.66 -11.50
CA ARG A 87 0.14 -6.10 -12.59
C ARG A 87 -0.87 -7.12 -13.10
N GLN A 88 -1.32 -8.00 -12.20
CA GLN A 88 -2.29 -9.03 -12.56
C GLN A 88 -2.72 -9.82 -11.33
N PRO A 89 -3.82 -10.58 -11.44
CA PRO A 89 -4.34 -11.40 -10.34
C PRO A 89 -3.41 -12.58 -10.01
N SER A 90 -2.30 -12.28 -9.36
CA SER A 90 -1.33 -13.31 -8.99
C SER A 90 -0.80 -14.03 -10.23
N GLY A 91 0.16 -13.39 -10.90
CA GLY A 91 0.73 -13.97 -12.10
C GLY A 91 2.25 -13.92 -12.10
N PRO A 92 2.91 -14.70 -12.97
CA PRO A 92 4.37 -14.72 -13.06
C PRO A 92 4.96 -13.33 -13.21
N SER A 93 6.14 -13.12 -12.65
CA SER A 93 6.83 -11.83 -12.73
C SER A 93 8.10 -11.94 -13.55
N SER A 94 7.95 -11.85 -14.87
CA SER A 94 9.10 -11.94 -15.77
C SER A 94 8.92 -11.02 -16.97
N GLY A 95 7.74 -11.07 -17.58
CA GLY A 95 7.46 -10.23 -18.73
C GLY A 95 8.12 -10.73 -19.99
N GLY A 1 -18.66 -6.51 20.07
CA GLY A 1 -18.29 -5.17 19.54
C GLY A 1 -17.17 -5.24 18.50
N SER A 2 -16.45 -4.14 18.35
CA SER A 2 -15.36 -4.08 17.39
C SER A 2 -14.11 -4.77 17.92
N SER A 3 -13.14 -5.00 17.05
CA SER A 3 -11.90 -5.66 17.44
C SER A 3 -10.71 -5.05 16.69
N GLY A 4 -9.66 -4.73 17.44
CA GLY A 4 -8.47 -4.14 16.83
C GLY A 4 -8.49 -2.62 16.87
N SER A 5 -7.31 -2.02 16.93
CA SER A 5 -7.19 -0.57 16.97
C SER A 5 -5.97 -0.10 16.19
N SER A 6 -4.84 -0.74 16.44
CA SER A 6 -3.59 -0.39 15.76
C SER A 6 -3.73 -0.57 14.25
N GLY A 7 -2.61 -0.49 13.54
CA GLY A 7 -2.62 -0.65 12.10
C GLY A 7 -1.43 -1.42 11.60
N ALA A 8 -0.44 -0.70 11.07
CA ALA A 8 0.77 -1.33 10.55
C ALA A 8 1.94 -1.16 11.51
N ALA A 9 3.14 -1.51 11.05
CA ALA A 9 4.34 -1.40 11.87
C ALA A 9 5.58 -1.82 11.08
N GLU A 10 5.43 -2.86 10.27
CA GLU A 10 6.55 -3.36 9.47
C GLU A 10 7.14 -2.25 8.60
N VAL A 11 8.43 -2.39 8.28
CA VAL A 11 9.11 -1.40 7.46
C VAL A 11 8.89 -1.66 5.97
N GLY A 12 9.49 -0.82 5.13
CA GLY A 12 9.33 -0.98 3.70
C GLY A 12 10.57 -1.55 3.04
N ASP A 13 10.56 -1.59 1.71
CA ASP A 13 11.70 -2.13 0.96
C ASP A 13 12.63 -1.01 0.53
N ASP A 14 13.86 -1.38 0.15
CA ASP A 14 14.85 -0.41 -0.28
C ASP A 14 14.91 -0.34 -1.80
N PHE A 15 13.77 -0.56 -2.45
CA PHE A 15 13.70 -0.53 -3.91
C PHE A 15 12.30 -0.16 -4.37
N LEU A 16 12.19 0.92 -5.14
CA LEU A 16 10.91 1.39 -5.65
C LEU A 16 10.47 0.55 -6.85
N GLY A 17 9.17 0.29 -6.93
CA GLY A 17 8.65 -0.50 -8.03
C GLY A 17 8.36 0.34 -9.27
N ASP A 18 8.39 -0.29 -10.43
CA ASP A 18 8.13 0.40 -11.69
C ASP A 18 6.63 0.58 -11.91
N PHE A 19 5.98 1.31 -10.99
CA PHE A 19 4.55 1.56 -11.08
C PHE A 19 4.26 3.06 -11.14
N VAL A 20 3.01 3.42 -11.36
CA VAL A 20 2.60 4.81 -11.44
C VAL A 20 1.36 5.07 -10.59
N VAL A 21 0.94 6.33 -10.54
CA VAL A 21 -0.23 6.71 -9.76
C VAL A 21 -1.48 6.76 -10.64
N GLY A 22 -2.41 5.85 -10.40
CA GLY A 22 -3.64 5.80 -11.17
C GLY A 22 -3.89 4.44 -11.78
N GLU A 23 -2.82 3.69 -12.03
CA GLU A 23 -2.94 2.37 -12.62
C GLU A 23 -3.45 1.36 -11.59
N ARG A 24 -3.64 0.12 -12.03
CA ARG A 24 -4.13 -0.93 -11.15
C ARG A 24 -3.02 -1.94 -10.83
N VAL A 25 -2.86 -2.24 -9.56
CA VAL A 25 -1.83 -3.18 -9.12
C VAL A 25 -2.39 -4.18 -8.10
N TRP A 26 -1.99 -5.44 -8.23
CA TRP A 26 -2.45 -6.48 -7.31
C TRP A 26 -1.62 -6.49 -6.04
N VAL A 27 -2.24 -6.08 -4.93
CA VAL A 27 -1.57 -6.03 -3.65
C VAL A 27 -1.44 -7.43 -3.05
N ASN A 28 -0.20 -7.90 -2.95
CA ASN A 28 0.06 -9.23 -2.41
C ASN A 28 -0.64 -10.31 -3.22
N GLY A 29 -0.82 -10.05 -4.51
CA GLY A 29 -1.47 -11.01 -5.39
C GLY A 29 -2.86 -11.37 -4.92
N VAL A 30 -3.51 -10.45 -4.21
CA VAL A 30 -4.85 -10.67 -3.71
C VAL A 30 -5.90 -9.99 -4.59
N LYS A 31 -5.86 -8.67 -4.64
CA LYS A 31 -6.80 -7.90 -5.45
C LYS A 31 -6.15 -6.63 -5.97
N PRO A 32 -6.61 -6.14 -7.14
CA PRO A 32 -6.07 -4.92 -7.75
C PRO A 32 -6.46 -3.67 -6.98
N GLY A 33 -5.69 -2.60 -7.17
CA GLY A 33 -5.96 -1.35 -6.48
C GLY A 33 -5.41 -0.15 -7.21
N VAL A 34 -6.00 1.01 -6.97
CA VAL A 34 -5.55 2.25 -7.60
C VAL A 34 -4.47 2.94 -6.79
N VAL A 35 -3.24 2.95 -7.32
CA VAL A 35 -2.12 3.58 -6.65
C VAL A 35 -2.31 5.08 -6.53
N GLN A 36 -2.10 5.62 -5.34
CA GLN A 36 -2.24 7.05 -5.11
C GLN A 36 -0.92 7.67 -4.68
N TYR A 37 -0.19 6.96 -3.82
CA TYR A 37 1.09 7.45 -3.32
C TYR A 37 2.20 6.43 -3.61
N LEU A 38 3.39 6.94 -3.91
CA LEU A 38 4.53 6.07 -4.20
C LEU A 38 5.83 6.70 -3.71
N GLY A 39 6.29 6.24 -2.54
CA GLY A 39 7.52 6.76 -1.99
C GLY A 39 7.67 6.44 -0.51
N GLU A 40 8.61 7.10 0.16
CA GLU A 40 8.85 6.88 1.58
C GLU A 40 7.63 7.29 2.40
N THR A 41 7.56 6.78 3.62
CA THR A 41 6.45 7.08 4.52
C THR A 41 6.96 7.68 5.83
N GLN A 42 6.02 8.00 6.72
CA GLN A 42 6.37 8.58 8.02
C GLN A 42 6.21 7.55 9.13
N PHE A 43 5.23 6.66 8.96
CA PHE A 43 4.97 5.62 9.95
C PHE A 43 6.11 4.60 10.00
N ALA A 44 6.74 4.39 8.86
CA ALA A 44 7.85 3.44 8.77
C ALA A 44 8.81 3.82 7.65
N PRO A 45 10.12 3.51 7.82
CA PRO A 45 11.13 3.84 6.82
C PRO A 45 11.01 2.98 5.56
N GLY A 46 12.01 3.06 4.69
CA GLY A 46 11.99 2.30 3.46
C GLY A 46 10.97 2.82 2.47
N GLN A 47 11.07 2.37 1.23
CA GLN A 47 10.15 2.79 0.18
C GLN A 47 8.77 2.17 0.37
N TRP A 48 7.74 2.93 0.06
CA TRP A 48 6.36 2.45 0.21
C TRP A 48 5.53 2.82 -1.02
N ALA A 49 4.28 2.36 -1.02
CA ALA A 49 3.38 2.64 -2.14
C ALA A 49 1.92 2.47 -1.72
N GLY A 50 1.20 3.58 -1.63
CA GLY A 50 -0.19 3.54 -1.25
C GLY A 50 -1.10 3.11 -2.38
N VAL A 51 -2.03 2.21 -2.08
CA VAL A 51 -2.96 1.70 -3.09
C VAL A 51 -4.40 1.77 -2.58
N VAL A 52 -5.30 2.20 -3.45
CA VAL A 52 -6.71 2.32 -3.10
C VAL A 52 -7.51 1.14 -3.64
N LEU A 53 -7.83 0.18 -2.76
CA LEU A 53 -8.59 -0.99 -3.15
C LEU A 53 -9.96 -0.61 -3.70
N ASP A 54 -10.53 -1.48 -4.51
CA ASP A 54 -11.84 -1.23 -5.10
C ASP A 54 -12.96 -1.48 -4.08
N ASP A 55 -12.76 -2.50 -3.24
CA ASP A 55 -13.75 -2.84 -2.22
C ASP A 55 -13.28 -2.41 -0.84
N PRO A 56 -14.21 -2.25 0.11
CA PRO A 56 -13.88 -1.84 1.49
C PRO A 56 -13.18 -2.95 2.27
N VAL A 57 -12.01 -3.35 1.80
CA VAL A 57 -11.24 -4.40 2.45
C VAL A 57 -9.80 -3.97 2.68
N GLY A 58 -9.60 -2.67 2.88
CA GLY A 58 -8.26 -2.16 3.12
C GLY A 58 -7.94 -2.01 4.59
N LYS A 59 -7.34 -0.88 4.94
CA LYS A 59 -6.98 -0.62 6.34
C LYS A 59 -7.14 0.86 6.67
N ASN A 60 -6.23 1.68 6.16
CA ASN A 60 -6.27 3.12 6.40
C ASN A 60 -7.31 3.80 5.50
N ASP A 61 -7.44 5.11 5.63
CA ASP A 61 -8.39 5.87 4.84
C ASP A 61 -7.70 7.05 4.15
N GLY A 62 -6.46 6.83 3.72
CA GLY A 62 -5.71 7.87 3.05
C GLY A 62 -4.60 8.43 3.91
N ALA A 63 -4.79 8.38 5.22
CA ALA A 63 -3.79 8.88 6.16
C ALA A 63 -3.26 7.77 7.04
N VAL A 64 -2.04 7.96 7.56
CA VAL A 64 -1.41 6.96 8.42
C VAL A 64 -0.61 7.64 9.53
N GLY A 65 -1.10 7.53 10.75
CA GLY A 65 -0.42 8.13 11.88
C GLY A 65 -0.82 9.58 12.10
N GLY A 66 -0.18 10.47 11.36
CA GLY A 66 -0.49 11.89 11.49
C GLY A 66 -0.21 12.66 10.21
N VAL A 67 -0.32 11.98 9.08
CA VAL A 67 -0.08 12.61 7.78
C VAL A 67 -1.01 12.05 6.72
N ARG A 68 -1.32 12.87 5.72
CA ARG A 68 -2.20 12.45 4.64
C ARG A 68 -1.43 12.35 3.32
N TYR A 69 -1.53 11.20 2.66
CA TYR A 69 -0.84 10.99 1.38
C TYR A 69 -1.80 11.22 0.21
N PHE A 70 -3.02 10.73 0.35
CA PHE A 70 -4.02 10.88 -0.71
C PHE A 70 -5.43 10.92 -0.11
N GLU A 71 -6.36 11.48 -0.87
CA GLU A 71 -7.75 11.58 -0.43
C GLU A 71 -8.62 10.55 -1.14
N CYS A 72 -8.92 9.46 -0.45
CA CYS A 72 -9.75 8.40 -1.00
C CYS A 72 -10.69 7.83 0.06
N PRO A 73 -11.64 6.97 -0.36
CA PRO A 73 -12.61 6.36 0.56
C PRO A 73 -11.93 5.69 1.76
N ALA A 74 -12.69 5.49 2.82
CA ALA A 74 -12.16 4.88 4.03
C ALA A 74 -12.07 3.36 3.87
N LEU A 75 -11.15 2.75 4.61
CA LEU A 75 -10.95 1.31 4.55
C LEU A 75 -10.58 0.86 3.13
N GLN A 76 -9.91 1.74 2.40
CA GLN A 76 -9.48 1.44 1.04
C GLN A 76 -8.03 1.85 0.81
N GLY A 77 -7.68 3.04 1.28
CA GLY A 77 -6.33 3.52 1.11
C GLY A 77 -5.32 2.72 1.91
N ILE A 78 -4.95 1.55 1.40
CA ILE A 78 -4.00 0.69 2.08
C ILE A 78 -2.59 0.92 1.55
N PHE A 79 -1.60 0.79 2.42
CA PHE A 79 -0.21 0.98 2.04
C PHE A 79 0.56 -0.35 2.07
N THR A 80 1.46 -0.53 1.11
CA THR A 80 2.25 -1.74 1.04
C THR A 80 3.50 -1.53 0.19
N ARG A 81 4.48 -2.41 0.35
CA ARG A 81 5.73 -2.31 -0.40
C ARG A 81 5.48 -2.48 -1.90
N PRO A 82 6.16 -1.68 -2.75
CA PRO A 82 6.00 -1.76 -4.19
C PRO A 82 6.25 -3.17 -4.73
N SER A 83 7.23 -3.85 -4.16
CA SER A 83 7.57 -5.20 -4.58
C SER A 83 6.37 -6.13 -4.44
N LYS A 84 5.58 -5.92 -3.41
CA LYS A 84 4.39 -6.73 -3.16
C LYS A 84 3.35 -6.52 -4.25
N LEU A 85 3.33 -5.32 -4.81
CA LEU A 85 2.37 -4.98 -5.87
C LEU A 85 2.76 -5.64 -7.19
N THR A 86 1.77 -6.14 -7.90
CA THR A 86 2.01 -6.81 -9.18
C THR A 86 1.05 -6.29 -10.25
N ARG A 87 1.40 -6.51 -11.51
CA ARG A 87 0.57 -6.07 -12.63
C ARG A 87 -0.28 -7.21 -13.18
N GLN A 88 -0.62 -8.15 -12.30
CA GLN A 88 -1.43 -9.31 -12.69
C GLN A 88 -1.70 -10.22 -11.51
N PRO A 89 -2.84 -10.92 -11.50
CA PRO A 89 -3.21 -11.83 -10.42
C PRO A 89 -2.35 -13.08 -10.39
N SER A 90 -2.23 -13.70 -9.22
CA SER A 90 -1.43 -14.91 -9.06
C SER A 90 -2.20 -16.13 -9.54
N GLY A 91 -2.00 -16.50 -10.80
CA GLY A 91 -2.68 -17.65 -11.35
C GLY A 91 -3.71 -17.27 -12.40
N PRO A 92 -4.99 -17.11 -12.00
CA PRO A 92 -6.06 -16.74 -12.92
C PRO A 92 -5.96 -15.29 -13.39
N SER A 93 -5.53 -15.11 -14.63
CA SER A 93 -5.39 -13.77 -15.21
C SER A 93 -6.45 -13.52 -16.28
N SER A 94 -6.69 -12.25 -16.58
CA SER A 94 -7.67 -11.87 -17.59
C SER A 94 -7.03 -11.84 -18.98
N GLY A 95 -7.86 -11.62 -19.99
CA GLY A 95 -7.35 -11.55 -21.36
C GLY A 95 -8.44 -11.24 -22.36
N GLY A 1 14.27 1.35 13.16
CA GLY A 1 15.06 0.09 13.12
C GLY A 1 14.94 -0.72 14.40
N SER A 2 15.96 -0.64 15.25
CA SER A 2 15.97 -1.35 16.52
C SER A 2 16.06 -0.39 17.69
N SER A 3 15.45 0.78 17.54
CA SER A 3 15.46 1.79 18.58
C SER A 3 14.23 1.67 19.47
N GLY A 4 13.12 1.23 18.88
CA GLY A 4 11.89 1.07 19.64
C GLY A 4 11.16 2.37 19.81
N SER A 5 10.75 2.99 18.70
CA SER A 5 10.04 4.25 18.74
C SER A 5 8.53 4.02 18.69
N SER A 6 7.77 5.01 19.16
CA SER A 6 6.31 4.91 19.17
C SER A 6 5.75 5.08 17.77
N GLY A 7 4.90 4.14 17.36
CA GLY A 7 4.30 4.20 16.03
C GLY A 7 5.12 3.48 14.99
N ALA A 8 4.89 2.18 14.85
CA ALA A 8 5.62 1.37 13.88
C ALA A 8 4.73 0.26 13.32
N ALA A 9 4.57 0.25 12.00
CA ALA A 9 3.75 -0.77 11.35
C ALA A 9 4.44 -1.30 10.09
N GLU A 10 5.15 -2.40 10.25
CA GLU A 10 5.86 -3.02 9.13
C GLU A 10 6.90 -2.06 8.55
N VAL A 11 7.78 -2.58 7.72
CA VAL A 11 8.83 -1.78 7.09
C VAL A 11 8.61 -1.67 5.59
N GLY A 12 9.46 -0.89 4.93
CA GLY A 12 9.34 -0.72 3.49
C GLY A 12 10.33 -1.58 2.71
N ASP A 13 10.49 -1.28 1.43
CA ASP A 13 11.40 -2.03 0.58
C ASP A 13 12.72 -1.27 0.41
N ASP A 14 13.74 -1.97 -0.07
CA ASP A 14 15.05 -1.37 -0.29
C ASP A 14 15.07 -0.54 -1.57
N PHE A 15 14.38 -1.03 -2.59
CA PHE A 15 14.31 -0.33 -3.87
C PHE A 15 12.86 -0.07 -4.27
N LEU A 16 12.68 0.82 -5.24
CA LEU A 16 11.35 1.16 -5.71
C LEU A 16 10.95 0.28 -6.89
N GLY A 17 9.76 0.52 -7.43
CA GLY A 17 9.29 -0.26 -8.56
C GLY A 17 9.01 0.59 -9.78
N ASP A 18 8.36 0.00 -10.79
CA ASP A 18 8.04 0.72 -12.02
C ASP A 18 6.55 1.02 -12.09
N PHE A 19 5.94 1.23 -10.94
CA PHE A 19 4.51 1.53 -10.87
C PHE A 19 4.27 3.03 -10.83
N VAL A 20 3.19 3.48 -11.45
CA VAL A 20 2.84 4.88 -11.48
C VAL A 20 1.49 5.14 -10.80
N VAL A 21 1.15 6.42 -10.65
CA VAL A 21 -0.11 6.80 -10.02
C VAL A 21 -1.24 6.86 -11.04
N GLY A 22 -2.26 6.03 -10.85
CA GLY A 22 -3.39 6.01 -11.75
C GLY A 22 -3.48 4.70 -12.52
N GLU A 23 -2.99 3.62 -11.93
CA GLU A 23 -3.01 2.32 -12.55
C GLU A 23 -3.59 1.26 -11.61
N ARG A 24 -3.66 0.02 -12.08
CA ARG A 24 -4.18 -1.08 -11.27
C ARG A 24 -3.09 -2.08 -10.95
N VAL A 25 -2.85 -2.29 -9.66
CA VAL A 25 -1.83 -3.23 -9.20
C VAL A 25 -2.40 -4.22 -8.19
N TRP A 26 -2.06 -5.49 -8.35
CA TRP A 26 -2.54 -6.53 -7.45
C TRP A 26 -1.67 -6.60 -6.20
N VAL A 27 -2.18 -6.06 -5.10
CA VAL A 27 -1.44 -6.06 -3.83
C VAL A 27 -1.37 -7.47 -3.25
N ASN A 28 -0.15 -7.98 -3.14
CA ASN A 28 0.07 -9.32 -2.60
C ASN A 28 -0.68 -10.37 -3.41
N GLY A 29 -0.88 -10.10 -4.70
CA GLY A 29 -1.58 -11.03 -5.56
C GLY A 29 -2.97 -11.34 -5.06
N VAL A 30 -3.57 -10.41 -4.32
CA VAL A 30 -4.91 -10.59 -3.78
C VAL A 30 -5.95 -9.91 -4.65
N LYS A 31 -5.90 -8.58 -4.71
CA LYS A 31 -6.85 -7.81 -5.50
C LYS A 31 -6.19 -6.54 -6.04
N PRO A 32 -6.62 -6.08 -7.23
CA PRO A 32 -6.07 -4.88 -7.87
C PRO A 32 -6.48 -3.61 -7.13
N GLY A 33 -5.56 -2.64 -7.09
CA GLY A 33 -5.85 -1.39 -6.41
C GLY A 33 -5.32 -0.18 -7.18
N VAL A 34 -5.94 0.97 -6.97
CA VAL A 34 -5.53 2.19 -7.64
C VAL A 34 -4.42 2.89 -6.87
N VAL A 35 -3.26 3.04 -7.51
CA VAL A 35 -2.12 3.70 -6.89
C VAL A 35 -2.36 5.19 -6.73
N GLN A 36 -2.13 5.71 -5.53
CA GLN A 36 -2.32 7.12 -5.25
C GLN A 36 -1.01 7.78 -4.82
N TYR A 37 -0.28 7.08 -3.96
CA TYR A 37 1.00 7.59 -3.46
C TYR A 37 2.15 6.66 -3.84
N LEU A 38 3.35 7.22 -3.96
CA LEU A 38 4.52 6.44 -4.31
C LEU A 38 5.79 7.06 -3.74
N GLY A 39 6.40 6.36 -2.78
CA GLY A 39 7.61 6.87 -2.16
C GLY A 39 7.77 6.39 -0.74
N GLU A 40 8.56 7.12 0.05
CA GLU A 40 8.79 6.77 1.45
C GLU A 40 7.65 7.27 2.33
N THR A 41 7.46 6.60 3.46
CA THR A 41 6.41 6.96 4.39
C THR A 41 6.99 7.63 5.64
N GLN A 42 6.11 7.98 6.58
CA GLN A 42 6.55 8.62 7.82
C GLN A 42 6.47 7.66 8.99
N PHE A 43 5.42 6.84 9.01
CA PHE A 43 5.24 5.87 10.08
C PHE A 43 6.39 4.85 10.11
N ALA A 44 6.93 4.56 8.93
CA ALA A 44 8.03 3.62 8.82
C ALA A 44 8.96 3.99 7.67
N PRO A 45 10.27 3.68 7.80
CA PRO A 45 11.26 3.99 6.78
C PRO A 45 11.13 3.09 5.56
N GLY A 46 12.13 3.13 4.68
CA GLY A 46 12.10 2.31 3.49
C GLY A 46 11.19 2.86 2.42
N GLN A 47 10.93 2.07 1.38
CA GLN A 47 10.06 2.49 0.30
C GLN A 47 8.64 1.97 0.50
N TRP A 48 7.66 2.80 0.17
CA TRP A 48 6.25 2.44 0.32
C TRP A 48 5.45 2.85 -0.91
N ALA A 49 4.24 2.32 -1.02
CA ALA A 49 3.36 2.63 -2.15
C ALA A 49 1.90 2.62 -1.72
N GLY A 50 1.27 3.79 -1.74
CA GLY A 50 -0.13 3.89 -1.36
C GLY A 50 -1.06 3.41 -2.45
N VAL A 51 -1.81 2.35 -2.16
CA VAL A 51 -2.75 1.79 -3.12
C VAL A 51 -4.18 1.87 -2.59
N VAL A 52 -5.13 2.03 -3.51
CA VAL A 52 -6.54 2.11 -3.14
C VAL A 52 -7.32 0.92 -3.68
N LEU A 53 -7.77 0.05 -2.77
CA LEU A 53 -8.54 -1.13 -3.15
C LEU A 53 -9.86 -0.74 -3.80
N ASP A 54 -10.52 -1.71 -4.43
CA ASP A 54 -11.79 -1.47 -5.08
C ASP A 54 -12.95 -1.92 -4.20
N ASP A 55 -12.75 -1.86 -2.89
CA ASP A 55 -13.77 -2.26 -1.93
C ASP A 55 -13.29 -2.06 -0.50
N PRO A 56 -14.21 -2.12 0.48
CA PRO A 56 -13.87 -1.96 1.89
C PRO A 56 -13.10 -3.15 2.44
N VAL A 57 -11.91 -3.38 1.89
CA VAL A 57 -11.06 -4.48 2.33
C VAL A 57 -9.62 -4.03 2.54
N GLY A 58 -9.45 -2.77 2.90
CA GLY A 58 -8.12 -2.24 3.12
C GLY A 58 -7.77 -2.14 4.60
N LYS A 59 -7.09 -1.07 4.97
CA LYS A 59 -6.69 -0.86 6.37
C LYS A 59 -6.85 0.60 6.77
N ASN A 60 -6.08 1.46 6.12
CA ASN A 60 -6.12 2.90 6.41
C ASN A 60 -7.12 3.61 5.49
N ASP A 61 -7.19 4.92 5.60
CA ASP A 61 -8.09 5.71 4.77
C ASP A 61 -7.33 6.84 4.06
N GLY A 62 -6.07 6.56 3.71
CA GLY A 62 -5.27 7.55 3.03
C GLY A 62 -4.20 8.15 3.92
N ALA A 63 -4.58 8.47 5.15
CA ALA A 63 -3.65 9.05 6.11
C ALA A 63 -3.18 8.01 7.12
N VAL A 64 -1.91 8.11 7.51
CA VAL A 64 -1.34 7.18 8.48
C VAL A 64 -0.25 7.84 9.32
N GLY A 65 -0.36 7.71 10.63
CA GLY A 65 0.62 8.30 11.52
C GLY A 65 0.63 9.82 11.44
N GLY A 66 -0.54 10.42 11.55
CA GLY A 66 -0.63 11.87 11.48
C GLY A 66 -0.10 12.43 10.18
N VAL A 67 -0.17 11.62 9.11
CA VAL A 67 0.31 12.04 7.81
C VAL A 67 -0.71 11.73 6.72
N ARG A 68 -0.96 12.70 5.85
CA ARG A 68 -1.92 12.53 4.76
C ARG A 68 -1.20 12.32 3.43
N TYR A 69 -1.47 11.18 2.79
CA TYR A 69 -0.84 10.87 1.50
C TYR A 69 -1.83 11.07 0.36
N PHE A 70 -3.00 10.45 0.48
CA PHE A 70 -4.04 10.56 -0.53
C PHE A 70 -5.42 10.55 0.09
N GLU A 71 -6.38 11.16 -0.60
CA GLU A 71 -7.75 11.23 -0.12
C GLU A 71 -8.63 10.18 -0.80
N CYS A 72 -9.21 9.28 -0.01
CA CYS A 72 -10.07 8.23 -0.54
C CYS A 72 -10.95 7.65 0.55
N PRO A 73 -11.99 6.88 0.16
CA PRO A 73 -12.92 6.27 1.12
C PRO A 73 -12.19 5.48 2.20
N ALA A 74 -12.86 5.29 3.34
CA ALA A 74 -12.29 4.55 4.45
C ALA A 74 -12.20 3.06 4.14
N LEU A 75 -11.26 2.38 4.78
CA LEU A 75 -11.07 0.95 4.57
C LEU A 75 -10.73 0.65 3.12
N GLN A 76 -10.08 1.61 2.46
CA GLN A 76 -9.68 1.44 1.07
C GLN A 76 -8.23 1.84 0.85
N GLY A 77 -7.85 2.97 1.43
CA GLY A 77 -6.48 3.45 1.30
C GLY A 77 -5.49 2.61 2.06
N ILE A 78 -5.18 1.43 1.53
CA ILE A 78 -4.24 0.52 2.17
C ILE A 78 -2.81 0.84 1.77
N PHE A 79 -1.87 0.65 2.69
CA PHE A 79 -0.47 0.91 2.43
C PHE A 79 0.34 -0.39 2.39
N THR A 80 1.21 -0.50 1.39
CA THR A 80 2.04 -1.69 1.23
C THR A 80 3.27 -1.39 0.39
N ARG A 81 4.30 -2.22 0.54
CA ARG A 81 5.54 -2.04 -0.20
C ARG A 81 5.30 -2.18 -1.70
N PRO A 82 5.96 -1.33 -2.52
CA PRO A 82 5.81 -1.37 -3.98
C PRO A 82 6.25 -2.71 -4.56
N SER A 83 7.31 -3.27 -4.00
CA SER A 83 7.84 -4.56 -4.47
C SER A 83 6.79 -5.65 -4.32
N LYS A 84 5.86 -5.46 -3.38
CA LYS A 84 4.81 -6.45 -3.14
C LYS A 84 3.72 -6.33 -4.20
N LEU A 85 3.53 -5.13 -4.73
CA LEU A 85 2.52 -4.90 -5.76
C LEU A 85 2.87 -5.63 -7.05
N THR A 86 1.83 -6.08 -7.76
CA THR A 86 2.03 -6.80 -9.02
C THR A 86 1.13 -6.24 -10.11
N ARG A 87 1.37 -6.65 -11.34
CA ARG A 87 0.58 -6.19 -12.48
C ARG A 87 -0.19 -7.35 -13.10
N GLN A 88 -0.55 -8.33 -12.28
CA GLN A 88 -1.30 -9.49 -12.76
C GLN A 88 -1.63 -10.43 -11.59
N PRO A 89 -2.85 -11.00 -11.58
CA PRO A 89 -3.28 -11.91 -10.52
C PRO A 89 -2.32 -13.08 -10.34
N SER A 90 -1.99 -13.38 -9.08
CA SER A 90 -1.07 -14.48 -8.77
C SER A 90 -1.72 -15.82 -9.05
N GLY A 91 -3.04 -15.89 -8.89
CA GLY A 91 -3.77 -17.12 -9.13
C GLY A 91 -4.77 -17.00 -10.26
N PRO A 92 -4.35 -17.23 -11.52
CA PRO A 92 -5.23 -17.14 -12.68
C PRO A 92 -6.50 -17.98 -12.51
N SER A 93 -7.65 -17.35 -12.73
CA SER A 93 -8.93 -18.03 -12.61
C SER A 93 -10.00 -17.35 -13.45
N SER A 94 -10.69 -18.13 -14.27
CA SER A 94 -11.73 -17.60 -15.14
C SER A 94 -12.95 -18.52 -15.15
N GLY A 95 -14.13 -17.93 -15.19
CA GLY A 95 -15.35 -18.71 -15.20
C GLY A 95 -16.54 -17.92 -15.72
N GLY A 1 4.72 -1.43 27.15
CA GLY A 1 6.17 -1.27 26.85
C GLY A 1 6.43 -0.21 25.80
N SER A 2 7.67 0.27 25.75
CA SER A 2 8.04 1.30 24.77
C SER A 2 9.52 1.19 24.42
N SER A 3 10.00 2.12 23.59
CA SER A 3 11.39 2.14 23.18
C SER A 3 11.72 3.40 22.40
N GLY A 4 10.82 3.78 21.50
CA GLY A 4 11.03 4.97 20.70
C GLY A 4 10.69 4.75 19.24
N SER A 5 10.85 3.52 18.77
CA SER A 5 10.56 3.19 17.38
C SER A 5 9.05 3.16 17.14
N SER A 6 8.66 3.09 15.87
CA SER A 6 7.25 3.06 15.50
C SER A 6 6.95 1.85 14.63
N GLY A 7 5.68 1.44 14.59
CA GLY A 7 5.29 0.30 13.80
C GLY A 7 5.92 -1.00 14.27
N ALA A 8 5.37 -2.12 13.81
CA ALA A 8 5.89 -3.43 14.20
C ALA A 8 5.77 -4.43 13.06
N ALA A 9 4.55 -4.55 12.53
CA ALA A 9 4.29 -5.48 11.43
C ALA A 9 4.50 -4.79 10.08
N GLU A 10 4.22 -3.51 10.03
CA GLU A 10 4.37 -2.73 8.79
C GLU A 10 5.84 -2.43 8.53
N VAL A 11 6.29 -2.71 7.30
CA VAL A 11 7.67 -2.47 6.92
C VAL A 11 7.78 -2.16 5.43
N GLY A 12 8.79 -1.38 5.06
CA GLY A 12 8.98 -1.03 3.67
C GLY A 12 10.04 -1.88 3.00
N ASP A 13 10.24 -1.67 1.70
CA ASP A 13 11.23 -2.43 0.94
C ASP A 13 12.32 -1.50 0.41
N ASP A 14 13.35 -2.10 -0.18
CA ASP A 14 14.47 -1.33 -0.73
C ASP A 14 14.33 -1.18 -2.24
N PHE A 15 13.09 -1.09 -2.71
CA PHE A 15 12.81 -0.95 -4.14
C PHE A 15 11.39 -0.46 -4.37
N LEU A 16 11.19 0.27 -5.46
CA LEU A 16 9.87 0.79 -5.81
C LEU A 16 9.27 0.02 -6.97
N GLY A 17 10.13 -0.46 -7.87
CA GLY A 17 9.66 -1.21 -9.02
C GLY A 17 9.51 -0.34 -10.25
N ASP A 18 8.36 -0.41 -10.89
CA ASP A 18 8.09 0.37 -12.09
C ASP A 18 6.63 0.81 -12.14
N PHE A 19 6.06 1.10 -10.98
CA PHE A 19 4.67 1.54 -10.89
C PHE A 19 4.57 3.06 -10.91
N VAL A 20 3.37 3.57 -11.17
CA VAL A 20 3.15 5.01 -11.21
C VAL A 20 1.92 5.39 -10.39
N VAL A 21 1.64 6.69 -10.33
CA VAL A 21 0.49 7.19 -9.57
C VAL A 21 -0.76 7.24 -10.43
N GLY A 22 -1.76 6.45 -10.06
CA GLY A 22 -3.00 6.41 -10.81
C GLY A 22 -3.10 5.19 -11.70
N GLU A 23 -2.61 4.06 -11.21
CA GLU A 23 -2.65 2.82 -11.97
C GLU A 23 -3.17 1.66 -11.11
N ARG A 24 -3.55 0.57 -11.77
CA ARG A 24 -4.07 -0.59 -11.07
C ARG A 24 -2.96 -1.60 -10.80
N VAL A 25 -2.98 -2.21 -9.62
CA VAL A 25 -1.98 -3.20 -9.24
C VAL A 25 -2.53 -4.17 -8.20
N TRP A 26 -2.24 -5.46 -8.39
CA TRP A 26 -2.70 -6.48 -7.46
C TRP A 26 -1.81 -6.54 -6.23
N VAL A 27 -2.36 -6.18 -5.08
CA VAL A 27 -1.61 -6.20 -3.84
C VAL A 27 -1.38 -7.62 -3.35
N ASN A 28 -0.13 -8.07 -3.41
CA ASN A 28 0.21 -9.42 -2.98
C ASN A 28 -0.56 -10.47 -3.78
N GLY A 29 -0.86 -10.14 -5.03
CA GLY A 29 -1.60 -11.06 -5.87
C GLY A 29 -2.95 -11.43 -5.30
N VAL A 30 -3.52 -10.52 -4.51
CA VAL A 30 -4.82 -10.76 -3.90
C VAL A 30 -5.92 -10.01 -4.63
N LYS A 31 -5.88 -8.68 -4.57
CA LYS A 31 -6.87 -7.85 -5.23
C LYS A 31 -6.23 -6.60 -5.83
N PRO A 32 -6.76 -6.10 -6.95
CA PRO A 32 -6.23 -4.91 -7.62
C PRO A 32 -6.55 -3.63 -6.86
N GLY A 33 -5.69 -2.63 -7.00
CA GLY A 33 -5.89 -1.37 -6.32
C GLY A 33 -5.31 -0.19 -7.08
N VAL A 34 -5.94 0.97 -6.95
CA VAL A 34 -5.48 2.18 -7.63
C VAL A 34 -4.41 2.90 -6.81
N VAL A 35 -3.20 2.92 -7.34
CA VAL A 35 -2.09 3.57 -6.66
C VAL A 35 -2.28 5.09 -6.63
N GLN A 36 -2.14 5.67 -5.44
CA GLN A 36 -2.30 7.11 -5.27
C GLN A 36 -0.99 7.75 -4.82
N TYR A 37 -0.33 7.12 -3.86
CA TYR A 37 0.93 7.62 -3.34
C TYR A 37 2.08 6.66 -3.64
N LEU A 38 3.27 7.20 -3.88
CA LEU A 38 4.44 6.39 -4.18
C LEU A 38 5.71 7.04 -3.63
N GLY A 39 6.21 6.50 -2.52
CA GLY A 39 7.40 7.03 -1.91
C GLY A 39 7.55 6.63 -0.46
N GLU A 40 8.29 7.43 0.31
CA GLU A 40 8.49 7.16 1.72
C GLU A 40 7.24 7.46 2.53
N THR A 41 7.22 7.01 3.78
CA THR A 41 6.09 7.23 4.66
C THR A 41 6.51 7.91 5.96
N GLN A 42 5.54 8.20 6.82
CA GLN A 42 5.82 8.85 8.10
C GLN A 42 5.49 7.93 9.26
N PHE A 43 5.57 6.62 9.03
CA PHE A 43 5.28 5.64 10.07
C PHE A 43 6.34 4.55 10.10
N ALA A 44 6.73 4.07 8.93
CA ALA A 44 7.73 3.01 8.82
C ALA A 44 8.76 3.36 7.75
N PRO A 45 10.02 2.90 7.94
CA PRO A 45 11.10 3.17 6.99
C PRO A 45 10.92 2.40 5.68
N GLY A 46 11.92 2.50 4.80
CA GLY A 46 11.84 1.80 3.53
C GLY A 46 10.84 2.43 2.58
N GLN A 47 10.89 2.04 1.32
CA GLN A 47 9.97 2.57 0.31
C GLN A 47 8.55 2.08 0.57
N TRP A 48 7.57 2.87 0.13
CA TRP A 48 6.17 2.51 0.30
C TRP A 48 5.36 2.91 -0.92
N ALA A 49 4.11 2.46 -0.96
CA ALA A 49 3.21 2.77 -2.07
C ALA A 49 1.75 2.68 -1.65
N GLY A 50 1.07 3.82 -1.65
CA GLY A 50 -0.33 3.84 -1.25
C GLY A 50 -1.25 3.33 -2.36
N VAL A 51 -1.88 2.19 -2.12
CA VAL A 51 -2.79 1.59 -3.09
C VAL A 51 -4.23 1.65 -2.60
N VAL A 52 -5.13 2.13 -3.46
CA VAL A 52 -6.54 2.23 -3.11
C VAL A 52 -7.32 1.04 -3.66
N LEU A 53 -7.80 0.19 -2.75
CA LEU A 53 -8.57 -0.99 -3.13
C LEU A 53 -9.93 -0.59 -3.69
N ASP A 54 -10.41 -1.36 -4.67
CA ASP A 54 -11.70 -1.10 -5.29
C ASP A 54 -12.83 -1.24 -4.27
N ASP A 55 -12.65 -2.15 -3.32
CA ASP A 55 -13.66 -2.38 -2.28
C ASP A 55 -13.09 -2.09 -0.90
N PRO A 56 -13.97 -1.78 0.07
CA PRO A 56 -13.55 -1.48 1.45
C PRO A 56 -13.03 -2.72 2.18
N VAL A 57 -11.79 -3.08 1.89
CA VAL A 57 -11.17 -4.24 2.52
C VAL A 57 -9.66 -4.07 2.64
N GLY A 58 -9.22 -2.83 2.83
CA GLY A 58 -7.80 -2.55 2.95
C GLY A 58 -7.37 -2.41 4.40
N LYS A 59 -6.74 -1.29 4.72
CA LYS A 59 -6.26 -1.04 6.08
C LYS A 59 -6.46 0.42 6.47
N ASN A 60 -5.71 1.31 5.82
CA ASN A 60 -5.81 2.73 6.09
C ASN A 60 -6.76 3.41 5.11
N ASP A 61 -6.91 4.73 5.27
CA ASP A 61 -7.79 5.50 4.40
C ASP A 61 -7.01 6.61 3.70
N GLY A 62 -5.76 6.33 3.34
CA GLY A 62 -4.93 7.32 2.68
C GLY A 62 -4.33 8.31 3.64
N ALA A 63 -4.24 7.92 4.92
CA ALA A 63 -3.67 8.79 5.94
C ALA A 63 -3.23 7.99 7.16
N VAL A 64 -1.93 8.02 7.44
CA VAL A 64 -1.39 7.29 8.59
C VAL A 64 -0.77 8.25 9.60
N GLY A 65 -1.42 8.38 10.75
CA GLY A 65 -0.92 9.28 11.79
C GLY A 65 -1.29 10.72 11.55
N GLY A 66 -0.29 11.57 11.34
CA GLY A 66 -0.55 12.98 11.09
C GLY A 66 -0.10 13.42 9.72
N VAL A 67 -0.29 12.56 8.73
CA VAL A 67 0.09 12.87 7.36
C VAL A 67 -0.84 12.20 6.36
N ARG A 68 -1.46 13.00 5.50
CA ARG A 68 -2.37 12.49 4.50
C ARG A 68 -1.65 12.25 3.17
N TYR A 69 -1.85 11.07 2.60
CA TYR A 69 -1.22 10.71 1.34
C TYR A 69 -2.18 10.93 0.16
N PHE A 70 -3.42 10.51 0.34
CA PHE A 70 -4.43 10.65 -0.69
C PHE A 70 -5.84 10.62 -0.10
N GLU A 71 -6.75 11.35 -0.71
CA GLU A 71 -8.13 11.41 -0.25
C GLU A 71 -8.94 10.25 -0.82
N CYS A 72 -9.19 9.24 0.01
CA CYS A 72 -9.96 8.07 -0.41
C CYS A 72 -10.81 7.53 0.74
N PRO A 73 -11.85 6.76 0.41
CA PRO A 73 -12.75 6.18 1.42
C PRO A 73 -11.99 5.44 2.52
N ALA A 74 -12.73 4.91 3.49
CA ALA A 74 -12.12 4.17 4.59
C ALA A 74 -11.93 2.70 4.23
N LEU A 75 -10.89 2.10 4.80
CA LEU A 75 -10.61 0.69 4.54
C LEU A 75 -10.34 0.45 3.05
N GLN A 76 -9.80 1.47 2.39
CA GLN A 76 -9.50 1.36 0.96
C GLN A 76 -8.04 1.70 0.69
N GLY A 77 -7.53 2.71 1.39
CA GLY A 77 -6.15 3.11 1.20
C GLY A 77 -5.18 2.20 1.94
N ILE A 78 -4.78 1.11 1.30
CA ILE A 78 -3.86 0.16 1.90
C ILE A 78 -2.43 0.43 1.45
N PHE A 79 -1.51 0.54 2.41
CA PHE A 79 -0.12 0.79 2.10
C PHE A 79 0.71 -0.49 2.19
N THR A 80 1.51 -0.75 1.15
CA THR A 80 2.34 -1.94 1.10
C THR A 80 3.55 -1.72 0.21
N ARG A 81 4.56 -2.57 0.36
CA ARG A 81 5.77 -2.47 -0.44
C ARG A 81 5.46 -2.64 -1.93
N PRO A 82 5.94 -1.70 -2.77
CA PRO A 82 5.71 -1.76 -4.22
C PRO A 82 6.12 -3.10 -4.82
N SER A 83 7.24 -3.64 -4.33
CA SER A 83 7.74 -4.91 -4.82
C SER A 83 6.71 -6.02 -4.65
N LYS A 84 5.89 -5.91 -3.61
CA LYS A 84 4.87 -6.90 -3.33
C LYS A 84 3.73 -6.80 -4.35
N LEU A 85 3.49 -5.60 -4.85
CA LEU A 85 2.43 -5.37 -5.83
C LEU A 85 2.75 -6.08 -7.15
N THR A 86 1.73 -6.28 -7.97
CA THR A 86 1.90 -6.94 -9.25
C THR A 86 0.89 -6.43 -10.27
N ARG A 87 1.09 -6.78 -11.54
CA ARG A 87 0.20 -6.35 -12.60
C ARG A 87 -0.71 -7.49 -13.05
N GLN A 88 -1.01 -8.41 -12.13
CA GLN A 88 -1.86 -9.55 -12.43
C GLN A 88 -2.10 -10.39 -11.19
N PRO A 89 -3.30 -10.98 -11.05
CA PRO A 89 -3.64 -11.82 -9.90
C PRO A 89 -2.94 -13.18 -9.94
N SER A 90 -2.05 -13.40 -8.97
CA SER A 90 -1.31 -14.65 -8.90
C SER A 90 -1.91 -15.58 -7.85
N GLY A 91 -1.44 -16.82 -7.81
CA GLY A 91 -1.95 -17.78 -6.85
C GLY A 91 -0.95 -18.89 -6.56
N PRO A 92 -1.44 -20.12 -6.29
CA PRO A 92 -0.57 -21.26 -6.00
C PRO A 92 0.48 -21.49 -7.07
N SER A 93 0.22 -20.99 -8.28
CA SER A 93 1.14 -21.13 -9.40
C SER A 93 1.19 -22.58 -9.87
N SER A 94 1.05 -22.77 -11.17
CA SER A 94 1.07 -24.11 -11.77
C SER A 94 2.40 -24.80 -11.47
N GLY A 95 2.33 -26.11 -11.23
CA GLY A 95 3.53 -26.87 -10.95
C GLY A 95 3.30 -27.95 -9.90
N GLY A 1 15.79 1.91 21.35
CA GLY A 1 15.17 0.76 20.65
C GLY A 1 15.84 0.45 19.32
N SER A 2 17.17 0.45 19.33
CA SER A 2 17.93 0.16 18.12
C SER A 2 18.36 -1.31 18.06
N SER A 3 19.11 -1.66 17.03
CA SER A 3 19.59 -3.03 16.87
C SER A 3 18.41 -3.99 16.74
N GLY A 4 18.00 -4.27 15.51
CA GLY A 4 16.89 -5.17 15.28
C GLY A 4 15.86 -4.60 14.32
N SER A 5 14.61 -4.57 14.77
CA SER A 5 13.52 -4.05 13.94
C SER A 5 13.08 -2.67 14.43
N SER A 6 13.69 -1.63 13.86
CA SER A 6 13.37 -0.25 14.24
C SER A 6 12.07 0.19 13.58
N GLY A 7 11.31 1.03 14.28
CA GLY A 7 10.07 1.52 13.75
C GLY A 7 8.88 1.21 14.64
N ALA A 8 7.68 1.39 14.12
CA ALA A 8 6.46 1.12 14.88
C ALA A 8 6.03 -0.33 14.72
N ALA A 9 5.90 -0.77 13.47
CA ALA A 9 5.49 -2.14 13.20
C ALA A 9 5.72 -2.50 11.73
N GLU A 10 5.35 -1.58 10.84
CA GLU A 10 5.52 -1.79 9.41
C GLU A 10 6.91 -1.38 8.96
N VAL A 11 7.40 -1.99 7.88
CA VAL A 11 8.72 -1.68 7.35
C VAL A 11 8.71 -1.69 5.82
N GLY A 12 9.28 -0.65 5.23
CA GLY A 12 9.33 -0.55 3.79
C GLY A 12 10.64 -1.06 3.22
N ASP A 13 10.59 -1.55 1.99
CA ASP A 13 11.78 -2.08 1.33
C ASP A 13 12.40 -1.03 0.41
N ASP A 14 13.63 -1.29 -0.04
CA ASP A 14 14.33 -0.37 -0.91
C ASP A 14 14.21 -0.80 -2.37
N PHE A 15 13.07 -1.35 -2.72
CA PHE A 15 12.82 -1.81 -4.09
C PHE A 15 12.18 -0.71 -4.92
N LEU A 16 10.91 -0.42 -4.65
CA LEU A 16 10.19 0.61 -5.38
C LEU A 16 10.18 0.33 -6.88
N GLY A 17 9.09 -0.26 -7.36
CA GLY A 17 8.98 -0.58 -8.76
C GLY A 17 8.70 0.64 -9.62
N ASP A 18 8.25 0.42 -10.85
CA ASP A 18 7.94 1.50 -11.76
C ASP A 18 6.44 1.78 -11.80
N PHE A 19 5.80 1.64 -10.64
CA PHE A 19 4.36 1.88 -10.54
C PHE A 19 4.05 3.37 -10.61
N VAL A 20 2.98 3.71 -11.34
CA VAL A 20 2.58 5.10 -11.49
C VAL A 20 1.25 5.36 -10.79
N VAL A 21 0.83 6.62 -10.79
CA VAL A 21 -0.42 7.00 -10.15
C VAL A 21 -1.59 6.92 -11.13
N GLY A 22 -2.55 6.06 -10.82
CA GLY A 22 -3.71 5.90 -11.70
C GLY A 22 -3.87 4.48 -12.17
N GLU A 23 -2.76 3.77 -12.32
CA GLU A 23 -2.80 2.37 -12.77
C GLU A 23 -3.37 1.46 -11.69
N ARG A 24 -3.52 0.19 -12.03
CA ARG A 24 -4.05 -0.79 -11.09
C ARG A 24 -3.03 -1.88 -10.77
N VAL A 25 -2.77 -2.08 -9.49
CA VAL A 25 -1.81 -3.09 -9.06
C VAL A 25 -2.42 -4.04 -8.04
N TRP A 26 -2.14 -5.33 -8.19
CA TRP A 26 -2.67 -6.34 -7.28
C TRP A 26 -1.82 -6.44 -6.03
N VAL A 27 -2.43 -6.13 -4.88
CA VAL A 27 -1.74 -6.18 -3.60
C VAL A 27 -1.49 -7.62 -3.18
N ASN A 28 -0.21 -8.01 -3.14
CA ASN A 28 0.17 -9.35 -2.75
C ASN A 28 -0.45 -10.39 -3.68
N GLY A 29 -0.69 -9.99 -4.93
CA GLY A 29 -1.28 -10.90 -5.90
C GLY A 29 -2.62 -11.45 -5.44
N VAL A 30 -3.50 -10.55 -4.99
CA VAL A 30 -4.82 -10.95 -4.53
C VAL A 30 -5.91 -10.08 -5.15
N LYS A 31 -5.91 -8.80 -4.79
CA LYS A 31 -6.90 -7.86 -5.31
C LYS A 31 -6.22 -6.62 -5.88
N PRO A 32 -6.78 -6.05 -6.96
CA PRO A 32 -6.22 -4.85 -7.59
C PRO A 32 -6.46 -3.59 -6.78
N GLY A 33 -5.64 -2.57 -7.02
CA GLY A 33 -5.78 -1.32 -6.30
C GLY A 33 -5.22 -0.14 -7.07
N VAL A 34 -5.93 0.99 -7.01
CA VAL A 34 -5.51 2.19 -7.71
C VAL A 34 -4.39 2.90 -6.94
N VAL A 35 -3.20 2.90 -7.52
CA VAL A 35 -2.04 3.54 -6.90
C VAL A 35 -2.23 5.06 -6.82
N GLN A 36 -2.08 5.60 -5.62
CA GLN A 36 -2.22 7.03 -5.41
C GLN A 36 -0.89 7.67 -5.05
N TYR A 37 -0.28 7.20 -3.97
CA TYR A 37 1.01 7.73 -3.52
C TYR A 37 2.13 6.73 -3.79
N LEU A 38 3.31 7.25 -4.10
CA LEU A 38 4.47 6.41 -4.37
C LEU A 38 5.75 7.04 -3.84
N GLY A 39 6.34 6.40 -2.83
CA GLY A 39 7.57 6.92 -2.25
C GLY A 39 7.70 6.58 -0.78
N GLU A 40 8.60 7.26 -0.09
CA GLU A 40 8.82 7.03 1.33
C GLU A 40 7.61 7.45 2.15
N THR A 41 7.61 7.07 3.43
CA THR A 41 6.50 7.41 4.32
C THR A 41 7.01 8.07 5.59
N GLN A 42 6.09 8.38 6.50
CA GLN A 42 6.45 9.02 7.76
C GLN A 42 6.28 8.06 8.92
N PHE A 43 5.25 7.22 8.85
CA PHE A 43 4.98 6.25 9.90
C PHE A 43 6.09 5.21 9.99
N ALA A 44 6.57 4.78 8.83
CA ALA A 44 7.63 3.78 8.78
C ALA A 44 8.65 4.13 7.69
N PRO A 45 9.93 3.74 7.89
CA PRO A 45 10.99 4.01 6.92
C PRO A 45 10.86 3.17 5.67
N GLY A 46 11.91 3.17 4.84
CA GLY A 46 11.88 2.40 3.62
C GLY A 46 10.90 2.95 2.61
N GLN A 47 10.92 2.39 1.39
CA GLN A 47 10.03 2.83 0.33
C GLN A 47 8.62 2.28 0.55
N TRP A 48 7.63 2.94 -0.04
CA TRP A 48 6.25 2.51 0.08
C TRP A 48 5.46 2.84 -1.18
N ALA A 49 4.22 2.35 -1.24
CA ALA A 49 3.36 2.59 -2.40
C ALA A 49 1.89 2.58 -2.01
N GLY A 50 1.33 3.77 -1.84
CA GLY A 50 -0.08 3.88 -1.47
C GLY A 50 -1.01 3.40 -2.56
N VAL A 51 -1.75 2.33 -2.27
CA VAL A 51 -2.69 1.78 -3.23
C VAL A 51 -4.11 1.80 -2.70
N VAL A 52 -5.06 2.13 -3.57
CA VAL A 52 -6.47 2.20 -3.18
C VAL A 52 -7.24 1.00 -3.71
N LEU A 53 -7.66 0.13 -2.80
CA LEU A 53 -8.42 -1.06 -3.16
C LEU A 53 -9.83 -0.70 -3.59
N ASP A 54 -10.38 -1.48 -4.51
CA ASP A 54 -11.73 -1.24 -5.01
C ASP A 54 -12.76 -1.34 -3.88
N ASP A 55 -12.62 -2.37 -3.05
CA ASP A 55 -13.52 -2.58 -1.93
C ASP A 55 -12.88 -2.17 -0.61
N PRO A 56 -13.70 -1.88 0.41
CA PRO A 56 -13.20 -1.48 1.73
C PRO A 56 -12.51 -2.62 2.46
N VAL A 57 -11.39 -3.09 1.92
CA VAL A 57 -10.64 -4.18 2.52
C VAL A 57 -9.17 -3.83 2.66
N GLY A 58 -8.89 -2.54 2.84
CA GLY A 58 -7.52 -2.09 2.98
C GLY A 58 -7.06 -2.06 4.43
N LYS A 59 -6.39 -0.98 4.81
CA LYS A 59 -5.90 -0.82 6.18
C LYS A 59 -6.18 0.57 6.71
N ASN A 60 -5.74 1.58 5.97
CA ASN A 60 -5.95 2.98 6.36
C ASN A 60 -6.98 3.64 5.46
N ASP A 61 -7.36 4.88 5.81
CA ASP A 61 -8.34 5.62 5.03
C ASP A 61 -7.66 6.77 4.28
N GLY A 62 -6.40 6.57 3.90
CA GLY A 62 -5.67 7.59 3.18
C GLY A 62 -4.56 8.20 4.01
N ALA A 63 -4.74 8.20 5.33
CA ALA A 63 -3.75 8.77 6.23
C ALA A 63 -3.17 7.69 7.15
N VAL A 64 -1.94 7.91 7.60
CA VAL A 64 -1.27 6.95 8.48
C VAL A 64 -0.40 7.67 9.51
N GLY A 65 -0.74 7.51 10.78
CA GLY A 65 0.01 8.15 11.84
C GLY A 65 -0.09 9.66 11.81
N GLY A 66 -1.28 10.15 11.46
CA GLY A 66 -1.49 11.60 11.40
C GLY A 66 -0.86 12.22 10.16
N VAL A 67 -0.74 11.43 9.10
CA VAL A 67 -0.16 11.91 7.86
C VAL A 67 -0.96 11.45 6.65
N ARG A 68 -1.66 12.37 6.02
CA ARG A 68 -2.48 12.06 4.85
C ARG A 68 -1.63 12.07 3.58
N TYR A 69 -1.73 11.00 2.80
CA TYR A 69 -0.96 10.89 1.56
C TYR A 69 -1.87 11.13 0.35
N PHE A 70 -3.07 10.55 0.38
CA PHE A 70 -4.01 10.70 -0.71
C PHE A 70 -5.45 10.68 -0.19
N GLU A 71 -6.29 11.54 -0.75
CA GLU A 71 -7.69 11.62 -0.34
C GLU A 71 -8.51 10.51 -0.99
N CYS A 72 -8.90 9.53 -0.18
CA CYS A 72 -9.70 8.40 -0.68
C CYS A 72 -10.65 7.90 0.40
N PRO A 73 -11.62 7.04 0.01
CA PRO A 73 -12.60 6.48 0.95
C PRO A 73 -11.93 5.85 2.17
N ALA A 74 -12.75 5.29 3.06
CA ALA A 74 -12.23 4.65 4.27
C ALA A 74 -11.97 3.17 4.02
N LEU A 75 -10.94 2.64 4.68
CA LEU A 75 -10.58 1.24 4.54
C LEU A 75 -10.26 0.89 3.09
N GLN A 76 -9.78 1.88 2.34
CA GLN A 76 -9.43 1.69 0.94
C GLN A 76 -7.97 2.05 0.68
N GLY A 77 -7.53 3.13 1.30
CA GLY A 77 -6.16 3.57 1.13
C GLY A 77 -5.16 2.73 1.91
N ILE A 78 -4.93 1.51 1.43
CA ILE A 78 -4.00 0.60 2.10
C ILE A 78 -2.56 0.92 1.71
N PHE A 79 -1.65 0.73 2.67
CA PHE A 79 -0.24 0.99 2.42
C PHE A 79 0.57 -0.30 2.44
N THR A 80 1.30 -0.55 1.36
CA THR A 80 2.12 -1.76 1.26
C THR A 80 3.34 -1.51 0.37
N ARG A 81 4.35 -2.37 0.51
CA ARG A 81 5.57 -2.23 -0.28
C ARG A 81 5.28 -2.38 -1.77
N PRO A 82 5.86 -1.51 -2.61
CA PRO A 82 5.65 -1.57 -4.06
C PRO A 82 5.94 -2.95 -4.64
N SER A 83 7.00 -3.57 -4.14
CA SER A 83 7.39 -4.91 -4.61
C SER A 83 6.27 -5.92 -4.36
N LYS A 84 5.58 -5.77 -3.24
CA LYS A 84 4.49 -6.67 -2.88
C LYS A 84 3.38 -6.61 -3.93
N LEU A 85 3.24 -5.46 -4.58
CA LEU A 85 2.22 -5.28 -5.60
C LEU A 85 2.63 -5.94 -6.91
N THR A 86 1.64 -6.34 -7.69
CA THR A 86 1.89 -6.99 -8.97
C THR A 86 0.94 -6.47 -10.06
N ARG A 87 1.32 -6.67 -11.31
CA ARG A 87 0.51 -6.22 -12.44
C ARG A 87 -0.30 -7.37 -13.02
N GLN A 88 -0.75 -8.27 -12.15
CA GLN A 88 -1.54 -9.42 -12.58
C GLN A 88 -2.04 -10.22 -11.37
N PRO A 89 -3.23 -10.83 -11.49
CA PRO A 89 -3.81 -11.63 -10.40
C PRO A 89 -3.07 -12.95 -10.18
N SER A 90 -2.85 -13.29 -8.92
CA SER A 90 -2.16 -14.53 -8.58
C SER A 90 -3.12 -15.56 -8.03
N GLY A 91 -3.28 -16.66 -8.75
CA GLY A 91 -4.18 -17.71 -8.32
C GLY A 91 -3.71 -18.40 -7.05
N PRO A 92 -2.84 -19.42 -7.15
CA PRO A 92 -2.33 -20.15 -6.00
C PRO A 92 -1.37 -19.30 -5.16
N SER A 93 -0.86 -19.88 -4.08
CA SER A 93 0.07 -19.18 -3.20
C SER A 93 1.49 -19.72 -3.35
N SER A 94 1.60 -21.04 -3.47
CA SER A 94 2.90 -21.68 -3.63
C SER A 94 3.25 -21.85 -5.11
N GLY A 95 4.52 -22.11 -5.38
CA GLY A 95 4.97 -22.30 -6.74
C GLY A 95 4.48 -23.60 -7.35
N GLY A 1 15.12 -0.18 23.08
CA GLY A 1 13.96 -0.75 22.33
C GLY A 1 12.66 -0.60 23.09
N SER A 2 12.09 0.61 23.06
CA SER A 2 10.84 0.88 23.74
C SER A 2 9.68 0.12 23.08
N SER A 3 8.49 0.29 23.64
CA SER A 3 7.30 -0.38 23.10
C SER A 3 6.59 0.51 22.09
N GLY A 4 5.57 -0.05 21.43
CA GLY A 4 4.83 0.71 20.45
C GLY A 4 3.34 0.73 20.75
N SER A 5 2.57 1.35 19.86
CA SER A 5 1.12 1.44 20.03
C SER A 5 0.44 1.76 18.70
N SER A 6 0.67 2.97 18.20
CA SER A 6 0.07 3.40 16.94
C SER A 6 1.06 4.25 16.14
N GLY A 7 1.91 3.59 15.36
CA GLY A 7 2.88 4.30 14.55
C GLY A 7 3.45 3.44 13.44
N ALA A 8 4.41 2.59 13.79
CA ALA A 8 5.03 1.71 12.81
C ALA A 8 4.93 0.25 13.24
N ALA A 9 4.17 -0.53 12.48
CA ALA A 9 3.98 -1.94 12.78
C ALA A 9 4.88 -2.81 11.90
N GLU A 10 4.64 -2.76 10.60
CA GLU A 10 5.43 -3.54 9.65
C GLU A 10 6.59 -2.72 9.10
N VAL A 11 7.30 -3.29 8.13
CA VAL A 11 8.44 -2.60 7.52
C VAL A 11 8.36 -2.67 6.00
N GLY A 12 8.64 -1.54 5.35
CA GLY A 12 8.61 -1.48 3.90
C GLY A 12 9.82 -2.12 3.27
N ASP A 13 9.84 -2.16 1.94
CA ASP A 13 10.95 -2.76 1.20
C ASP A 13 12.05 -1.72 0.96
N ASP A 14 13.26 -2.21 0.66
CA ASP A 14 14.39 -1.34 0.39
C ASP A 14 14.59 -1.14 -1.10
N PHE A 15 13.50 -1.04 -1.84
CA PHE A 15 13.55 -0.85 -3.28
C PHE A 15 12.19 -0.44 -3.83
N LEU A 16 12.21 0.48 -4.80
CA LEU A 16 10.98 0.96 -5.40
C LEU A 16 10.66 0.21 -6.69
N GLY A 17 9.38 0.04 -6.98
CA GLY A 17 8.97 -0.66 -8.18
C GLY A 17 8.78 0.26 -9.36
N ASP A 18 8.28 -0.28 -10.47
CA ASP A 18 8.05 0.50 -11.67
C ASP A 18 6.58 0.90 -11.78
N PHE A 19 5.93 1.07 -10.63
CA PHE A 19 4.53 1.46 -10.60
C PHE A 19 4.37 2.97 -10.50
N VAL A 20 3.25 3.48 -10.99
CA VAL A 20 2.99 4.92 -10.96
C VAL A 20 1.61 5.21 -10.37
N VAL A 21 1.27 6.49 -10.29
CA VAL A 21 -0.03 6.90 -9.73
C VAL A 21 -1.09 6.94 -10.83
N GLY A 22 -2.26 6.40 -10.52
CA GLY A 22 -3.36 6.38 -11.47
C GLY A 22 -3.43 5.08 -12.24
N GLU A 23 -2.97 4.00 -11.62
CA GLU A 23 -2.99 2.68 -12.26
C GLU A 23 -3.43 1.61 -11.28
N ARG A 24 -3.71 0.41 -11.79
CA ARG A 24 -4.14 -0.70 -10.96
C ARG A 24 -2.97 -1.64 -10.67
N VAL A 25 -2.90 -2.12 -9.43
CA VAL A 25 -1.84 -3.03 -9.03
C VAL A 25 -2.34 -4.03 -7.99
N TRP A 26 -2.00 -5.30 -8.19
CA TRP A 26 -2.42 -6.36 -7.27
C TRP A 26 -1.50 -6.41 -6.06
N VAL A 27 -2.08 -6.21 -4.87
CA VAL A 27 -1.32 -6.23 -3.64
C VAL A 27 -1.08 -7.66 -3.17
N ASN A 28 0.14 -8.14 -3.32
CA ASN A 28 0.50 -9.50 -2.91
C ASN A 28 -0.35 -10.53 -3.66
N GLY A 29 -0.72 -10.19 -4.90
CA GLY A 29 -1.51 -11.10 -5.71
C GLY A 29 -2.85 -11.41 -5.07
N VAL A 30 -3.53 -10.37 -4.58
CA VAL A 30 -4.84 -10.54 -3.95
C VAL A 30 -5.93 -9.86 -4.76
N LYS A 31 -5.88 -8.53 -4.81
CA LYS A 31 -6.88 -7.76 -5.56
C LYS A 31 -6.25 -6.51 -6.16
N PRO A 32 -6.77 -6.05 -7.32
CA PRO A 32 -6.27 -4.85 -7.99
C PRO A 32 -6.63 -3.56 -7.26
N GLY A 33 -5.64 -2.71 -7.03
CA GLY A 33 -5.89 -1.46 -6.34
C GLY A 33 -5.35 -0.27 -7.10
N VAL A 34 -6.05 0.86 -6.99
CA VAL A 34 -5.64 2.08 -7.67
C VAL A 34 -4.57 2.82 -6.89
N VAL A 35 -3.38 2.90 -7.45
CA VAL A 35 -2.26 3.57 -6.79
C VAL A 35 -2.52 5.06 -6.67
N GLN A 36 -2.16 5.64 -5.53
CA GLN A 36 -2.35 7.07 -5.30
C GLN A 36 -1.06 7.72 -4.81
N TYR A 37 -0.40 7.07 -3.85
CA TYR A 37 0.85 7.59 -3.31
C TYR A 37 2.01 6.68 -3.66
N LEU A 38 3.22 7.24 -3.64
CA LEU A 38 4.43 6.48 -3.96
C LEU A 38 5.64 7.06 -3.25
N GLY A 39 6.55 6.18 -2.83
CA GLY A 39 7.74 6.62 -2.13
C GLY A 39 7.73 6.26 -0.67
N GLU A 40 8.67 6.82 0.09
CA GLU A 40 8.77 6.55 1.53
C GLU A 40 7.59 7.17 2.27
N THR A 41 6.99 6.40 3.17
CA THR A 41 5.86 6.88 3.96
C THR A 41 6.33 7.69 5.15
N GLN A 42 5.39 8.15 5.96
CA GLN A 42 5.71 8.94 7.14
C GLN A 42 5.35 8.20 8.42
N PHE A 43 5.24 6.88 8.34
CA PHE A 43 4.90 6.06 9.50
C PHE A 43 5.98 5.03 9.79
N ALA A 44 6.57 4.50 8.72
CA ALA A 44 7.63 3.50 8.86
C ALA A 44 8.71 3.69 7.80
N PRO A 45 9.96 3.27 8.10
CA PRO A 45 11.07 3.39 7.16
C PRO A 45 10.93 2.48 5.96
N GLY A 46 11.80 2.66 4.97
CA GLY A 46 11.75 1.85 3.77
C GLY A 46 10.79 2.38 2.74
N GLN A 47 10.92 1.90 1.51
CA GLN A 47 10.04 2.34 0.42
C GLN A 47 8.63 1.82 0.61
N TRP A 48 7.65 2.61 0.18
CA TRP A 48 6.24 2.23 0.31
C TRP A 48 5.47 2.59 -0.95
N ALA A 49 4.21 2.18 -0.99
CA ALA A 49 3.35 2.46 -2.15
C ALA A 49 1.88 2.44 -1.76
N GLY A 50 1.27 3.62 -1.70
CA GLY A 50 -0.13 3.72 -1.35
C GLY A 50 -1.05 3.24 -2.45
N VAL A 51 -1.93 2.30 -2.12
CA VAL A 51 -2.87 1.75 -3.09
C VAL A 51 -4.30 1.82 -2.57
N VAL A 52 -5.23 2.14 -3.46
CA VAL A 52 -6.63 2.24 -3.10
C VAL A 52 -7.43 1.05 -3.60
N LEU A 53 -7.68 0.08 -2.72
CA LEU A 53 -8.43 -1.11 -3.08
C LEU A 53 -9.85 -0.76 -3.51
N ASP A 54 -10.34 -1.46 -4.52
CA ASP A 54 -11.68 -1.22 -5.03
C ASP A 54 -12.74 -1.59 -3.98
N ASP A 55 -12.48 -2.67 -3.26
CA ASP A 55 -13.41 -3.13 -2.22
C ASP A 55 -12.89 -2.77 -0.84
N PRO A 56 -13.80 -2.66 0.15
CA PRO A 56 -13.44 -2.32 1.53
C PRO A 56 -12.69 -3.44 2.23
N VAL A 57 -11.50 -3.78 1.70
CA VAL A 57 -10.69 -4.84 2.27
C VAL A 57 -9.23 -4.41 2.40
N GLY A 58 -9.02 -3.11 2.61
CA GLY A 58 -7.68 -2.58 2.76
C GLY A 58 -7.24 -2.50 4.20
N LYS A 59 -6.61 -1.39 4.56
CA LYS A 59 -6.13 -1.19 5.93
C LYS A 59 -6.51 0.19 6.44
N ASN A 60 -5.85 1.22 5.91
CA ASN A 60 -6.13 2.59 6.31
C ASN A 60 -7.24 3.20 5.45
N ASP A 61 -7.54 4.47 5.70
CA ASP A 61 -8.57 5.17 4.96
C ASP A 61 -7.95 6.18 3.99
N GLY A 62 -6.82 6.74 4.38
CA GLY A 62 -6.15 7.72 3.53
C GLY A 62 -4.99 8.40 4.25
N ALA A 63 -5.14 8.59 5.56
CA ALA A 63 -4.09 9.23 6.36
C ALA A 63 -3.56 8.29 7.42
N VAL A 64 -2.23 8.24 7.55
CA VAL A 64 -1.59 7.37 8.53
C VAL A 64 -0.70 8.17 9.47
N GLY A 65 -0.90 8.00 10.77
CA GLY A 65 -0.09 8.72 11.75
C GLY A 65 -0.47 10.18 11.84
N GLY A 66 0.20 11.00 11.04
CA GLY A 66 -0.08 12.43 11.04
C GLY A 66 0.20 13.08 9.70
N VAL A 67 0.03 12.32 8.62
CA VAL A 67 0.27 12.83 7.28
C VAL A 67 -0.74 12.26 6.29
N ARG A 68 -1.16 13.09 5.34
CA ARG A 68 -2.12 12.67 4.33
C ARG A 68 -1.41 12.23 3.05
N TYR A 69 -1.80 11.07 2.52
CA TYR A 69 -1.21 10.55 1.31
C TYR A 69 -2.16 10.69 0.12
N PHE A 70 -3.44 10.46 0.37
CA PHE A 70 -4.45 10.55 -0.67
C PHE A 70 -5.86 10.56 -0.06
N GLU A 71 -6.77 11.28 -0.72
CA GLU A 71 -8.15 11.37 -0.25
C GLU A 71 -9.03 10.33 -0.93
N CYS A 72 -9.38 9.29 -0.18
CA CYS A 72 -10.23 8.22 -0.71
C CYS A 72 -11.05 7.57 0.41
N PRO A 73 -12.03 6.73 0.04
CA PRO A 73 -12.88 6.04 1.02
C PRO A 73 -12.08 5.33 2.10
N ALA A 74 -12.77 4.86 3.13
CA ALA A 74 -12.13 4.17 4.24
C ALA A 74 -11.96 2.69 3.92
N LEU A 75 -11.00 2.05 4.60
CA LEU A 75 -10.75 0.62 4.39
C LEU A 75 -10.36 0.35 2.94
N GLN A 76 -9.83 1.36 2.26
CA GLN A 76 -9.43 1.22 0.87
C GLN A 76 -7.98 1.66 0.68
N GLY A 77 -7.61 2.74 1.34
CA GLY A 77 -6.25 3.25 1.23
C GLY A 77 -5.25 2.39 1.97
N ILE A 78 -4.95 1.23 1.41
CA ILE A 78 -4.00 0.31 2.04
C ILE A 78 -2.56 0.64 1.62
N PHE A 79 -1.63 0.43 2.53
CA PHE A 79 -0.22 0.70 2.26
C PHE A 79 0.60 -0.59 2.23
N THR A 80 1.44 -0.73 1.22
CA THR A 80 2.28 -1.91 1.08
C THR A 80 3.57 -1.58 0.33
N ARG A 81 4.40 -2.60 0.14
CA ARG A 81 5.67 -2.41 -0.56
C ARG A 81 5.47 -2.50 -2.07
N PRO A 82 6.15 -1.62 -2.83
CA PRO A 82 6.03 -1.60 -4.30
C PRO A 82 6.33 -2.97 -4.92
N SER A 83 7.40 -3.60 -4.46
CA SER A 83 7.79 -4.90 -4.97
C SER A 83 6.69 -5.94 -4.73
N LYS A 84 5.94 -5.75 -3.65
CA LYS A 84 4.85 -6.67 -3.32
C LYS A 84 3.71 -6.55 -4.31
N LEU A 85 3.54 -5.36 -4.88
CA LEU A 85 2.48 -5.12 -5.86
C LEU A 85 2.83 -5.73 -7.20
N THR A 86 1.80 -5.97 -8.02
CA THR A 86 2.00 -6.55 -9.34
C THR A 86 0.98 -6.00 -10.34
N ARG A 87 1.08 -6.45 -11.59
CA ARG A 87 0.16 -6.02 -12.63
C ARG A 87 -0.70 -7.18 -13.12
N GLN A 88 -1.02 -8.09 -12.21
CA GLN A 88 -1.85 -9.25 -12.55
C GLN A 88 -2.14 -10.09 -11.31
N PRO A 89 -3.32 -10.73 -11.26
CA PRO A 89 -3.72 -11.57 -10.12
C PRO A 89 -2.92 -12.87 -10.06
N SER A 90 -2.21 -13.06 -8.94
CA SER A 90 -1.41 -14.27 -8.75
C SER A 90 -1.74 -14.93 -7.42
N GLY A 91 -1.25 -16.15 -7.24
CA GLY A 91 -1.51 -16.89 -6.01
C GLY A 91 -1.28 -18.38 -6.15
N PRO A 92 -2.07 -19.21 -5.45
CA PRO A 92 -1.93 -20.67 -5.52
C PRO A 92 -1.90 -21.19 -6.96
N SER A 93 -2.72 -20.57 -7.82
CA SER A 93 -2.79 -20.96 -9.22
C SER A 93 -3.21 -22.43 -9.36
N SER A 94 -4.42 -22.65 -9.84
CA SER A 94 -4.94 -23.99 -10.01
C SER A 94 -5.81 -24.09 -11.27
N GLY A 95 -5.42 -23.35 -12.30
CA GLY A 95 -6.18 -23.36 -13.55
C GLY A 95 -5.66 -24.39 -14.53
N GLY A 1 6.57 -0.24 30.15
CA GLY A 1 6.98 -1.33 29.23
C GLY A 1 6.77 -0.95 27.77
N SER A 2 7.87 -0.67 27.07
CA SER A 2 7.80 -0.30 25.66
C SER A 2 9.09 -0.69 24.94
N SER A 3 9.05 -1.81 24.23
CA SER A 3 10.21 -2.30 23.50
C SER A 3 10.09 -1.96 22.01
N GLY A 4 9.08 -2.53 21.36
CA GLY A 4 8.88 -2.27 19.94
C GLY A 4 9.84 -3.05 19.07
N SER A 5 9.34 -3.55 17.94
CA SER A 5 10.16 -4.31 17.01
C SER A 5 9.95 -3.84 15.57
N SER A 6 11.06 -3.55 14.89
CA SER A 6 11.00 -3.09 13.51
C SER A 6 10.23 -1.78 13.41
N GLY A 7 10.31 -0.98 14.46
CA GLY A 7 9.62 0.30 14.48
C GLY A 7 8.24 0.21 15.10
N ALA A 8 7.21 0.50 14.31
CA ALA A 8 5.83 0.45 14.80
C ALA A 8 5.27 -0.95 14.69
N ALA A 9 5.28 -1.50 13.47
CA ALA A 9 4.75 -2.84 13.23
C ALA A 9 5.22 -3.37 11.88
N GLU A 10 4.85 -2.67 10.80
CA GLU A 10 5.23 -3.07 9.46
C GLU A 10 6.09 -1.99 8.79
N VAL A 11 7.13 -2.43 8.09
CA VAL A 11 8.03 -1.51 7.41
C VAL A 11 7.97 -1.70 5.90
N GLY A 12 8.62 -0.81 5.17
CA GLY A 12 8.63 -0.90 3.72
C GLY A 12 9.84 -1.63 3.19
N ASP A 13 10.09 -1.52 1.89
CA ASP A 13 11.23 -2.18 1.26
C ASP A 13 12.32 -1.17 0.94
N ASP A 14 13.43 -1.66 0.40
CA ASP A 14 14.56 -0.81 0.04
C ASP A 14 14.66 -0.64 -1.46
N PHE A 15 13.52 -0.45 -2.11
CA PHE A 15 13.47 -0.27 -3.57
C PHE A 15 12.07 0.12 -4.02
N LEU A 16 11.97 0.63 -5.24
CA LEU A 16 10.69 1.04 -5.80
C LEU A 16 10.44 0.35 -7.14
N GLY A 17 9.16 0.14 -7.46
CA GLY A 17 8.81 -0.50 -8.71
C GLY A 17 8.62 0.48 -9.84
N ASP A 18 8.11 0.00 -10.97
CA ASP A 18 7.88 0.85 -12.13
C ASP A 18 6.40 1.23 -12.24
N PHE A 19 5.74 1.34 -11.09
CA PHE A 19 4.32 1.70 -11.07
C PHE A 19 4.14 3.21 -11.14
N VAL A 20 2.91 3.65 -11.42
CA VAL A 20 2.61 5.07 -11.52
C VAL A 20 1.27 5.39 -10.86
N VAL A 21 0.99 6.68 -10.70
CA VAL A 21 -0.26 7.11 -10.08
C VAL A 21 -1.40 7.09 -11.10
N GLY A 22 -2.29 6.11 -10.96
CA GLY A 22 -3.41 5.99 -11.86
C GLY A 22 -3.43 4.66 -12.60
N GLU A 23 -3.07 3.59 -11.89
CA GLU A 23 -3.05 2.26 -12.48
C GLU A 23 -3.45 1.20 -11.46
N ARG A 24 -4.09 0.14 -11.93
CA ARG A 24 -4.53 -0.94 -11.04
C ARG A 24 -3.39 -1.92 -10.78
N VAL A 25 -3.11 -2.17 -9.51
CA VAL A 25 -2.05 -3.09 -9.12
C VAL A 25 -2.55 -4.12 -8.12
N TRP A 26 -2.15 -5.38 -8.33
CA TRP A 26 -2.57 -6.46 -7.45
C TRP A 26 -1.73 -6.48 -6.18
N VAL A 27 -2.40 -6.30 -5.03
CA VAL A 27 -1.71 -6.30 -3.75
C VAL A 27 -1.47 -7.72 -3.25
N ASN A 28 -0.20 -8.13 -3.23
CA ASN A 28 0.16 -9.46 -2.78
C ASN A 28 -0.52 -10.54 -3.65
N GLY A 29 -0.77 -10.19 -4.91
CA GLY A 29 -1.42 -11.13 -5.82
C GLY A 29 -2.76 -11.62 -5.28
N VAL A 30 -3.54 -10.69 -4.72
CA VAL A 30 -4.84 -11.04 -4.18
C VAL A 30 -5.94 -10.21 -4.84
N LYS A 31 -5.85 -8.89 -4.70
CA LYS A 31 -6.84 -7.99 -5.29
C LYS A 31 -6.17 -6.76 -5.87
N PRO A 32 -6.72 -6.22 -6.97
CA PRO A 32 -6.17 -5.03 -7.64
C PRO A 32 -6.46 -3.75 -6.85
N GLY A 33 -5.63 -2.73 -7.08
CA GLY A 33 -5.82 -1.47 -6.39
C GLY A 33 -5.26 -0.30 -7.17
N VAL A 34 -5.86 0.88 -7.00
CA VAL A 34 -5.41 2.07 -7.70
C VAL A 34 -4.33 2.80 -6.91
N VAL A 35 -3.14 2.89 -7.47
CA VAL A 35 -2.02 3.56 -6.82
C VAL A 35 -2.24 5.07 -6.75
N GLN A 36 -1.84 5.67 -5.63
CA GLN A 36 -2.01 7.11 -5.43
C GLN A 36 -0.70 7.74 -4.99
N TYR A 37 -0.16 7.28 -3.87
CA TYR A 37 1.08 7.80 -3.33
C TYR A 37 2.26 6.92 -3.74
N LEU A 38 3.45 7.52 -3.79
CA LEU A 38 4.66 6.79 -4.16
C LEU A 38 5.87 7.32 -3.42
N GLY A 39 6.59 6.45 -2.73
CA GLY A 39 7.76 6.86 -1.99
C GLY A 39 7.77 6.33 -0.57
N GLU A 40 8.51 7.00 0.30
CA GLU A 40 8.61 6.59 1.70
C GLU A 40 7.53 7.28 2.54
N THR A 41 6.85 6.50 3.36
CA THR A 41 5.79 7.03 4.22
C THR A 41 6.38 7.69 5.47
N GLN A 42 5.51 8.14 6.36
CA GLN A 42 5.94 8.78 7.58
C GLN A 42 5.79 7.85 8.78
N PHE A 43 4.79 6.98 8.72
CA PHE A 43 4.53 6.04 9.79
C PHE A 43 5.67 5.03 9.91
N ALA A 44 6.30 4.72 8.78
CA ALA A 44 7.41 3.77 8.77
C ALA A 44 8.43 4.14 7.69
N PRO A 45 9.72 3.86 7.94
CA PRO A 45 10.79 4.17 6.98
C PRO A 45 10.78 3.23 5.78
N GLY A 46 11.78 3.38 4.92
CA GLY A 46 11.87 2.53 3.74
C GLY A 46 10.90 2.95 2.65
N GLN A 47 11.07 2.37 1.47
CA GLN A 47 10.20 2.69 0.34
C GLN A 47 8.82 2.07 0.53
N TRP A 48 7.79 2.81 0.15
CA TRP A 48 6.42 2.34 0.27
C TRP A 48 5.61 2.63 -0.99
N ALA A 49 4.42 2.07 -1.07
CA ALA A 49 3.56 2.27 -2.24
C ALA A 49 2.08 2.27 -1.83
N GLY A 50 1.49 3.45 -1.79
CA GLY A 50 0.09 3.57 -1.42
C GLY A 50 -0.84 3.14 -2.53
N VAL A 51 -1.77 2.24 -2.22
CA VAL A 51 -2.73 1.75 -3.21
C VAL A 51 -4.15 1.87 -2.68
N VAL A 52 -5.11 2.00 -3.61
CA VAL A 52 -6.51 2.11 -3.24
C VAL A 52 -7.30 0.90 -3.71
N LEU A 53 -7.80 0.12 -2.75
CA LEU A 53 -8.58 -1.08 -3.07
C LEU A 53 -9.95 -0.70 -3.61
N ASP A 54 -10.55 -1.61 -4.36
CA ASP A 54 -11.87 -1.38 -4.94
C ASP A 54 -12.94 -1.29 -3.85
N ASP A 55 -12.96 -2.29 -2.98
CA ASP A 55 -13.93 -2.32 -1.87
C ASP A 55 -13.28 -1.93 -0.56
N PRO A 56 -14.09 -1.62 0.47
CA PRO A 56 -13.58 -1.23 1.79
C PRO A 56 -12.92 -2.39 2.52
N VAL A 57 -11.82 -2.88 1.97
CA VAL A 57 -11.10 -4.00 2.57
C VAL A 57 -9.62 -3.67 2.75
N GLY A 58 -9.34 -2.39 3.00
CA GLY A 58 -7.96 -1.97 3.19
C GLY A 58 -7.60 -1.81 4.65
N LYS A 59 -7.00 -0.67 4.99
CA LYS A 59 -6.61 -0.38 6.37
C LYS A 59 -6.74 1.09 6.68
N ASN A 60 -6.04 1.92 5.90
CA ASN A 60 -6.07 3.36 6.10
C ASN A 60 -7.11 4.02 5.19
N ASP A 61 -7.23 5.34 5.29
CA ASP A 61 -8.19 6.08 4.48
C ASP A 61 -7.55 7.32 3.87
N GLY A 62 -6.25 7.24 3.59
CA GLY A 62 -5.54 8.36 3.02
C GLY A 62 -4.54 8.97 3.97
N ALA A 63 -4.76 8.77 5.27
CA ALA A 63 -3.87 9.31 6.29
C ALA A 63 -3.56 8.27 7.35
N VAL A 64 -2.38 8.38 7.96
CA VAL A 64 -1.96 7.45 9.00
C VAL A 64 -1.21 8.17 10.11
N GLY A 65 -1.87 8.34 11.26
CA GLY A 65 -1.26 9.01 12.38
C GLY A 65 -1.31 10.53 12.26
N GLY A 66 -2.03 11.02 11.26
CA GLY A 66 -2.14 12.45 11.07
C GLY A 66 -1.59 12.91 9.72
N VAL A 67 -0.63 12.17 9.20
CA VAL A 67 -0.03 12.50 7.91
C VAL A 67 -0.87 11.98 6.75
N ARG A 68 -1.26 12.87 5.85
CA ARG A 68 -2.07 12.50 4.69
C ARG A 68 -1.18 12.18 3.51
N TYR A 69 -1.68 11.30 2.63
CA TYR A 69 -0.93 10.91 1.43
C TYR A 69 -1.77 11.09 0.18
N PHE A 70 -2.99 10.59 0.22
CA PHE A 70 -3.90 10.69 -0.91
C PHE A 70 -5.36 10.78 -0.44
N GLU A 71 -6.25 11.13 -1.36
CA GLU A 71 -7.66 11.26 -1.04
C GLU A 71 -8.46 10.10 -1.65
N CYS A 72 -9.09 9.31 -0.79
CA CYS A 72 -9.88 8.17 -1.23
C CYS A 72 -10.81 7.69 -0.13
N PRO A 73 -11.79 6.83 -0.47
CA PRO A 73 -12.76 6.30 0.49
C PRO A 73 -12.07 5.69 1.72
N ALA A 74 -12.86 5.36 2.73
CA ALA A 74 -12.33 4.77 3.95
C ALA A 74 -12.16 3.27 3.80
N LEU A 75 -11.18 2.71 4.51
CA LEU A 75 -10.91 1.28 4.46
C LEU A 75 -10.57 0.83 3.04
N GLN A 76 -9.97 1.74 2.27
CA GLN A 76 -9.59 1.44 0.90
C GLN A 76 -8.12 1.75 0.66
N GLY A 77 -7.67 2.88 1.21
CA GLY A 77 -6.29 3.28 1.04
C GLY A 77 -5.32 2.37 1.79
N ILE A 78 -4.91 1.29 1.13
CA ILE A 78 -3.99 0.33 1.73
C ILE A 78 -2.55 0.65 1.35
N PHE A 79 -1.66 0.58 2.33
CA PHE A 79 -0.24 0.86 2.11
C PHE A 79 0.59 -0.42 2.17
N THR A 80 1.51 -0.57 1.21
CA THR A 80 2.36 -1.74 1.16
C THR A 80 3.62 -1.47 0.34
N ARG A 81 4.49 -2.46 0.24
CA ARG A 81 5.73 -2.32 -0.52
C ARG A 81 5.47 -2.44 -2.02
N PRO A 82 6.16 -1.63 -2.84
CA PRO A 82 5.98 -1.66 -4.29
C PRO A 82 6.13 -3.06 -4.87
N SER A 83 7.14 -3.78 -4.39
CA SER A 83 7.39 -5.14 -4.85
C SER A 83 6.19 -6.05 -4.59
N LYS A 84 5.50 -5.81 -3.48
CA LYS A 84 4.33 -6.60 -3.11
C LYS A 84 3.24 -6.46 -4.16
N LEU A 85 3.19 -5.30 -4.82
CA LEU A 85 2.18 -5.04 -5.84
C LEU A 85 2.57 -5.71 -7.16
N THR A 86 1.59 -5.85 -8.04
CA THR A 86 1.82 -6.48 -9.34
C THR A 86 0.87 -5.91 -10.39
N ARG A 87 0.99 -6.41 -11.62
CA ARG A 87 0.13 -5.96 -12.71
C ARG A 87 -0.63 -7.12 -13.33
N GLN A 88 -0.95 -8.11 -12.51
CA GLN A 88 -1.68 -9.28 -12.98
C GLN A 88 -2.00 -10.22 -11.82
N PRO A 89 -3.15 -10.92 -11.89
CA PRO A 89 -3.57 -11.85 -10.84
C PRO A 89 -2.75 -13.14 -10.84
N SER A 90 -1.87 -13.27 -9.86
CA SER A 90 -1.03 -14.46 -9.75
C SER A 90 -1.78 -15.61 -9.10
N GLY A 91 -1.09 -16.71 -8.86
CA GLY A 91 -1.71 -17.87 -8.24
C GLY A 91 -0.92 -19.15 -8.47
N PRO A 92 0.00 -19.49 -7.55
CA PRO A 92 0.81 -20.71 -7.67
C PRO A 92 -0.03 -21.96 -7.92
N SER A 93 -1.24 -21.97 -7.34
CA SER A 93 -2.13 -23.11 -7.50
C SER A 93 -2.89 -23.02 -8.82
N SER A 94 -2.87 -24.11 -9.58
CA SER A 94 -3.57 -24.15 -10.86
C SER A 94 -4.44 -25.40 -10.97
N GLY A 95 -5.75 -25.22 -10.85
CA GLY A 95 -6.67 -26.32 -10.93
C GLY A 95 -7.83 -26.19 -9.97
N GLY A 1 -8.31 7.12 21.89
CA GLY A 1 -8.67 8.51 21.49
C GLY A 1 -8.08 8.89 20.13
N SER A 2 -8.62 8.31 19.07
CA SER A 2 -8.16 8.59 17.72
C SER A 2 -6.68 8.21 17.57
N SER A 3 -6.26 7.19 18.30
CA SER A 3 -4.88 6.73 18.24
C SER A 3 -4.78 5.38 17.53
N GLY A 4 -5.60 4.44 17.96
CA GLY A 4 -5.58 3.11 17.35
C GLY A 4 -4.48 2.23 17.91
N SER A 5 -3.30 2.31 17.31
CA SER A 5 -2.17 1.51 17.75
C SER A 5 -0.88 2.32 17.71
N SER A 6 -0.10 2.26 18.79
CA SER A 6 1.15 2.99 18.88
C SER A 6 2.34 2.05 18.71
N GLY A 7 3.03 2.16 17.57
CA GLY A 7 4.17 1.31 17.31
C GLY A 7 4.07 0.59 15.99
N ALA A 8 4.94 0.94 15.05
CA ALA A 8 4.93 0.32 13.72
C ALA A 8 5.23 -1.18 13.83
N ALA A 9 4.35 -1.99 13.23
CA ALA A 9 4.52 -3.44 13.25
C ALA A 9 5.07 -3.94 11.91
N GLU A 10 4.68 -3.28 10.83
CA GLU A 10 5.14 -3.67 9.50
C GLU A 10 6.06 -2.61 8.91
N VAL A 11 7.05 -3.06 8.15
CA VAL A 11 8.00 -2.15 7.52
C VAL A 11 7.87 -2.16 6.01
N GLY A 12 8.61 -1.29 5.34
CA GLY A 12 8.55 -1.21 3.89
C GLY A 12 9.78 -1.83 3.23
N ASP A 13 9.73 -1.94 1.91
CA ASP A 13 10.85 -2.51 1.16
C ASP A 13 11.81 -1.43 0.69
N ASP A 14 13.09 -1.76 0.63
CA ASP A 14 14.12 -0.81 0.19
C ASP A 14 14.32 -0.88 -1.32
N PHE A 15 13.23 -0.78 -2.06
CA PHE A 15 13.29 -0.83 -3.52
C PHE A 15 11.92 -0.57 -4.13
N LEU A 16 11.85 0.43 -5.01
CA LEU A 16 10.61 0.78 -5.67
C LEU A 16 10.34 -0.13 -6.87
N GLY A 17 9.07 -0.27 -7.23
CA GLY A 17 8.71 -1.10 -8.36
C GLY A 17 8.43 -0.30 -9.61
N ASP A 18 7.88 -0.96 -10.63
CA ASP A 18 7.56 -0.31 -11.89
C ASP A 18 6.09 0.07 -11.95
N PHE A 19 5.53 0.48 -10.81
CA PHE A 19 4.12 0.86 -10.74
C PHE A 19 3.98 2.36 -10.55
N VAL A 20 3.15 2.98 -11.39
CA VAL A 20 2.92 4.42 -11.32
C VAL A 20 1.58 4.73 -10.66
N VAL A 21 1.27 6.01 -10.56
CA VAL A 21 0.03 6.45 -9.95
C VAL A 21 -1.10 6.51 -10.98
N GLY A 22 -2.23 5.91 -10.66
CA GLY A 22 -3.36 5.93 -11.57
C GLY A 22 -3.66 4.55 -12.13
N GLU A 23 -2.62 3.71 -12.24
CA GLU A 23 -2.77 2.37 -12.76
C GLU A 23 -3.37 1.44 -11.72
N ARG A 24 -3.56 0.17 -12.10
CA ARG A 24 -4.13 -0.82 -11.18
C ARG A 24 -3.12 -1.94 -10.91
N VAL A 25 -2.79 -2.13 -9.64
CA VAL A 25 -1.85 -3.17 -9.24
C VAL A 25 -2.46 -4.10 -8.19
N TRP A 26 -2.05 -5.35 -8.21
CA TRP A 26 -2.55 -6.34 -7.27
C TRP A 26 -1.66 -6.40 -6.02
N VAL A 27 -2.24 -6.09 -4.87
CA VAL A 27 -1.51 -6.11 -3.62
C VAL A 27 -1.21 -7.53 -3.16
N ASN A 28 0.03 -7.96 -3.33
CA ASN A 28 0.44 -9.31 -2.95
C ASN A 28 -0.36 -10.36 -3.71
N GLY A 29 -0.76 -10.02 -4.93
CA GLY A 29 -1.53 -10.94 -5.74
C GLY A 29 -2.86 -11.30 -5.11
N VAL A 30 -3.41 -10.37 -4.33
CA VAL A 30 -4.69 -10.59 -3.66
C VAL A 30 -5.81 -9.88 -4.41
N LYS A 31 -5.78 -8.55 -4.38
CA LYS A 31 -6.79 -7.74 -5.06
C LYS A 31 -6.17 -6.50 -5.69
N PRO A 32 -6.69 -6.08 -6.86
CA PRO A 32 -6.18 -4.90 -7.56
C PRO A 32 -6.59 -3.60 -6.89
N GLY A 33 -5.74 -2.58 -7.01
CA GLY A 33 -6.04 -1.29 -6.41
C GLY A 33 -5.46 -0.13 -7.20
N VAL A 34 -6.09 1.03 -7.08
CA VAL A 34 -5.63 2.22 -7.79
C VAL A 34 -4.54 2.93 -7.01
N VAL A 35 -3.34 2.99 -7.59
CA VAL A 35 -2.20 3.65 -6.95
C VAL A 35 -2.43 5.15 -6.83
N GLN A 36 -2.19 5.69 -5.64
CA GLN A 36 -2.37 7.12 -5.39
C GLN A 36 -1.06 7.75 -4.94
N TYR A 37 -0.36 7.07 -4.04
CA TYR A 37 0.90 7.57 -3.52
C TYR A 37 2.05 6.61 -3.83
N LEU A 38 3.24 7.15 -4.04
CA LEU A 38 4.41 6.34 -4.35
C LEU A 38 5.69 7.03 -3.89
N GLY A 39 6.43 6.37 -3.02
CA GLY A 39 7.67 6.95 -2.51
C GLY A 39 8.05 6.39 -1.15
N GLU A 40 7.95 7.23 -0.13
CA GLU A 40 8.30 6.82 1.23
C GLU A 40 7.29 7.37 2.23
N THR A 41 6.99 6.58 3.26
CA THR A 41 6.05 7.00 4.30
C THR A 41 6.79 7.55 5.51
N GLN A 42 6.02 7.96 6.52
CA GLN A 42 6.59 8.51 7.74
C GLN A 42 6.40 7.55 8.92
N PHE A 43 5.33 6.77 8.87
CA PHE A 43 5.04 5.82 9.94
C PHE A 43 6.15 4.77 10.06
N ALA A 44 6.76 4.43 8.92
CA ALA A 44 7.84 3.45 8.91
C ALA A 44 8.85 3.76 7.81
N PRO A 45 10.11 3.30 7.97
CA PRO A 45 11.17 3.53 7.00
C PRO A 45 10.99 2.70 5.73
N GLY A 46 12.02 2.67 4.90
CA GLY A 46 11.96 1.90 3.66
C GLY A 46 10.97 2.49 2.67
N GLN A 47 11.12 2.08 1.41
CA GLN A 47 10.23 2.59 0.36
C GLN A 47 8.83 1.98 0.49
N TRP A 48 7.82 2.80 0.25
CA TRP A 48 6.44 2.35 0.34
C TRP A 48 5.67 2.70 -0.93
N ALA A 49 4.47 2.14 -1.06
CA ALA A 49 3.63 2.40 -2.22
C ALA A 49 2.15 2.35 -1.86
N GLY A 50 1.54 3.53 -1.71
CA GLY A 50 0.13 3.58 -1.37
C GLY A 50 -0.77 3.10 -2.49
N VAL A 51 -1.76 2.30 -2.14
CA VAL A 51 -2.70 1.77 -3.12
C VAL A 51 -4.14 1.83 -2.62
N VAL A 52 -5.06 2.21 -3.50
CA VAL A 52 -6.46 2.30 -3.13
C VAL A 52 -7.26 1.11 -3.66
N LEU A 53 -7.65 0.22 -2.77
CA LEU A 53 -8.41 -0.97 -3.14
C LEU A 53 -9.84 -0.59 -3.53
N ASP A 54 -10.36 -1.25 -4.55
CA ASP A 54 -11.72 -1.00 -5.02
C ASP A 54 -12.74 -1.29 -3.92
N ASP A 55 -12.58 -2.44 -3.27
CA ASP A 55 -13.50 -2.83 -2.19
C ASP A 55 -12.96 -2.38 -0.83
N PRO A 56 -13.85 -2.14 0.14
CA PRO A 56 -13.46 -1.70 1.48
C PRO A 56 -12.80 -2.81 2.28
N VAL A 57 -11.66 -3.29 1.79
CA VAL A 57 -10.93 -4.35 2.46
C VAL A 57 -9.45 -3.99 2.61
N GLY A 58 -9.17 -2.71 2.74
CA GLY A 58 -7.80 -2.25 2.88
C GLY A 58 -7.35 -2.21 4.33
N LYS A 59 -6.81 -1.08 4.74
CA LYS A 59 -6.34 -0.91 6.12
C LYS A 59 -6.58 0.51 6.61
N ASN A 60 -6.03 1.48 5.89
CA ASN A 60 -6.18 2.89 6.25
C ASN A 60 -7.09 3.61 5.26
N ASP A 61 -7.27 4.91 5.46
CA ASP A 61 -8.11 5.71 4.58
C ASP A 61 -7.31 6.83 3.92
N GLY A 62 -6.03 6.57 3.69
CA GLY A 62 -5.17 7.56 3.05
C GLY A 62 -4.42 8.41 4.07
N ALA A 63 -4.72 8.23 5.34
CA ALA A 63 -4.07 8.99 6.40
C ALA A 63 -3.58 8.06 7.51
N VAL A 64 -2.29 8.19 7.85
CA VAL A 64 -1.70 7.37 8.90
C VAL A 64 -0.82 8.20 9.81
N GLY A 65 -1.06 8.11 11.11
CA GLY A 65 -0.28 8.86 12.08
C GLY A 65 -0.38 10.36 11.86
N GLY A 66 -1.58 10.84 11.55
CA GLY A 66 -1.78 12.25 11.32
C GLY A 66 -1.08 12.73 10.06
N VAL A 67 -0.92 11.84 9.09
CA VAL A 67 -0.27 12.18 7.83
C VAL A 67 -1.11 11.73 6.64
N ARG A 68 -1.74 12.70 5.98
CA ARG A 68 -2.59 12.41 4.82
C ARG A 68 -1.74 12.27 3.56
N TYR A 69 -1.93 11.15 2.85
CA TYR A 69 -1.19 10.91 1.62
C TYR A 69 -2.05 11.18 0.39
N PHE A 70 -3.27 10.67 0.41
CA PHE A 70 -4.20 10.87 -0.70
C PHE A 70 -5.64 10.93 -0.20
N GLU A 71 -6.50 11.61 -0.98
CA GLU A 71 -7.90 11.75 -0.61
C GLU A 71 -8.74 10.61 -1.20
N CYS A 72 -9.00 9.59 -0.38
CA CYS A 72 -9.79 8.45 -0.82
C CYS A 72 -10.68 7.95 0.29
N PRO A 73 -11.71 7.15 -0.05
CA PRO A 73 -12.65 6.59 0.94
C PRO A 73 -11.94 5.89 2.08
N ALA A 74 -12.71 5.34 3.01
CA ALA A 74 -12.15 4.63 4.16
C ALA A 74 -12.02 3.14 3.88
N LEU A 75 -11.09 2.49 4.57
CA LEU A 75 -10.87 1.06 4.39
C LEU A 75 -10.47 0.75 2.96
N GLN A 76 -9.84 1.70 2.30
CA GLN A 76 -9.41 1.53 0.91
C GLN A 76 -7.93 1.88 0.76
N GLY A 77 -7.52 2.97 1.38
CA GLY A 77 -6.13 3.40 1.29
C GLY A 77 -5.19 2.44 2.00
N ILE A 78 -4.82 1.37 1.30
CA ILE A 78 -3.92 0.37 1.86
C ILE A 78 -2.47 0.68 1.50
N PHE A 79 -1.59 0.58 2.48
CA PHE A 79 -0.17 0.85 2.26
C PHE A 79 0.65 -0.45 2.31
N THR A 80 1.42 -0.68 1.25
CA THR A 80 2.25 -1.89 1.18
C THR A 80 3.53 -1.61 0.39
N ARG A 81 4.40 -2.61 0.33
CA ARG A 81 5.66 -2.47 -0.40
C ARG A 81 5.43 -2.57 -1.91
N PRO A 82 6.17 -1.76 -2.70
CA PRO A 82 6.04 -1.77 -4.17
C PRO A 82 6.18 -3.16 -4.75
N SER A 83 7.18 -3.90 -4.27
CA SER A 83 7.43 -5.25 -4.74
C SER A 83 6.23 -6.16 -4.50
N LYS A 84 5.52 -5.90 -3.40
CA LYS A 84 4.35 -6.69 -3.04
C LYS A 84 3.25 -6.53 -4.09
N LEU A 85 3.21 -5.38 -4.74
CA LEU A 85 2.21 -5.11 -5.76
C LEU A 85 2.55 -5.83 -7.05
N THR A 86 1.53 -6.10 -7.86
CA THR A 86 1.71 -6.79 -9.13
C THR A 86 0.79 -6.21 -10.21
N ARG A 87 0.92 -6.73 -11.42
CA ARG A 87 0.10 -6.27 -12.54
C ARG A 87 -0.90 -7.35 -12.96
N GLN A 88 -1.23 -8.25 -12.04
CA GLN A 88 -2.16 -9.32 -12.33
C GLN A 88 -2.34 -10.23 -11.11
N PRO A 89 -3.49 -10.93 -11.02
CA PRO A 89 -3.78 -11.83 -9.90
C PRO A 89 -2.88 -13.07 -9.92
N SER A 90 -2.67 -13.67 -8.75
CA SER A 90 -1.84 -14.86 -8.63
C SER A 90 -2.69 -16.08 -8.28
N GLY A 91 -3.10 -16.16 -7.02
CA GLY A 91 -3.91 -17.28 -6.57
C GLY A 91 -3.07 -18.41 -6.01
N PRO A 92 -3.62 -19.22 -5.09
CA PRO A 92 -2.90 -20.35 -4.49
C PRO A 92 -2.30 -21.27 -5.53
N SER A 93 -1.15 -21.85 -5.22
CA SER A 93 -0.46 -22.76 -6.14
C SER A 93 -0.06 -24.04 -5.42
N SER A 94 -0.65 -25.16 -5.84
CA SER A 94 -0.35 -26.46 -5.25
C SER A 94 -0.06 -27.50 -6.33
N GLY A 95 1.20 -27.61 -6.72
CA GLY A 95 1.58 -28.56 -7.74
C GLY A 95 3.00 -29.08 -7.54
N GLY A 1 17.00 1.83 26.78
CA GLY A 1 17.35 2.39 25.43
C GLY A 1 16.17 2.42 24.50
N SER A 2 15.38 1.35 24.50
CA SER A 2 14.21 1.26 23.65
C SER A 2 12.92 1.30 24.47
N SER A 3 11.79 1.51 23.79
CA SER A 3 10.51 1.58 24.46
C SER A 3 9.54 0.54 23.89
N GLY A 4 9.53 0.42 22.56
CA GLY A 4 8.64 -0.53 21.91
C GLY A 4 8.17 -0.06 20.56
N SER A 5 7.20 -0.77 19.99
CA SER A 5 6.65 -0.42 18.68
C SER A 5 5.43 -1.26 18.36
N SER A 6 4.25 -0.79 18.77
CA SER A 6 3.01 -1.50 18.52
C SER A 6 2.15 -0.75 17.52
N GLY A 7 2.23 -1.15 16.26
CA GLY A 7 1.44 -0.49 15.22
C GLY A 7 1.75 -1.02 13.84
N ALA A 8 2.88 -0.61 13.29
CA ALA A 8 3.29 -1.05 11.96
C ALA A 8 4.70 -1.63 11.98
N ALA A 9 4.79 -2.94 12.19
CA ALA A 9 6.08 -3.62 12.23
C ALA A 9 6.62 -3.86 10.83
N GLU A 10 5.71 -4.06 9.88
CA GLU A 10 6.10 -4.29 8.49
C GLU A 10 6.87 -3.11 7.93
N VAL A 11 8.17 -3.31 7.69
CA VAL A 11 9.02 -2.25 7.15
C VAL A 11 8.86 -2.14 5.64
N GLY A 12 9.54 -1.17 5.05
CA GLY A 12 9.46 -0.97 3.61
C GLY A 12 10.71 -1.45 2.90
N ASP A 13 10.58 -1.71 1.60
CA ASP A 13 11.71 -2.17 0.80
C ASP A 13 12.64 -1.01 0.45
N ASP A 14 13.93 -1.31 0.33
CA ASP A 14 14.92 -0.28 0.00
C ASP A 14 15.21 -0.27 -1.49
N PHE A 15 14.15 -0.39 -2.29
CA PHE A 15 14.29 -0.39 -3.75
C PHE A 15 12.94 -0.28 -4.43
N LEU A 16 12.83 0.64 -5.39
CA LEU A 16 11.59 0.84 -6.12
C LEU A 16 11.50 -0.08 -7.34
N GLY A 17 10.38 -0.03 -8.04
CA GLY A 17 10.19 -0.86 -9.21
C GLY A 17 9.60 -0.09 -10.38
N ASP A 18 8.60 -0.68 -11.02
CA ASP A 18 7.93 -0.04 -12.16
C ASP A 18 6.46 0.17 -11.88
N PHE A 19 6.16 1.05 -10.92
CA PHE A 19 4.78 1.34 -10.56
C PHE A 19 4.53 2.85 -10.53
N VAL A 20 3.53 3.29 -11.26
CA VAL A 20 3.18 4.71 -11.31
C VAL A 20 1.87 5.00 -10.59
N VAL A 21 1.48 6.26 -10.58
CA VAL A 21 0.23 6.67 -9.92
C VAL A 21 -0.93 6.65 -10.90
N GLY A 22 -2.00 5.95 -10.54
CA GLY A 22 -3.17 5.87 -11.40
C GLY A 22 -3.18 4.60 -12.23
N GLU A 23 -2.75 3.49 -11.64
CA GLU A 23 -2.72 2.21 -12.34
C GLU A 23 -3.32 1.11 -11.48
N ARG A 24 -3.62 -0.02 -12.10
CA ARG A 24 -4.20 -1.16 -11.39
C ARG A 24 -3.12 -2.18 -11.01
N VAL A 25 -3.02 -2.46 -9.71
CA VAL A 25 -2.02 -3.41 -9.22
C VAL A 25 -2.63 -4.33 -8.17
N TRP A 26 -2.22 -5.59 -8.19
CA TRP A 26 -2.71 -6.57 -7.23
C TRP A 26 -1.78 -6.71 -6.05
N VAL A 27 -2.22 -6.24 -4.88
CA VAL A 27 -1.41 -6.32 -3.67
C VAL A 27 -1.27 -7.76 -3.18
N ASN A 28 -0.06 -8.29 -3.27
CA ASN A 28 0.22 -9.66 -2.84
C ASN A 28 -0.62 -10.65 -3.64
N GLY A 29 -0.95 -10.29 -4.88
CA GLY A 29 -1.73 -11.17 -5.72
C GLY A 29 -3.07 -11.53 -5.10
N VAL A 30 -3.86 -10.51 -4.77
CA VAL A 30 -5.17 -10.74 -4.17
C VAL A 30 -6.25 -9.93 -4.89
N LYS A 31 -6.16 -8.61 -4.78
CA LYS A 31 -7.14 -7.73 -5.41
C LYS A 31 -6.45 -6.50 -6.00
N PRO A 32 -6.98 -5.95 -7.11
CA PRO A 32 -6.42 -4.77 -7.75
C PRO A 32 -6.64 -3.50 -6.94
N GLY A 33 -5.78 -2.51 -7.15
CA GLY A 33 -5.88 -1.26 -6.42
C GLY A 33 -5.26 -0.10 -7.17
N VAL A 34 -5.88 1.08 -7.07
CA VAL A 34 -5.38 2.26 -7.74
C VAL A 34 -4.31 2.95 -6.90
N VAL A 35 -3.10 3.06 -7.45
CA VAL A 35 -2.00 3.69 -6.76
C VAL A 35 -2.18 5.20 -6.70
N GLN A 36 -2.04 5.76 -5.50
CA GLN A 36 -2.18 7.20 -5.31
C GLN A 36 -0.87 7.83 -4.87
N TYR A 37 -0.21 7.21 -3.90
CA TYR A 37 1.06 7.71 -3.40
C TYR A 37 2.20 6.76 -3.75
N LEU A 38 3.41 7.31 -3.88
CA LEU A 38 4.58 6.51 -4.21
C LEU A 38 5.84 7.10 -3.58
N GLY A 39 6.48 6.33 -2.72
CA GLY A 39 7.68 6.80 -2.07
C GLY A 39 7.79 6.33 -0.63
N GLU A 40 8.75 6.88 0.11
CA GLU A 40 8.95 6.52 1.50
C GLU A 40 7.91 7.20 2.40
N THR A 41 7.08 6.40 3.04
CA THR A 41 6.05 6.92 3.93
C THR A 41 6.67 7.59 5.15
N GLN A 42 5.82 8.06 6.06
CA GLN A 42 6.28 8.72 7.27
C GLN A 42 6.13 7.80 8.48
N PHE A 43 5.12 6.93 8.43
CA PHE A 43 4.87 5.99 9.52
C PHE A 43 5.91 4.88 9.54
N ALA A 44 6.35 4.47 8.36
CA ALA A 44 7.35 3.41 8.24
C ALA A 44 8.47 3.81 7.27
N PRO A 45 9.70 3.33 7.53
CA PRO A 45 10.86 3.65 6.68
C PRO A 45 10.80 2.92 5.34
N GLY A 46 11.91 2.96 4.61
CA GLY A 46 11.97 2.30 3.32
C GLY A 46 10.96 2.87 2.33
N GLN A 47 10.87 2.23 1.16
CA GLN A 47 9.94 2.68 0.13
C GLN A 47 8.53 2.19 0.43
N TRP A 48 7.53 2.96 0.00
CA TRP A 48 6.14 2.60 0.20
C TRP A 48 5.28 3.03 -0.98
N ALA A 49 4.24 2.26 -1.26
CA ALA A 49 3.34 2.56 -2.38
C ALA A 49 1.89 2.49 -1.93
N GLY A 50 1.25 3.65 -1.84
CA GLY A 50 -0.14 3.70 -1.43
C GLY A 50 -1.10 3.24 -2.52
N VAL A 51 -1.71 2.09 -2.32
CA VAL A 51 -2.65 1.54 -3.29
C VAL A 51 -4.08 1.59 -2.77
N VAL A 52 -5.01 1.99 -3.64
CA VAL A 52 -6.42 2.09 -3.27
C VAL A 52 -7.21 0.91 -3.82
N LEU A 53 -7.57 -0.02 -2.94
CA LEU A 53 -8.33 -1.20 -3.35
C LEU A 53 -9.68 -0.79 -3.94
N ASP A 54 -10.32 -1.74 -4.62
CA ASP A 54 -11.62 -1.48 -5.25
C ASP A 54 -12.76 -2.01 -4.38
N ASP A 55 -12.54 -1.99 -3.06
CA ASP A 55 -13.55 -2.47 -2.12
C ASP A 55 -13.13 -2.17 -0.68
N PRO A 56 -14.11 -2.09 0.25
CA PRO A 56 -13.84 -1.81 1.65
C PRO A 56 -13.17 -2.98 2.35
N VAL A 57 -11.96 -3.33 1.91
CA VAL A 57 -11.22 -4.44 2.49
C VAL A 57 -9.74 -4.09 2.60
N GLY A 58 -9.44 -2.81 2.79
CA GLY A 58 -8.07 -2.38 2.92
C GLY A 58 -7.61 -2.30 4.37
N LYS A 59 -6.80 -1.30 4.68
CA LYS A 59 -6.28 -1.11 6.03
C LYS A 59 -6.56 0.31 6.53
N ASN A 60 -6.03 1.29 5.80
CA ASN A 60 -6.22 2.69 6.17
C ASN A 60 -7.19 3.37 5.22
N ASP A 61 -7.43 4.66 5.45
CA ASP A 61 -8.34 5.44 4.61
C ASP A 61 -7.57 6.42 3.75
N GLY A 62 -6.45 6.92 4.27
CA GLY A 62 -5.63 7.86 3.53
C GLY A 62 -4.64 8.59 4.42
N ALA A 63 -5.01 8.78 5.68
CA ALA A 63 -4.15 9.46 6.64
C ALA A 63 -3.72 8.53 7.77
N VAL A 64 -2.45 8.16 7.78
CA VAL A 64 -1.91 7.28 8.80
C VAL A 64 -1.05 8.05 9.80
N GLY A 65 -1.33 7.86 11.08
CA GLY A 65 -0.58 8.54 12.12
C GLY A 65 -0.67 10.05 12.02
N GLY A 66 -1.74 10.53 11.40
CA GLY A 66 -1.93 11.97 11.25
C GLY A 66 -1.44 12.48 9.91
N VAL A 67 -0.45 11.79 9.33
CA VAL A 67 0.11 12.18 8.04
C VAL A 67 -0.84 11.81 6.90
N ARG A 68 -1.19 12.80 6.09
CA ARG A 68 -2.09 12.59 4.96
C ARG A 68 -1.30 12.48 3.66
N TYR A 69 -1.74 11.58 2.78
CA TYR A 69 -1.07 11.37 1.50
C TYR A 69 -2.05 11.56 0.34
N PHE A 70 -3.09 10.72 0.30
CA PHE A 70 -4.09 10.79 -0.75
C PHE A 70 -5.50 10.73 -0.17
N GLU A 71 -6.38 11.59 -0.66
CA GLU A 71 -7.76 11.63 -0.19
C GLU A 71 -8.59 10.53 -0.84
N CYS A 72 -8.87 9.48 -0.07
CA CYS A 72 -9.67 8.36 -0.58
C CYS A 72 -10.61 7.83 0.51
N PRO A 73 -11.61 7.02 0.11
CA PRO A 73 -12.58 6.45 1.05
C PRO A 73 -11.91 5.75 2.23
N ALA A 74 -12.71 5.13 3.08
CA ALA A 74 -12.20 4.42 4.24
C ALA A 74 -12.00 2.94 3.93
N LEU A 75 -11.06 2.32 4.62
CA LEU A 75 -10.76 0.91 4.43
C LEU A 75 -10.34 0.62 2.99
N GLN A 76 -9.74 1.62 2.36
CA GLN A 76 -9.29 1.48 0.98
C GLN A 76 -7.84 1.92 0.83
N GLY A 77 -7.50 3.04 1.46
CA GLY A 77 -6.14 3.56 1.40
C GLY A 77 -5.15 2.67 2.13
N ILE A 78 -4.81 1.53 1.53
CA ILE A 78 -3.88 0.60 2.14
C ILE A 78 -2.43 0.94 1.74
N PHE A 79 -1.50 0.67 2.65
CA PHE A 79 -0.09 0.95 2.40
C PHE A 79 0.72 -0.34 2.31
N THR A 80 1.53 -0.46 1.27
CA THR A 80 2.35 -1.65 1.08
C THR A 80 3.51 -1.36 0.14
N ARG A 81 4.52 -2.23 0.16
CA ARG A 81 5.69 -2.06 -0.70
C ARG A 81 5.34 -2.31 -2.16
N PRO A 82 5.89 -1.52 -3.08
CA PRO A 82 5.63 -1.66 -4.52
C PRO A 82 6.05 -3.03 -5.04
N SER A 83 7.14 -3.56 -4.49
CA SER A 83 7.65 -4.86 -4.91
C SER A 83 6.61 -5.95 -4.66
N LYS A 84 5.75 -5.73 -3.68
CA LYS A 84 4.70 -6.69 -3.35
C LYS A 84 3.55 -6.60 -4.34
N LEU A 85 3.35 -5.42 -4.91
CA LEU A 85 2.27 -5.21 -5.88
C LEU A 85 2.57 -5.96 -7.18
N THR A 86 1.51 -6.32 -7.91
CA THR A 86 1.65 -7.03 -9.16
C THR A 86 0.71 -6.46 -10.22
N ARG A 87 0.84 -6.95 -11.45
CA ARG A 87 -0.01 -6.49 -12.54
C ARG A 87 -0.87 -7.62 -13.09
N GLN A 88 -1.23 -8.56 -12.22
CA GLN A 88 -2.06 -9.68 -12.61
C GLN A 88 -2.37 -10.57 -11.40
N PRO A 89 -3.62 -11.07 -11.31
CA PRO A 89 -4.04 -11.94 -10.20
C PRO A 89 -3.49 -13.35 -10.33
N SER A 90 -2.81 -13.82 -9.29
CA SER A 90 -2.24 -15.16 -9.28
C SER A 90 -3.22 -16.17 -8.71
N GLY A 91 -3.99 -16.81 -9.60
CA GLY A 91 -4.96 -17.79 -9.15
C GLY A 91 -6.26 -17.70 -9.92
N PRO A 92 -6.40 -18.45 -11.03
CA PRO A 92 -7.62 -18.44 -11.85
C PRO A 92 -8.80 -19.09 -11.14
N SER A 93 -10.00 -18.73 -11.57
CA SER A 93 -11.22 -19.28 -10.97
C SER A 93 -12.46 -18.75 -11.68
N SER A 94 -12.44 -17.47 -12.02
CA SER A 94 -13.56 -16.84 -12.71
C SER A 94 -14.81 -16.87 -11.84
N GLY A 95 -14.93 -15.91 -10.93
CA GLY A 95 -16.08 -15.85 -10.06
C GLY A 95 -15.87 -16.60 -8.76
N GLY A 1 12.60 5.04 17.01
CA GLY A 1 12.18 5.84 18.20
C GLY A 1 11.88 4.99 19.41
N SER A 2 11.67 5.63 20.55
CA SER A 2 11.38 4.93 21.79
C SER A 2 10.28 5.64 22.57
N SER A 3 9.37 6.27 21.86
CA SER A 3 8.26 6.99 22.48
C SER A 3 6.91 6.48 21.96
N GLY A 4 6.83 6.30 20.65
CA GLY A 4 5.60 5.82 20.06
C GLY A 4 5.24 4.42 20.51
N SER A 5 4.24 3.82 19.86
CA SER A 5 3.80 2.48 20.21
C SER A 5 3.03 1.85 19.06
N SER A 6 1.92 2.47 18.68
CA SER A 6 1.09 1.97 17.59
C SER A 6 1.74 2.24 16.24
N GLY A 7 2.59 1.32 15.80
CA GLY A 7 3.26 1.48 14.53
C GLY A 7 4.37 0.46 14.32
N ALA A 8 3.98 -0.78 14.05
CA ALA A 8 4.95 -1.85 13.84
C ALA A 8 4.27 -3.11 13.29
N ALA A 9 4.13 -3.18 11.97
CA ALA A 9 3.49 -4.32 11.33
C ALA A 9 4.40 -4.92 10.26
N GLU A 10 4.98 -4.06 9.43
CA GLU A 10 5.87 -4.51 8.37
C GLU A 10 6.95 -3.45 8.09
N VAL A 11 7.78 -3.72 7.08
CA VAL A 11 8.85 -2.81 6.72
C VAL A 11 8.70 -2.34 5.27
N GLY A 12 9.55 -1.40 4.87
CA GLY A 12 9.50 -0.89 3.51
C GLY A 12 10.69 -1.32 2.68
N ASP A 13 10.48 -1.46 1.38
CA ASP A 13 11.55 -1.88 0.47
C ASP A 13 12.58 -0.77 0.30
N ASP A 14 13.65 -1.06 -0.42
CA ASP A 14 14.71 -0.08 -0.66
C ASP A 14 14.80 0.28 -2.14
N PHE A 15 13.64 0.35 -2.80
CA PHE A 15 13.59 0.68 -4.22
C PHE A 15 12.14 0.81 -4.68
N LEU A 16 11.88 1.86 -5.47
CA LEU A 16 10.54 2.10 -5.99
C LEU A 16 10.35 1.40 -7.33
N GLY A 17 9.25 0.64 -7.44
CA GLY A 17 8.97 -0.07 -8.68
C GLY A 17 8.57 0.87 -9.81
N ASP A 18 8.01 0.30 -10.86
CA ASP A 18 7.59 1.08 -12.02
C ASP A 18 6.08 1.25 -12.04
N PHE A 19 5.48 1.30 -10.85
CA PHE A 19 4.03 1.46 -10.73
C PHE A 19 3.65 2.94 -10.66
N VAL A 20 3.02 3.43 -11.73
CA VAL A 20 2.60 4.83 -11.79
C VAL A 20 1.29 5.04 -11.04
N VAL A 21 0.96 6.29 -10.80
CA VAL A 21 -0.27 6.64 -10.09
C VAL A 21 -1.47 6.63 -11.03
N GLY A 22 -2.46 5.80 -10.72
CA GLY A 22 -3.65 5.72 -11.56
C GLY A 22 -3.88 4.32 -12.10
N GLU A 23 -2.80 3.57 -12.26
CA GLU A 23 -2.89 2.21 -12.79
C GLU A 23 -3.35 1.23 -11.70
N ARG A 24 -3.79 0.05 -12.13
CA ARG A 24 -4.25 -0.97 -11.19
C ARG A 24 -3.12 -1.92 -10.83
N VAL A 25 -3.03 -2.26 -9.54
CA VAL A 25 -1.99 -3.16 -9.05
C VAL A 25 -2.54 -4.12 -8.01
N TRP A 26 -2.11 -5.38 -8.10
CA TRP A 26 -2.57 -6.39 -7.15
C TRP A 26 -1.63 -6.45 -5.94
N VAL A 27 -2.21 -6.27 -4.76
CA VAL A 27 -1.44 -6.31 -3.52
C VAL A 27 -1.31 -7.74 -2.98
N ASN A 28 -0.10 -8.27 -3.02
CA ASN A 28 0.14 -9.64 -2.54
C ASN A 28 -0.69 -10.65 -3.32
N GLY A 29 -0.97 -10.33 -4.58
CA GLY A 29 -1.76 -11.23 -5.40
C GLY A 29 -3.13 -11.50 -4.82
N VAL A 30 -3.67 -10.53 -4.09
CA VAL A 30 -4.98 -10.67 -3.48
C VAL A 30 -6.05 -9.94 -4.29
N LYS A 31 -5.97 -8.62 -4.32
CA LYS A 31 -6.93 -7.81 -5.06
C LYS A 31 -6.25 -6.58 -5.66
N PRO A 32 -6.73 -6.13 -6.84
CA PRO A 32 -6.16 -4.95 -7.51
C PRO A 32 -6.52 -3.65 -6.81
N GLY A 33 -5.68 -2.63 -7.01
CA GLY A 33 -5.92 -1.34 -6.39
C GLY A 33 -5.29 -0.20 -7.15
N VAL A 34 -5.97 0.94 -7.18
CA VAL A 34 -5.47 2.11 -7.89
C VAL A 34 -4.43 2.84 -7.05
N VAL A 35 -3.20 2.91 -7.57
CA VAL A 35 -2.12 3.59 -6.88
C VAL A 35 -2.36 5.09 -6.80
N GLN A 36 -2.18 5.66 -5.61
CA GLN A 36 -2.39 7.09 -5.40
C GLN A 36 -1.10 7.76 -4.93
N TYR A 37 -0.39 7.10 -4.01
CA TYR A 37 0.85 7.62 -3.48
C TYR A 37 2.01 6.66 -3.74
N LEU A 38 3.22 7.22 -3.87
CA LEU A 38 4.40 6.42 -4.13
C LEU A 38 5.63 7.04 -3.48
N GLY A 39 6.19 6.35 -2.48
CA GLY A 39 7.35 6.85 -1.79
C GLY A 39 7.44 6.37 -0.36
N GLU A 40 8.31 6.99 0.43
CA GLU A 40 8.49 6.61 1.83
C GLU A 40 7.27 7.03 2.65
N THR A 41 7.18 6.50 3.87
CA THR A 41 6.07 6.81 4.77
C THR A 41 6.57 7.41 6.07
N GLN A 42 5.65 7.70 6.98
CA GLN A 42 6.00 8.27 8.28
C GLN A 42 5.79 7.26 9.39
N PHE A 43 4.81 6.39 9.22
CA PHE A 43 4.50 5.37 10.22
C PHE A 43 5.62 4.32 10.28
N ALA A 44 6.27 4.08 9.15
CA ALA A 44 7.35 3.11 9.08
C ALA A 44 8.39 3.52 8.04
N PRO A 45 9.67 3.15 8.27
CA PRO A 45 10.76 3.50 7.35
C PRO A 45 10.68 2.71 6.04
N GLY A 46 11.70 2.86 5.21
CA GLY A 46 11.73 2.15 3.94
C GLY A 46 10.76 2.72 2.93
N GLN A 47 10.88 2.31 1.69
CA GLN A 47 10.00 2.79 0.62
C GLN A 47 8.60 2.19 0.77
N TRP A 48 7.61 2.88 0.21
CA TRP A 48 6.23 2.42 0.28
C TRP A 48 5.48 2.77 -1.00
N ALA A 49 4.28 2.23 -1.14
CA ALA A 49 3.45 2.48 -2.32
C ALA A 49 1.97 2.48 -1.96
N GLY A 50 1.39 3.66 -1.87
CA GLY A 50 -0.01 3.79 -1.52
C GLY A 50 -0.92 3.26 -2.63
N VAL A 51 -1.82 2.36 -2.27
CA VAL A 51 -2.75 1.78 -3.24
C VAL A 51 -4.20 1.91 -2.76
N VAL A 52 -5.11 2.15 -3.69
CA VAL A 52 -6.52 2.30 -3.37
C VAL A 52 -7.33 1.12 -3.89
N LEU A 53 -7.72 0.23 -2.99
CA LEU A 53 -8.50 -0.95 -3.35
C LEU A 53 -9.95 -0.57 -3.63
N ASP A 54 -10.52 -1.18 -4.67
CA ASP A 54 -11.90 -0.90 -5.05
C ASP A 54 -12.86 -1.29 -3.93
N ASP A 55 -12.66 -2.47 -3.37
CA ASP A 55 -13.51 -2.96 -2.28
C ASP A 55 -12.92 -2.58 -0.92
N PRO A 56 -13.74 -2.62 0.14
CA PRO A 56 -13.29 -2.29 1.49
C PRO A 56 -12.33 -3.32 2.07
N VAL A 57 -11.18 -3.47 1.42
CA VAL A 57 -10.18 -4.44 1.86
C VAL A 57 -8.82 -3.77 2.05
N GLY A 58 -8.84 -2.49 2.41
CA GLY A 58 -7.60 -1.75 2.61
C GLY A 58 -7.10 -1.83 4.03
N LYS A 59 -6.18 -0.95 4.39
CA LYS A 59 -5.62 -0.92 5.73
C LYS A 59 -5.81 0.45 6.38
N ASN A 60 -5.56 1.50 5.61
CA ASN A 60 -5.70 2.86 6.11
C ASN A 60 -6.85 3.58 5.39
N ASP A 61 -6.98 4.88 5.65
CA ASP A 61 -8.04 5.68 5.04
C ASP A 61 -7.47 6.97 4.47
N GLY A 62 -6.23 6.92 4.00
CA GLY A 62 -5.59 8.09 3.45
C GLY A 62 -4.56 8.70 4.37
N ALA A 63 -4.76 8.51 5.68
CA ALA A 63 -3.84 9.05 6.68
C ALA A 63 -3.40 7.96 7.66
N VAL A 64 -2.12 7.97 8.01
CA VAL A 64 -1.58 6.99 8.94
C VAL A 64 -0.75 7.66 10.03
N GLY A 65 -1.36 7.82 11.21
CA GLY A 65 -0.67 8.45 12.31
C GLY A 65 -0.95 9.95 12.40
N GLY A 66 -1.28 10.56 11.27
CA GLY A 66 -1.57 11.98 11.24
C GLY A 66 -1.24 12.61 9.90
N VAL A 67 -0.29 12.02 9.19
CA VAL A 67 0.11 12.54 7.88
C VAL A 67 -0.77 11.96 6.78
N ARG A 68 -1.44 12.84 6.05
CA ARG A 68 -2.33 12.42 4.96
C ARG A 68 -1.53 12.23 3.67
N TYR A 69 -1.54 11.01 3.15
CA TYR A 69 -0.83 10.70 1.92
C TYR A 69 -1.69 10.98 0.69
N PHE A 70 -2.88 10.38 0.67
CA PHE A 70 -3.81 10.57 -0.44
C PHE A 70 -5.26 10.53 0.05
N GLU A 71 -6.06 11.47 -0.44
CA GLU A 71 -7.46 11.54 -0.06
C GLU A 71 -8.29 10.52 -0.83
N CYS A 72 -8.71 9.46 -0.15
CA CYS A 72 -9.50 8.41 -0.76
C CYS A 72 -10.51 7.82 0.23
N PRO A 73 -11.45 7.00 -0.25
CA PRO A 73 -12.47 6.37 0.60
C PRO A 73 -11.85 5.65 1.80
N ALA A 74 -12.69 5.21 2.72
CA ALA A 74 -12.23 4.51 3.91
C ALA A 74 -12.05 3.02 3.64
N LEU A 75 -11.11 2.41 4.34
CA LEU A 75 -10.84 0.98 4.17
C LEU A 75 -10.43 0.67 2.73
N GLN A 76 -9.80 1.64 2.08
CA GLN A 76 -9.35 1.46 0.70
C GLN A 76 -7.89 1.88 0.55
N GLY A 77 -7.54 3.01 1.15
CA GLY A 77 -6.18 3.50 1.06
C GLY A 77 -5.19 2.60 1.78
N ILE A 78 -4.82 1.50 1.13
CA ILE A 78 -3.87 0.56 1.70
C ILE A 78 -2.43 0.97 1.42
N PHE A 79 -1.51 0.48 2.23
CA PHE A 79 -0.09 0.80 2.07
C PHE A 79 0.75 -0.47 2.04
N THR A 80 1.63 -0.56 1.04
CA THR A 80 2.50 -1.73 0.90
C THR A 80 3.71 -1.40 0.03
N ARG A 81 4.68 -2.31 0.00
CA ARG A 81 5.88 -2.12 -0.79
C ARG A 81 5.62 -2.37 -2.27
N PRO A 82 6.27 -1.61 -3.16
CA PRO A 82 6.09 -1.74 -4.61
C PRO A 82 6.28 -3.18 -5.07
N SER A 83 7.31 -3.84 -4.56
CA SER A 83 7.60 -5.22 -4.92
C SER A 83 6.42 -6.13 -4.58
N LYS A 84 5.74 -5.82 -3.48
CA LYS A 84 4.59 -6.61 -3.05
C LYS A 84 3.46 -6.55 -4.08
N LEU A 85 3.38 -5.43 -4.79
CA LEU A 85 2.35 -5.25 -5.81
C LEU A 85 2.66 -6.07 -7.05
N THR A 86 1.65 -6.31 -7.86
CA THR A 86 1.81 -7.07 -9.09
C THR A 86 0.82 -6.63 -10.15
N ARG A 87 1.15 -6.87 -11.42
CA ARG A 87 0.29 -6.49 -12.53
C ARG A 87 -0.54 -7.68 -13.01
N GLN A 88 -0.80 -8.62 -12.11
CA GLN A 88 -1.59 -9.80 -12.44
C GLN A 88 -1.76 -10.69 -11.20
N PRO A 89 -2.98 -11.24 -11.00
CA PRO A 89 -3.27 -12.11 -9.86
C PRO A 89 -2.29 -13.28 -9.75
N SER A 90 -2.31 -13.95 -8.61
CA SER A 90 -1.42 -15.09 -8.37
C SER A 90 -2.21 -16.39 -8.28
N GLY A 91 -1.58 -17.49 -8.66
CA GLY A 91 -2.25 -18.78 -8.60
C GLY A 91 -1.56 -19.75 -7.65
N PRO A 92 -2.26 -20.81 -7.22
CA PRO A 92 -1.70 -21.80 -6.31
C PRO A 92 -0.37 -22.37 -6.81
N SER A 93 0.74 -21.87 -6.26
CA SER A 93 2.06 -22.31 -6.65
C SER A 93 2.50 -23.50 -5.81
N SER A 94 2.78 -24.62 -6.48
CA SER A 94 3.22 -25.84 -5.79
C SER A 94 4.67 -25.71 -5.33
N GLY A 95 4.95 -26.24 -4.15
CA GLY A 95 6.30 -26.19 -3.61
C GLY A 95 6.45 -27.00 -2.34
N GLY A 1 -5.14 -18.39 19.10
CA GLY A 1 -5.78 -17.46 18.12
C GLY A 1 -4.92 -16.23 17.85
N SER A 2 -5.49 -15.06 18.08
CA SER A 2 -4.78 -13.80 17.86
C SER A 2 -5.38 -12.67 18.70
N SER A 3 -4.75 -11.51 18.65
CA SER A 3 -5.22 -10.36 19.40
C SER A 3 -4.98 -9.07 18.63
N GLY A 4 -3.74 -8.86 18.21
CA GLY A 4 -3.40 -7.66 17.46
C GLY A 4 -2.97 -6.51 18.36
N SER A 5 -1.94 -5.80 17.94
CA SER A 5 -1.43 -4.67 18.72
C SER A 5 -1.98 -3.34 18.17
N SER A 6 -3.26 -3.34 17.82
CA SER A 6 -3.91 -2.15 17.29
C SER A 6 -3.27 -1.73 15.96
N GLY A 7 -2.13 -1.05 16.04
CA GLY A 7 -1.44 -0.61 14.85
C GLY A 7 -0.48 -1.64 14.31
N ALA A 8 0.44 -1.20 13.45
CA ALA A 8 1.42 -2.10 12.86
C ALA A 8 2.59 -1.32 12.26
N ALA A 9 3.80 -1.81 12.49
CA ALA A 9 4.99 -1.16 11.96
C ALA A 9 5.20 -1.49 10.49
N GLU A 10 5.63 -2.72 10.22
CA GLU A 10 5.87 -3.17 8.85
C GLU A 10 6.98 -2.36 8.20
N VAL A 11 7.96 -3.06 7.64
CA VAL A 11 9.09 -2.41 6.97
C VAL A 11 8.85 -2.26 5.48
N GLY A 12 9.78 -1.60 4.80
CA GLY A 12 9.65 -1.41 3.36
C GLY A 12 10.85 -1.92 2.60
N ASP A 13 11.05 -1.40 1.39
CA ASP A 13 12.17 -1.82 0.56
C ASP A 13 12.98 -0.61 0.09
N ASP A 14 14.20 -0.88 -0.37
CA ASP A 14 15.08 0.19 -0.84
C ASP A 14 15.03 0.30 -2.37
N PHE A 15 13.88 -0.03 -2.94
CA PHE A 15 13.71 0.03 -4.39
C PHE A 15 12.23 -0.10 -4.76
N LEU A 16 11.70 0.94 -5.41
CA LEU A 16 10.30 0.95 -5.82
C LEU A 16 10.01 -0.20 -6.78
N GLY A 17 8.74 -0.35 -7.15
CA GLY A 17 8.36 -1.42 -8.05
C GLY A 17 8.19 -0.94 -9.48
N ASP A 18 8.79 0.20 -9.80
CA ASP A 18 8.70 0.76 -11.15
C ASP A 18 7.25 0.96 -11.56
N PHE A 19 6.40 1.24 -10.57
CA PHE A 19 4.98 1.46 -10.83
C PHE A 19 4.69 2.95 -11.06
N VAL A 20 3.45 3.26 -11.39
CA VAL A 20 3.04 4.63 -11.64
C VAL A 20 1.71 4.95 -10.96
N VAL A 21 1.36 6.23 -10.91
CA VAL A 21 0.12 6.66 -10.28
C VAL A 21 -1.03 6.66 -11.29
N GLY A 22 -2.06 5.87 -11.01
CA GLY A 22 -3.20 5.80 -11.90
C GLY A 22 -3.33 4.45 -12.57
N GLU A 23 -2.85 3.41 -11.90
CA GLU A 23 -2.91 2.06 -12.45
C GLU A 23 -3.38 1.06 -11.39
N ARG A 24 -3.97 -0.04 -11.85
CA ARG A 24 -4.46 -1.08 -10.94
C ARG A 24 -3.37 -2.10 -10.63
N VAL A 25 -3.06 -2.24 -9.35
CA VAL A 25 -2.03 -3.19 -8.91
C VAL A 25 -2.57 -4.13 -7.85
N TRP A 26 -2.25 -5.42 -7.98
CA TRP A 26 -2.70 -6.42 -7.03
C TRP A 26 -1.75 -6.51 -5.84
N VAL A 27 -2.23 -6.10 -4.68
CA VAL A 27 -1.42 -6.13 -3.47
C VAL A 27 -1.31 -7.54 -2.90
N ASN A 28 -0.10 -8.06 -2.84
CA ASN A 28 0.14 -9.41 -2.33
C ASN A 28 -0.66 -10.45 -3.12
N GLY A 29 -0.93 -10.15 -4.39
CA GLY A 29 -1.67 -11.07 -5.22
C GLY A 29 -3.03 -11.41 -4.65
N VAL A 30 -3.82 -10.39 -4.34
CA VAL A 30 -5.14 -10.60 -3.76
C VAL A 30 -6.19 -9.81 -4.53
N LYS A 31 -6.12 -8.48 -4.45
CA LYS A 31 -7.06 -7.61 -5.13
C LYS A 31 -6.36 -6.41 -5.74
N PRO A 32 -6.84 -5.92 -6.91
CA PRO A 32 -6.25 -4.78 -7.59
C PRO A 32 -6.56 -3.46 -6.89
N GLY A 33 -5.62 -2.52 -6.99
CA GLY A 33 -5.81 -1.23 -6.35
C GLY A 33 -5.18 -0.09 -7.15
N VAL A 34 -5.83 1.07 -7.12
CA VAL A 34 -5.33 2.23 -7.85
C VAL A 34 -4.23 2.93 -7.06
N VAL A 35 -3.04 3.00 -7.64
CA VAL A 35 -1.90 3.65 -6.99
C VAL A 35 -2.05 5.16 -7.03
N GLN A 36 -2.01 5.78 -5.85
CA GLN A 36 -2.14 7.23 -5.75
C GLN A 36 -0.83 7.86 -5.27
N TYR A 37 -0.15 7.18 -4.35
CA TYR A 37 1.11 7.67 -3.81
C TYR A 37 2.24 6.68 -4.08
N LEU A 38 3.44 7.20 -4.30
CA LEU A 38 4.60 6.36 -4.57
C LEU A 38 5.88 7.04 -4.09
N GLY A 39 6.44 6.53 -3.00
CA GLY A 39 7.66 7.09 -2.45
C GLY A 39 8.02 6.51 -1.10
N GLU A 40 7.76 7.26 -0.04
CA GLU A 40 8.06 6.82 1.31
C GLU A 40 6.94 7.23 2.28
N THR A 41 6.91 6.58 3.44
CA THR A 41 5.90 6.87 4.44
C THR A 41 6.54 7.46 5.70
N GLN A 42 5.72 7.73 6.70
CA GLN A 42 6.20 8.29 7.96
C GLN A 42 6.06 7.28 9.09
N PHE A 43 5.02 6.46 9.03
CA PHE A 43 4.78 5.44 10.06
C PHE A 43 5.91 4.42 10.09
N ALA A 44 6.50 4.18 8.92
CA ALA A 44 7.60 3.21 8.81
C ALA A 44 8.63 3.66 7.78
N PRO A 45 9.90 3.31 7.99
CA PRO A 45 10.99 3.69 7.07
C PRO A 45 10.92 2.91 5.75
N GLY A 46 11.99 3.00 4.97
CA GLY A 46 12.02 2.32 3.69
C GLY A 46 11.05 2.90 2.68
N GLN A 47 11.09 2.39 1.46
CA GLN A 47 10.20 2.86 0.40
C GLN A 47 8.81 2.25 0.54
N TRP A 48 7.78 3.05 0.29
CA TRP A 48 6.41 2.58 0.39
C TRP A 48 5.61 2.99 -0.85
N ALA A 49 4.39 2.47 -0.94
CA ALA A 49 3.52 2.78 -2.08
C ALA A 49 2.06 2.70 -1.69
N GLY A 50 1.35 3.82 -1.79
CA GLY A 50 -0.07 3.85 -1.45
C GLY A 50 -0.95 3.35 -2.57
N VAL A 51 -1.85 2.43 -2.25
CA VAL A 51 -2.76 1.88 -3.25
C VAL A 51 -4.20 1.92 -2.75
N VAL A 52 -5.12 2.25 -3.65
CA VAL A 52 -6.54 2.32 -3.30
C VAL A 52 -7.30 1.11 -3.82
N LEU A 53 -7.78 0.28 -2.90
CA LEU A 53 -8.52 -0.93 -3.27
C LEU A 53 -9.93 -0.58 -3.72
N ASP A 54 -10.49 -1.42 -4.59
CA ASP A 54 -11.84 -1.20 -5.10
C ASP A 54 -12.88 -1.34 -4.00
N ASP A 55 -12.97 -2.54 -3.43
CA ASP A 55 -13.92 -2.81 -2.37
C ASP A 55 -13.39 -2.30 -1.02
N PRO A 56 -14.30 -1.92 -0.11
CA PRO A 56 -13.92 -1.42 1.22
C PRO A 56 -13.33 -2.51 2.11
N VAL A 57 -12.19 -3.05 1.68
CA VAL A 57 -11.51 -4.10 2.44
C VAL A 57 -10.03 -3.77 2.62
N GLY A 58 -9.71 -2.49 2.69
CA GLY A 58 -8.34 -2.07 2.87
C GLY A 58 -7.93 -1.99 4.34
N LYS A 59 -7.29 -0.89 4.70
CA LYS A 59 -6.84 -0.69 6.09
C LYS A 59 -7.08 0.75 6.53
N ASN A 60 -6.29 1.67 5.99
CA ASN A 60 -6.42 3.08 6.33
C ASN A 60 -7.35 3.79 5.36
N ASP A 61 -7.83 4.97 5.76
CA ASP A 61 -8.72 5.75 4.92
C ASP A 61 -7.98 6.92 4.27
N GLY A 62 -6.72 6.69 3.92
CA GLY A 62 -5.92 7.72 3.28
C GLY A 62 -4.88 8.30 4.22
N ALA A 63 -5.18 8.29 5.52
CA ALA A 63 -4.26 8.80 6.52
C ALA A 63 -3.70 7.68 7.39
N VAL A 64 -2.38 7.72 7.62
CA VAL A 64 -1.72 6.71 8.42
C VAL A 64 -0.91 7.35 9.55
N GLY A 65 -1.44 7.26 10.77
CA GLY A 65 -0.75 7.84 11.91
C GLY A 65 -0.81 9.36 11.92
N GLY A 66 -1.86 9.91 11.33
CA GLY A 66 -2.01 11.35 11.29
C GLY A 66 -1.55 11.94 9.97
N VAL A 67 -0.61 11.27 9.31
CA VAL A 67 -0.10 11.74 8.03
C VAL A 67 -1.01 11.33 6.88
N ARG A 68 -1.16 12.21 5.90
CA ARG A 68 -2.01 11.95 4.74
C ARG A 68 -1.18 11.86 3.47
N TYR A 69 -1.59 11.01 2.55
CA TYR A 69 -0.89 10.83 1.29
C TYR A 69 -1.81 11.09 0.11
N PHE A 70 -3.04 10.56 0.19
CA PHE A 70 -4.02 10.74 -0.88
C PHE A 70 -5.43 10.74 -0.32
N GLU A 71 -6.27 11.63 -0.83
CA GLU A 71 -7.65 11.74 -0.38
C GLU A 71 -8.52 10.68 -1.05
N CYS A 72 -8.85 9.63 -0.31
CA CYS A 72 -9.68 8.55 -0.83
C CYS A 72 -10.66 8.05 0.23
N PRO A 73 -11.67 7.25 -0.18
CA PRO A 73 -12.66 6.71 0.74
C PRO A 73 -12.03 5.99 1.92
N ALA A 74 -12.86 5.40 2.77
CA ALA A 74 -12.38 4.68 3.94
C ALA A 74 -12.30 3.17 3.67
N LEU A 75 -11.42 2.49 4.39
CA LEU A 75 -11.24 1.06 4.22
C LEU A 75 -10.79 0.72 2.80
N GLN A 76 -10.04 1.64 2.20
CA GLN A 76 -9.53 1.44 0.84
C GLN A 76 -8.06 1.81 0.75
N GLY A 77 -7.70 2.93 1.35
CA GLY A 77 -6.32 3.38 1.32
C GLY A 77 -5.38 2.43 2.04
N ILE A 78 -4.89 1.43 1.32
CA ILE A 78 -3.98 0.44 1.90
C ILE A 78 -2.55 0.68 1.42
N PHE A 79 -1.61 0.73 2.37
CA PHE A 79 -0.21 0.95 2.05
C PHE A 79 0.58 -0.35 2.11
N THR A 80 1.50 -0.53 1.18
CA THR A 80 2.32 -1.73 1.14
C THR A 80 3.60 -1.49 0.34
N ARG A 81 4.53 -2.45 0.40
CA ARG A 81 5.79 -2.33 -0.32
C ARG A 81 5.55 -2.32 -1.83
N PRO A 82 6.23 -1.42 -2.57
CA PRO A 82 6.09 -1.32 -4.03
C PRO A 82 6.32 -2.66 -4.72
N SER A 83 7.37 -3.36 -4.30
CA SER A 83 7.72 -4.65 -4.88
C SER A 83 6.61 -5.67 -4.62
N LYS A 84 5.91 -5.52 -3.51
CA LYS A 84 4.83 -6.44 -3.14
C LYS A 84 3.66 -6.31 -4.12
N LEU A 85 3.54 -5.16 -4.75
CA LEU A 85 2.46 -4.91 -5.70
C LEU A 85 2.69 -5.70 -6.99
N THR A 86 1.60 -6.07 -7.65
CA THR A 86 1.68 -6.82 -8.89
C THR A 86 0.71 -6.27 -9.94
N ARG A 87 0.76 -6.82 -11.14
CA ARG A 87 -0.12 -6.38 -12.22
C ARG A 87 -1.03 -7.52 -12.68
N GLN A 88 -1.24 -8.50 -11.81
CA GLN A 88 -2.10 -9.64 -12.13
C GLN A 88 -2.69 -10.25 -10.86
N PRO A 89 -3.82 -10.96 -10.99
CA PRO A 89 -4.49 -11.60 -9.85
C PRO A 89 -3.71 -12.79 -9.31
N SER A 90 -2.49 -12.53 -8.83
CA SER A 90 -1.64 -13.58 -8.28
C SER A 90 -1.35 -14.65 -9.33
N GLY A 91 -0.12 -14.67 -9.82
CA GLY A 91 0.26 -15.65 -10.83
C GLY A 91 1.10 -16.77 -10.25
N PRO A 92 2.38 -16.51 -9.95
CA PRO A 92 3.29 -17.52 -9.40
C PRO A 92 2.93 -17.87 -7.95
N SER A 93 2.26 -18.99 -7.77
CA SER A 93 1.87 -19.45 -6.45
C SER A 93 2.94 -20.33 -5.83
N SER A 94 3.84 -19.72 -5.06
CA SER A 94 4.92 -20.46 -4.41
C SER A 94 5.10 -19.99 -2.97
N GLY A 95 5.57 -18.76 -2.80
CA GLY A 95 5.78 -18.22 -1.48
C GLY A 95 7.03 -18.78 -0.81
N GLY A 1 0.45 14.62 25.97
CA GLY A 1 0.10 14.97 24.56
C GLY A 1 1.30 15.49 23.79
N SER A 2 1.84 14.66 22.92
CA SER A 2 3.00 15.04 22.11
C SER A 2 2.70 14.89 20.62
N SER A 3 2.25 13.68 20.24
CA SER A 3 1.93 13.40 18.85
C SER A 3 1.32 12.01 18.71
N GLY A 4 0.99 11.63 17.47
CA GLY A 4 0.40 10.33 17.22
C GLY A 4 0.70 9.82 15.84
N SER A 5 1.28 8.63 15.76
CA SER A 5 1.63 8.02 14.48
C SER A 5 1.75 6.51 14.60
N SER A 6 0.67 5.86 15.03
CA SER A 6 0.66 4.42 15.20
C SER A 6 -0.36 3.77 14.26
N GLY A 7 -0.38 2.45 14.25
CA GLY A 7 -1.31 1.73 13.39
C GLY A 7 -0.62 0.69 12.52
N ALA A 8 0.45 1.11 11.85
CA ALA A 8 1.20 0.21 10.98
C ALA A 8 2.33 -0.46 11.74
N ALA A 9 2.45 -1.78 11.57
CA ALA A 9 3.50 -2.54 12.24
C ALA A 9 4.34 -3.32 11.24
N GLU A 10 4.52 -2.74 10.04
CA GLU A 10 5.30 -3.38 9.00
C GLU A 10 6.42 -2.45 8.52
N VAL A 11 7.47 -3.05 7.98
CA VAL A 11 8.61 -2.29 7.49
C VAL A 11 8.52 -2.07 5.98
N GLY A 12 9.37 -1.19 5.46
CA GLY A 12 9.37 -0.91 4.04
C GLY A 12 10.64 -1.37 3.35
N ASP A 13 10.59 -1.50 2.03
CA ASP A 13 11.74 -1.94 1.25
C ASP A 13 12.70 -0.79 1.02
N ASP A 14 13.67 -0.99 0.12
CA ASP A 14 14.64 0.04 -0.19
C ASP A 14 14.73 0.26 -1.70
N PHE A 15 13.61 0.08 -2.39
CA PHE A 15 13.56 0.26 -3.83
C PHE A 15 12.13 0.50 -4.31
N LEU A 16 11.99 1.22 -5.42
CA LEU A 16 10.67 1.52 -5.97
C LEU A 16 10.42 0.72 -7.24
N GLY A 17 9.22 0.16 -7.35
CA GLY A 17 8.88 -0.63 -8.53
C GLY A 17 8.57 0.24 -9.74
N ASP A 18 8.39 -0.39 -10.89
CA ASP A 18 8.09 0.32 -12.12
C ASP A 18 6.58 0.52 -12.29
N PHE A 19 5.96 1.10 -11.28
CA PHE A 19 4.52 1.34 -11.30
C PHE A 19 4.22 2.83 -11.35
N VAL A 20 3.03 3.18 -11.84
CA VAL A 20 2.62 4.58 -11.94
C VAL A 20 1.40 4.86 -11.05
N VAL A 21 1.20 6.13 -10.72
CA VAL A 21 0.09 6.54 -9.89
C VAL A 21 -1.20 6.64 -10.69
N GLY A 22 -2.14 5.74 -10.41
CA GLY A 22 -3.41 5.74 -11.12
C GLY A 22 -3.77 4.38 -11.68
N GLU A 23 -2.75 3.58 -11.98
CA GLU A 23 -2.95 2.24 -12.52
C GLU A 23 -3.40 1.27 -11.42
N ARG A 24 -3.95 0.14 -11.83
CA ARG A 24 -4.42 -0.87 -10.90
C ARG A 24 -3.37 -1.96 -10.70
N VAL A 25 -2.94 -2.14 -9.45
CA VAL A 25 -1.94 -3.14 -9.12
C VAL A 25 -2.46 -4.14 -8.09
N TRP A 26 -1.91 -5.35 -8.10
CA TRP A 26 -2.33 -6.39 -7.17
C TRP A 26 -1.38 -6.45 -5.98
N VAL A 27 -1.89 -6.11 -4.80
CA VAL A 27 -1.08 -6.13 -3.58
C VAL A 27 -0.90 -7.57 -3.08
N ASN A 28 0.33 -8.07 -3.19
CA ASN A 28 0.64 -9.42 -2.74
C ASN A 28 -0.20 -10.45 -3.50
N GLY A 29 -0.59 -10.12 -4.72
CA GLY A 29 -1.40 -11.03 -5.52
C GLY A 29 -2.69 -11.41 -4.84
N VAL A 30 -3.39 -10.42 -4.29
CA VAL A 30 -4.65 -10.66 -3.60
C VAL A 30 -5.81 -9.95 -4.30
N LYS A 31 -5.70 -8.64 -4.41
CA LYS A 31 -6.74 -7.84 -5.06
C LYS A 31 -6.14 -6.60 -5.72
N PRO A 32 -6.74 -6.14 -6.83
CA PRO A 32 -6.26 -4.96 -7.55
C PRO A 32 -6.58 -3.67 -6.81
N GLY A 33 -5.76 -2.64 -7.03
CA GLY A 33 -5.98 -1.36 -6.37
C GLY A 33 -5.34 -0.21 -7.13
N VAL A 34 -6.01 0.94 -7.11
CA VAL A 34 -5.51 2.13 -7.81
C VAL A 34 -4.39 2.79 -7.02
N VAL A 35 -3.21 2.83 -7.61
CA VAL A 35 -2.05 3.44 -6.97
C VAL A 35 -2.21 4.95 -6.84
N GLN A 36 -2.03 5.46 -5.63
CA GLN A 36 -2.17 6.89 -5.37
C GLN A 36 -0.83 7.49 -4.90
N TYR A 37 -0.13 6.74 -4.05
CA TYR A 37 1.15 7.20 -3.53
C TYR A 37 2.28 6.26 -3.97
N LEU A 38 3.46 6.82 -4.17
CA LEU A 38 4.62 6.05 -4.59
C LEU A 38 5.92 6.70 -4.13
N GLY A 39 6.57 6.10 -3.14
CA GLY A 39 7.81 6.64 -2.62
C GLY A 39 8.12 6.16 -1.22
N GLU A 40 7.89 7.03 -0.24
CA GLU A 40 8.13 6.69 1.16
C GLU A 40 6.94 7.06 2.03
N THR A 41 7.01 6.69 3.31
CA THR A 41 5.93 6.98 4.25
C THR A 41 6.48 7.60 5.52
N GLN A 42 5.60 7.87 6.47
CA GLN A 42 5.99 8.47 7.74
C GLN A 42 5.86 7.46 8.89
N PHE A 43 4.77 6.69 8.86
CA PHE A 43 4.53 5.68 9.89
C PHE A 43 5.64 4.63 9.91
N ALA A 44 6.21 4.37 8.74
CA ALA A 44 7.28 3.38 8.61
C ALA A 44 8.35 3.84 7.63
N PRO A 45 9.62 3.54 7.92
CA PRO A 45 10.74 3.93 7.04
C PRO A 45 10.81 3.09 5.77
N GLY A 46 11.80 3.38 4.94
CA GLY A 46 11.96 2.63 3.70
C GLY A 46 11.03 3.11 2.61
N GLN A 47 10.93 2.34 1.53
CA GLN A 47 10.06 2.69 0.42
C GLN A 47 8.67 2.10 0.60
N TRP A 48 7.66 2.86 0.21
CA TRP A 48 6.27 2.42 0.34
C TRP A 48 5.46 2.82 -0.89
N ALA A 49 4.37 2.09 -1.15
CA ALA A 49 3.51 2.39 -2.28
C ALA A 49 2.04 2.23 -1.91
N GLY A 50 1.34 3.37 -1.81
CA GLY A 50 -0.06 3.34 -1.46
C GLY A 50 -0.94 2.85 -2.60
N VAL A 51 -1.98 2.11 -2.27
CA VAL A 51 -2.90 1.59 -3.28
C VAL A 51 -4.34 1.61 -2.77
N VAL A 52 -5.20 2.32 -3.49
CA VAL A 52 -6.61 2.43 -3.12
C VAL A 52 -7.41 1.26 -3.67
N LEU A 53 -7.74 0.31 -2.80
CA LEU A 53 -8.52 -0.86 -3.21
C LEU A 53 -9.90 -0.46 -3.71
N ASP A 54 -10.48 -1.30 -4.56
CA ASP A 54 -11.80 -1.04 -5.12
C ASP A 54 -12.88 -1.23 -4.06
N ASP A 55 -12.77 -2.31 -3.31
CA ASP A 55 -13.75 -2.62 -2.26
C ASP A 55 -13.24 -2.16 -0.89
N PRO A 56 -14.17 -1.93 0.05
CA PRO A 56 -13.82 -1.49 1.40
C PRO A 56 -13.17 -2.59 2.23
N VAL A 57 -12.03 -3.08 1.78
CA VAL A 57 -11.32 -4.15 2.47
C VAL A 57 -9.83 -3.84 2.57
N GLY A 58 -9.50 -2.55 2.64
CA GLY A 58 -8.11 -2.15 2.74
C GLY A 58 -7.61 -2.13 4.17
N LYS A 59 -6.93 -1.06 4.54
CA LYS A 59 -6.39 -0.91 5.89
C LYS A 59 -6.71 0.46 6.46
N ASN A 60 -6.07 1.48 5.90
CA ASN A 60 -6.28 2.85 6.36
C ASN A 60 -7.22 3.60 5.42
N ASP A 61 -7.61 4.82 5.81
CA ASP A 61 -8.51 5.63 5.00
C ASP A 61 -7.75 6.79 4.35
N GLY A 62 -6.51 6.52 3.95
CA GLY A 62 -5.70 7.56 3.32
C GLY A 62 -4.80 8.27 4.31
N ALA A 63 -5.32 8.55 5.49
CA ALA A 63 -4.55 9.23 6.52
C ALA A 63 -4.13 8.26 7.62
N VAL A 64 -2.82 8.16 7.84
CA VAL A 64 -2.29 7.27 8.87
C VAL A 64 -1.70 8.05 10.03
N GLY A 65 -2.26 7.85 11.22
CA GLY A 65 -1.77 8.55 12.39
C GLY A 65 -1.95 10.05 12.29
N GLY A 66 -0.87 10.76 11.99
CA GLY A 66 -0.94 12.21 11.86
C GLY A 66 -0.35 12.71 10.56
N VAL A 67 -0.46 11.90 9.51
CA VAL A 67 0.07 12.26 8.20
C VAL A 67 -0.90 11.85 7.09
N ARG A 68 -1.08 12.75 6.11
CA ARG A 68 -1.97 12.48 4.99
C ARG A 68 -1.18 12.26 3.71
N TYR A 69 -1.57 11.24 2.95
CA TYR A 69 -0.89 10.92 1.70
C TYR A 69 -1.81 11.18 0.50
N PHE A 70 -2.87 10.38 0.41
CA PHE A 70 -3.83 10.53 -0.68
C PHE A 70 -5.26 10.57 -0.15
N GLU A 71 -6.06 11.49 -0.70
CA GLU A 71 -7.44 11.63 -0.28
C GLU A 71 -8.34 10.61 -0.97
N CYS A 72 -8.81 9.63 -0.20
CA CYS A 72 -9.68 8.59 -0.74
C CYS A 72 -10.65 8.09 0.32
N PRO A 73 -11.61 7.22 -0.08
CA PRO A 73 -12.61 6.68 0.85
C PRO A 73 -11.97 6.02 2.07
N ALA A 74 -12.79 5.37 2.89
CA ALA A 74 -12.30 4.70 4.09
C ALA A 74 -12.14 3.20 3.86
N LEU A 75 -11.19 2.60 4.57
CA LEU A 75 -10.93 1.18 4.45
C LEU A 75 -10.51 0.82 3.03
N GLN A 76 -9.87 1.76 2.36
CA GLN A 76 -9.41 1.55 0.98
C GLN A 76 -7.95 1.96 0.82
N GLY A 77 -7.60 3.11 1.40
CA GLY A 77 -6.23 3.60 1.31
C GLY A 77 -5.25 2.70 2.03
N ILE A 78 -4.88 1.59 1.40
CA ILE A 78 -3.94 0.66 1.99
C ILE A 78 -2.51 0.96 1.54
N PHE A 79 -1.54 0.64 2.39
CA PHE A 79 -0.14 0.88 2.09
C PHE A 79 0.65 -0.41 2.09
N THR A 80 1.53 -0.57 1.10
CA THR A 80 2.34 -1.76 0.97
C THR A 80 3.57 -1.50 0.10
N ARG A 81 4.60 -2.31 0.26
CA ARG A 81 5.83 -2.17 -0.51
C ARG A 81 5.55 -2.31 -2.01
N PRO A 82 6.18 -1.48 -2.85
CA PRO A 82 6.00 -1.53 -4.30
C PRO A 82 6.24 -2.92 -4.87
N SER A 83 7.21 -3.63 -4.31
CA SER A 83 7.55 -4.97 -4.76
C SER A 83 6.35 -5.91 -4.63
N LYS A 84 5.50 -5.64 -3.65
CA LYS A 84 4.32 -6.45 -3.42
C LYS A 84 3.27 -6.22 -4.50
N LEU A 85 3.25 -5.00 -5.04
CA LEU A 85 2.30 -4.64 -6.08
C LEU A 85 2.66 -5.33 -7.40
N THR A 86 1.64 -5.81 -8.11
CA THR A 86 1.84 -6.49 -9.38
C THR A 86 0.79 -6.04 -10.41
N ARG A 87 0.88 -6.60 -11.61
CA ARG A 87 -0.06 -6.26 -12.67
C ARG A 87 -1.02 -7.42 -12.94
N GLN A 88 -1.22 -8.27 -11.94
CA GLN A 88 -2.11 -9.41 -12.06
C GLN A 88 -2.12 -10.24 -10.78
N PRO A 89 -3.22 -10.97 -10.53
CA PRO A 89 -3.35 -11.81 -9.33
C PRO A 89 -2.43 -13.03 -9.38
N SER A 90 -2.38 -13.77 -8.28
CA SER A 90 -1.54 -14.96 -8.19
C SER A 90 -2.39 -16.22 -8.07
N GLY A 91 -1.87 -17.33 -8.57
CA GLY A 91 -2.60 -18.58 -8.51
C GLY A 91 -1.76 -19.77 -8.93
N PRO A 92 -1.05 -20.42 -7.98
CA PRO A 92 -0.20 -21.57 -8.29
C PRO A 92 -0.95 -22.65 -9.06
N SER A 93 -0.20 -23.47 -9.80
CA SER A 93 -0.79 -24.54 -10.60
C SER A 93 0.25 -25.61 -10.94
N SER A 94 -0.19 -26.67 -11.60
CA SER A 94 0.71 -27.75 -11.99
C SER A 94 0.89 -27.78 -13.50
N GLY A 95 -0.17 -27.48 -14.23
CA GLY A 95 -0.10 -27.49 -15.68
C GLY A 95 -0.40 -26.12 -16.28
N GLY A 1 7.69 13.34 21.52
CA GLY A 1 8.02 13.45 22.97
C GLY A 1 9.49 13.20 23.24
N SER A 2 9.96 12.00 22.92
CA SER A 2 11.35 11.64 23.14
C SER A 2 11.81 10.61 22.12
N SER A 3 11.23 10.67 20.92
CA SER A 3 11.58 9.74 19.85
C SER A 3 11.32 8.30 20.27
N GLY A 4 10.08 7.86 20.10
CA GLY A 4 9.72 6.50 20.46
C GLY A 4 8.99 5.77 19.36
N SER A 5 8.14 4.82 19.74
CA SER A 5 7.37 4.05 18.77
C SER A 5 6.33 4.93 18.09
N SER A 6 6.20 4.76 16.77
CA SER A 6 5.23 5.54 16.00
C SER A 6 4.85 4.81 14.72
N GLY A 7 3.75 5.23 14.11
CA GLY A 7 3.29 4.61 12.88
C GLY A 7 2.89 3.15 13.08
N ALA A 8 3.84 2.25 12.85
CA ALA A 8 3.60 0.83 13.00
C ALA A 8 4.89 0.03 12.97
N ALA A 9 4.85 -1.20 13.48
CA ALA A 9 6.02 -2.06 13.51
C ALA A 9 6.14 -2.86 12.21
N GLU A 10 6.48 -2.17 11.12
CA GLU A 10 6.63 -2.82 9.83
C GLU A 10 7.70 -2.12 8.99
N VAL A 11 8.08 -2.76 7.88
CA VAL A 11 9.09 -2.19 6.99
C VAL A 11 8.65 -2.28 5.54
N GLY A 12 9.47 -1.71 4.65
CA GLY A 12 9.16 -1.75 3.23
C GLY A 12 10.28 -2.32 2.41
N ASP A 13 10.27 -2.02 1.12
CA ASP A 13 11.31 -2.52 0.20
C ASP A 13 12.30 -1.41 -0.15
N ASP A 14 13.22 -1.72 -1.04
CA ASP A 14 14.23 -0.75 -1.47
C ASP A 14 14.11 -0.47 -2.96
N PHE A 15 12.89 -0.56 -3.48
CA PHE A 15 12.64 -0.31 -4.90
C PHE A 15 11.18 0.04 -5.14
N LEU A 16 10.95 1.19 -5.77
CA LEU A 16 9.59 1.64 -6.06
C LEU A 16 9.01 0.90 -7.27
N GLY A 17 9.89 0.31 -8.08
CA GLY A 17 9.44 -0.41 -9.25
C GLY A 17 9.01 0.51 -10.38
N ASP A 18 8.41 -0.06 -11.42
CA ASP A 18 7.96 0.71 -12.56
C ASP A 18 6.48 1.04 -12.44
N PHE A 19 6.04 1.36 -11.22
CA PHE A 19 4.65 1.68 -10.98
C PHE A 19 4.44 3.20 -10.93
N VAL A 20 3.21 3.63 -11.19
CA VAL A 20 2.89 5.05 -11.18
C VAL A 20 1.51 5.31 -10.57
N VAL A 21 1.12 6.57 -10.51
CA VAL A 21 -0.17 6.94 -9.94
C VAL A 21 -1.29 6.76 -10.96
N GLY A 22 -2.23 5.88 -10.65
CA GLY A 22 -3.33 5.61 -11.55
C GLY A 22 -3.15 4.33 -12.34
N GLU A 23 -2.78 3.27 -11.66
CA GLU A 23 -2.58 1.98 -12.30
C GLU A 23 -3.02 0.83 -11.38
N ARG A 24 -3.82 -0.07 -11.91
CA ARG A 24 -4.32 -1.21 -11.14
C ARG A 24 -3.19 -2.22 -10.90
N VAL A 25 -2.83 -2.40 -9.63
CA VAL A 25 -1.78 -3.34 -9.27
C VAL A 25 -2.25 -4.30 -8.19
N TRP A 26 -1.91 -5.58 -8.35
CA TRP A 26 -2.30 -6.60 -7.38
C TRP A 26 -1.31 -6.67 -6.22
N VAL A 27 -1.80 -6.41 -5.02
CA VAL A 27 -0.95 -6.45 -3.83
C VAL A 27 -0.83 -7.86 -3.28
N ASN A 28 0.39 -8.40 -3.34
CA ASN A 28 0.66 -9.75 -2.85
C ASN A 28 -0.22 -10.78 -3.57
N GLY A 29 -0.57 -10.47 -4.82
CA GLY A 29 -1.40 -11.37 -5.60
C GLY A 29 -2.74 -11.63 -4.94
N VAL A 30 -3.22 -10.67 -4.16
CA VAL A 30 -4.49 -10.80 -3.47
C VAL A 30 -5.60 -10.09 -4.24
N LYS A 31 -5.50 -8.77 -4.34
CA LYS A 31 -6.49 -7.97 -5.04
C LYS A 31 -5.87 -6.69 -5.61
N PRO A 32 -6.40 -6.20 -6.74
CA PRO A 32 -5.88 -4.99 -7.38
C PRO A 32 -6.24 -3.72 -6.60
N GLY A 33 -5.63 -2.61 -6.98
CA GLY A 33 -5.90 -1.35 -6.32
C GLY A 33 -5.32 -0.16 -7.05
N VAL A 34 -6.04 0.95 -7.04
CA VAL A 34 -5.60 2.17 -7.72
C VAL A 34 -4.51 2.87 -6.92
N VAL A 35 -3.30 2.91 -7.47
CA VAL A 35 -2.17 3.56 -6.81
C VAL A 35 -2.35 5.07 -6.78
N GLN A 36 -2.30 5.64 -5.57
CA GLN A 36 -2.46 7.08 -5.41
C GLN A 36 -1.14 7.72 -4.99
N TYR A 37 -0.54 7.20 -3.92
CA TYR A 37 0.73 7.72 -3.43
C TYR A 37 1.87 6.74 -3.70
N LEU A 38 3.07 7.27 -3.85
CA LEU A 38 4.25 6.45 -4.12
C LEU A 38 5.49 7.07 -3.50
N GLY A 39 6.11 6.33 -2.57
CA GLY A 39 7.31 6.82 -1.92
C GLY A 39 7.44 6.30 -0.49
N GLU A 40 8.52 6.71 0.18
CA GLU A 40 8.76 6.28 1.55
C GLU A 40 7.74 6.91 2.50
N THR A 41 7.06 6.06 3.27
CA THR A 41 6.06 6.53 4.22
C THR A 41 6.73 7.11 5.47
N GLN A 42 5.91 7.53 6.43
CA GLN A 42 6.42 8.10 7.67
C GLN A 42 6.19 7.15 8.84
N PHE A 43 5.11 6.38 8.77
CA PHE A 43 4.78 5.43 9.83
C PHE A 43 5.84 4.34 9.93
N ALA A 44 6.46 4.02 8.79
CA ALA A 44 7.49 2.99 8.75
C ALA A 44 8.51 3.27 7.65
N PRO A 45 9.77 2.84 7.85
CA PRO A 45 10.84 3.06 6.88
C PRO A 45 10.65 2.22 5.61
N GLY A 46 11.65 2.25 4.73
CA GLY A 46 11.57 1.49 3.50
C GLY A 46 10.63 2.12 2.49
N GLN A 47 10.57 1.55 1.29
CA GLN A 47 9.71 2.07 0.23
C GLN A 47 8.26 1.66 0.49
N TRP A 48 7.33 2.52 0.07
CA TRP A 48 5.91 2.26 0.25
C TRP A 48 5.10 2.81 -0.92
N ALA A 49 3.98 2.15 -1.22
CA ALA A 49 3.11 2.58 -2.32
C ALA A 49 1.65 2.58 -1.90
N GLY A 50 1.08 3.77 -1.77
CA GLY A 50 -0.32 3.89 -1.37
C GLY A 50 -1.27 3.42 -2.46
N VAL A 51 -1.84 2.23 -2.26
CA VAL A 51 -2.77 1.67 -3.23
C VAL A 51 -4.19 1.70 -2.68
N VAL A 52 -5.07 2.41 -3.39
CA VAL A 52 -6.47 2.52 -2.98
C VAL A 52 -7.30 1.39 -3.57
N LEU A 53 -7.62 0.40 -2.73
CA LEU A 53 -8.41 -0.75 -3.17
C LEU A 53 -9.80 -0.30 -3.62
N ASP A 54 -10.38 -1.04 -4.56
CA ASP A 54 -11.71 -0.74 -5.07
C ASP A 54 -12.76 -0.94 -4.00
N ASP A 55 -12.69 -2.07 -3.31
CA ASP A 55 -13.64 -2.38 -2.25
C ASP A 55 -13.13 -1.91 -0.89
N PRO A 56 -14.04 -1.62 0.05
CA PRO A 56 -13.67 -1.16 1.40
C PRO A 56 -13.04 -2.28 2.23
N VAL A 57 -11.88 -2.76 1.78
CA VAL A 57 -11.18 -3.83 2.48
C VAL A 57 -9.70 -3.51 2.64
N GLY A 58 -9.40 -2.22 2.75
CA GLY A 58 -8.01 -1.80 2.92
C GLY A 58 -7.58 -1.78 4.37
N LYS A 59 -6.79 -0.78 4.73
CA LYS A 59 -6.30 -0.65 6.09
C LYS A 59 -6.47 0.78 6.61
N ASN A 60 -5.84 1.73 5.92
CA ASN A 60 -5.93 3.14 6.30
C ASN A 60 -7.03 3.84 5.52
N ASP A 61 -7.16 5.15 5.76
CA ASP A 61 -8.18 5.95 5.08
C ASP A 61 -7.54 7.17 4.42
N GLY A 62 -6.34 6.99 3.89
CA GLY A 62 -5.65 8.08 3.25
C GLY A 62 -4.64 8.76 4.15
N ALA A 63 -4.93 8.78 5.46
CA ALA A 63 -4.04 9.40 6.43
C ALA A 63 -3.58 8.38 7.47
N VAL A 64 -2.28 8.11 7.48
CA VAL A 64 -1.70 7.16 8.42
C VAL A 64 -1.18 7.87 9.67
N GLY A 65 -1.70 7.48 10.83
CA GLY A 65 -1.28 8.08 12.08
C GLY A 65 -1.54 9.57 12.12
N GLY A 66 -0.59 10.36 11.62
CA GLY A 66 -0.74 11.80 11.61
C GLY A 66 -0.17 12.43 10.37
N VAL A 67 -0.16 11.68 9.26
CA VAL A 67 0.36 12.18 8.00
C VAL A 67 -0.55 11.81 6.85
N ARG A 68 -1.09 12.83 6.17
CA ARG A 68 -1.98 12.61 5.04
C ARG A 68 -1.19 12.37 3.76
N TYR A 69 -1.62 11.40 2.97
CA TYR A 69 -0.96 11.07 1.71
C TYR A 69 -1.88 11.35 0.52
N PHE A 70 -2.95 10.56 0.41
CA PHE A 70 -3.90 10.71 -0.67
C PHE A 70 -5.32 10.83 -0.14
N GLU A 71 -6.17 11.52 -0.89
CA GLU A 71 -7.57 11.71 -0.48
C GLU A 71 -8.45 10.64 -1.10
N CYS A 72 -9.08 9.85 -0.23
CA CYS A 72 -9.97 8.77 -0.69
C CYS A 72 -10.81 8.25 0.47
N PRO A 73 -11.84 7.44 0.17
CA PRO A 73 -12.73 6.87 1.19
C PRO A 73 -11.95 6.15 2.30
N ALA A 74 -12.67 5.73 3.33
CA ALA A 74 -12.05 5.03 4.46
C ALA A 74 -11.95 3.54 4.18
N LEU A 75 -10.96 2.89 4.81
CA LEU A 75 -10.76 1.46 4.63
C LEU A 75 -10.50 1.11 3.17
N GLN A 76 -9.91 2.07 2.44
CA GLN A 76 -9.60 1.87 1.03
C GLN A 76 -8.14 2.15 0.74
N GLY A 77 -7.63 3.22 1.36
CA GLY A 77 -6.23 3.59 1.15
C GLY A 77 -5.28 2.70 1.92
N ILE A 78 -4.91 1.58 1.30
CA ILE A 78 -3.99 0.63 1.93
C ILE A 78 -2.57 0.86 1.46
N PHE A 79 -1.62 0.72 2.38
CA PHE A 79 -0.21 0.91 2.06
C PHE A 79 0.53 -0.43 1.99
N THR A 80 1.47 -0.53 1.07
CA THR A 80 2.25 -1.76 0.91
C THR A 80 3.55 -1.49 0.16
N ARG A 81 4.37 -2.53 0.02
CA ARG A 81 5.65 -2.39 -0.67
C ARG A 81 5.45 -2.41 -2.19
N PRO A 82 6.03 -1.44 -2.90
CA PRO A 82 5.91 -1.35 -4.37
C PRO A 82 6.31 -2.65 -5.06
N SER A 83 7.42 -3.22 -4.63
CA SER A 83 7.91 -4.47 -5.20
C SER A 83 6.90 -5.59 -5.03
N LYS A 84 6.14 -5.55 -3.93
CA LYS A 84 5.14 -6.56 -3.66
C LYS A 84 3.98 -6.48 -4.66
N LEU A 85 3.74 -5.27 -5.17
CA LEU A 85 2.67 -5.07 -6.13
C LEU A 85 2.95 -5.80 -7.44
N THR A 86 1.90 -6.05 -8.21
CA THR A 86 2.04 -6.74 -9.49
C THR A 86 0.98 -6.29 -10.48
N ARG A 87 1.08 -6.77 -11.71
CA ARG A 87 0.12 -6.41 -12.76
C ARG A 87 -0.66 -7.63 -13.23
N GLN A 88 -0.90 -8.57 -12.32
CA GLN A 88 -1.63 -9.78 -12.65
C GLN A 88 -1.97 -10.57 -11.38
N PRO A 89 -3.21 -11.08 -11.28
CA PRO A 89 -3.65 -11.86 -10.11
C PRO A 89 -2.71 -13.03 -9.81
N SER A 90 -2.91 -13.65 -8.66
CA SER A 90 -2.08 -14.78 -8.25
C SER A 90 -2.94 -16.00 -7.93
N GLY A 91 -2.29 -17.14 -7.71
CA GLY A 91 -3.01 -18.36 -7.40
C GLY A 91 -3.36 -19.16 -8.63
N PRO A 92 -3.71 -20.45 -8.46
CA PRO A 92 -4.06 -21.33 -9.58
C PRO A 92 -5.40 -20.96 -10.20
N SER A 93 -6.39 -20.73 -9.36
CA SER A 93 -7.72 -20.36 -9.83
C SER A 93 -8.16 -19.02 -9.24
N SER A 94 -8.22 -18.94 -7.92
CA SER A 94 -8.62 -17.71 -7.24
C SER A 94 -8.12 -17.71 -5.80
N GLY A 95 -7.34 -16.70 -5.46
CA GLY A 95 -6.81 -16.58 -4.11
C GLY A 95 -5.93 -17.76 -3.74
N GLY A 1 4.08 17.16 15.97
CA GLY A 1 4.99 16.21 16.67
C GLY A 1 5.10 14.87 15.98
N SER A 2 6.03 14.04 16.44
CA SER A 2 6.22 12.72 15.85
C SER A 2 6.12 11.63 16.91
N SER A 3 4.92 11.06 17.05
CA SER A 3 4.68 10.01 18.03
C SER A 3 5.04 8.63 17.45
N GLY A 4 5.99 7.96 18.07
CA GLY A 4 6.40 6.65 17.60
C GLY A 4 7.90 6.52 17.48
N SER A 5 8.51 7.41 16.71
CA SER A 5 9.96 7.39 16.50
C SER A 5 10.39 6.08 15.86
N SER A 6 10.85 6.16 14.62
CA SER A 6 11.31 4.98 13.90
C SER A 6 10.18 3.96 13.74
N GLY A 7 10.43 2.92 12.96
CA GLY A 7 9.42 1.89 12.75
C GLY A 7 9.18 1.05 13.98
N ALA A 8 8.58 -0.12 13.80
CA ALA A 8 8.29 -1.02 14.90
C ALA A 8 8.09 -2.45 14.42
N ALA A 9 7.28 -2.61 13.37
CA ALA A 9 7.01 -3.92 12.81
C ALA A 9 6.99 -3.87 11.28
N GLU A 10 6.26 -2.90 10.73
CA GLU A 10 6.16 -2.74 9.29
C GLU A 10 7.36 -1.98 8.75
N VAL A 11 7.86 -2.42 7.60
CA VAL A 11 9.01 -1.78 6.96
C VAL A 11 8.90 -1.83 5.44
N GLY A 12 9.38 -0.78 4.79
CA GLY A 12 9.32 -0.72 3.34
C GLY A 12 10.53 -1.37 2.69
N ASP A 13 10.44 -1.62 1.39
CA ASP A 13 11.54 -2.24 0.65
C ASP A 13 12.46 -1.18 0.06
N ASP A 14 13.57 -1.62 -0.51
CA ASP A 14 14.54 -0.71 -1.12
C ASP A 14 14.36 -0.66 -2.64
N PHE A 15 13.12 -0.85 -3.09
CA PHE A 15 12.82 -0.82 -4.52
C PHE A 15 11.41 -0.30 -4.76
N LEU A 16 11.31 0.85 -5.42
CA LEU A 16 10.02 1.46 -5.72
C LEU A 16 9.34 0.75 -6.89
N GLY A 17 10.15 0.15 -7.77
CA GLY A 17 9.61 -0.55 -8.91
C GLY A 17 9.41 0.36 -10.11
N ASP A 18 8.26 0.22 -10.77
CA ASP A 18 7.95 1.03 -11.94
C ASP A 18 6.46 1.32 -12.02
N PHE A 19 5.82 1.42 -10.87
CA PHE A 19 4.38 1.69 -10.80
C PHE A 19 4.11 3.19 -10.77
N VAL A 20 3.14 3.62 -11.55
CA VAL A 20 2.78 5.04 -11.60
C VAL A 20 1.49 5.32 -10.83
N VAL A 21 1.08 6.58 -10.82
CA VAL A 21 -0.14 6.96 -10.11
C VAL A 21 -1.35 6.91 -11.03
N GLY A 22 -2.27 6.00 -10.73
CA GLY A 22 -3.46 5.86 -11.54
C GLY A 22 -3.52 4.52 -12.25
N GLU A 23 -2.95 3.49 -11.63
CA GLU A 23 -2.94 2.15 -12.21
C GLU A 23 -3.40 1.12 -11.19
N ARG A 24 -3.96 0.02 -11.69
CA ARG A 24 -4.44 -1.05 -10.83
C ARG A 24 -3.34 -2.08 -10.58
N VAL A 25 -2.91 -2.20 -9.32
CA VAL A 25 -1.87 -3.14 -8.95
C VAL A 25 -2.41 -4.22 -8.01
N TRP A 26 -2.01 -5.46 -8.25
CA TRP A 26 -2.46 -6.57 -7.42
C TRP A 26 -1.56 -6.74 -6.20
N VAL A 27 -2.04 -6.31 -5.04
CA VAL A 27 -1.27 -6.42 -3.81
C VAL A 27 -1.21 -7.86 -3.32
N ASN A 28 -0.01 -8.43 -3.29
CA ASN A 28 0.18 -9.80 -2.85
C ASN A 28 -0.60 -10.78 -3.72
N GLY A 29 -0.83 -10.39 -4.97
CA GLY A 29 -1.56 -11.24 -5.89
C GLY A 29 -2.95 -11.58 -5.38
N VAL A 30 -3.53 -10.67 -4.62
CA VAL A 30 -4.86 -10.87 -4.06
C VAL A 30 -5.92 -10.13 -4.88
N LYS A 31 -5.87 -8.81 -4.85
CA LYS A 31 -6.82 -7.98 -5.58
C LYS A 31 -6.16 -6.71 -6.08
N PRO A 32 -6.61 -6.19 -7.24
CA PRO A 32 -6.05 -4.96 -7.82
C PRO A 32 -6.49 -3.70 -7.08
N GLY A 33 -5.69 -2.66 -7.18
CA GLY A 33 -6.02 -1.41 -6.50
C GLY A 33 -5.43 -0.20 -7.21
N VAL A 34 -6.18 0.90 -7.23
CA VAL A 34 -5.72 2.12 -7.87
C VAL A 34 -4.67 2.83 -7.03
N VAL A 35 -3.47 2.96 -7.56
CA VAL A 35 -2.37 3.61 -6.85
C VAL A 35 -2.58 5.13 -6.81
N GLN A 36 -2.21 5.73 -5.69
CA GLN A 36 -2.35 7.18 -5.52
C GLN A 36 -1.02 7.81 -5.12
N TYR A 37 -0.35 7.21 -4.15
CA TYR A 37 0.94 7.71 -3.68
C TYR A 37 2.04 6.68 -3.88
N LEU A 38 3.24 7.15 -4.17
CA LEU A 38 4.39 6.26 -4.38
C LEU A 38 5.67 6.90 -3.88
N GLY A 39 6.11 6.48 -2.69
CA GLY A 39 7.32 7.02 -2.11
C GLY A 39 7.49 6.66 -0.65
N GLU A 40 8.35 7.39 0.05
CA GLU A 40 8.60 7.13 1.46
C GLU A 40 7.40 7.53 2.31
N THR A 41 7.26 6.90 3.47
CA THR A 41 6.16 7.19 4.38
C THR A 41 6.64 7.92 5.62
N GLN A 42 5.72 8.26 6.50
CA GLN A 42 6.06 8.96 7.74
C GLN A 42 5.71 8.11 8.96
N PHE A 43 5.72 6.79 8.78
CA PHE A 43 5.40 5.88 9.87
C PHE A 43 6.44 4.75 9.96
N ALA A 44 6.80 4.19 8.81
CA ALA A 44 7.78 3.12 8.76
C ALA A 44 8.92 3.47 7.81
N PRO A 45 10.14 2.98 8.10
CA PRO A 45 11.33 3.24 7.27
C PRO A 45 11.26 2.52 5.94
N GLY A 46 12.15 2.90 5.02
CA GLY A 46 12.18 2.27 3.71
C GLY A 46 11.17 2.87 2.75
N GLN A 47 11.17 2.39 1.52
CA GLN A 47 10.25 2.88 0.51
C GLN A 47 8.88 2.23 0.66
N TRP A 48 7.83 3.00 0.42
CA TRP A 48 6.47 2.50 0.52
C TRP A 48 5.66 2.85 -0.72
N ALA A 49 4.40 2.39 -0.75
CA ALA A 49 3.53 2.66 -1.88
C ALA A 49 2.07 2.51 -1.49
N GLY A 50 1.32 3.61 -1.58
CA GLY A 50 -0.08 3.58 -1.22
C GLY A 50 -0.96 3.15 -2.38
N VAL A 51 -1.99 2.35 -2.08
CA VAL A 51 -2.90 1.85 -3.10
C VAL A 51 -4.35 1.98 -2.64
N VAL A 52 -5.26 2.09 -3.61
CA VAL A 52 -6.68 2.22 -3.30
C VAL A 52 -7.47 1.01 -3.82
N LEU A 53 -7.88 0.14 -2.91
CA LEU A 53 -8.64 -1.04 -3.27
C LEU A 53 -10.06 -0.68 -3.70
N ASP A 54 -10.63 -1.48 -4.60
CA ASP A 54 -11.98 -1.24 -5.10
C ASP A 54 -13.00 -1.48 -3.99
N ASP A 55 -12.93 -2.65 -3.36
CA ASP A 55 -13.85 -3.00 -2.28
C ASP A 55 -13.36 -2.48 -0.94
N PRO A 56 -14.28 -2.22 0.00
CA PRO A 56 -13.93 -1.72 1.34
C PRO A 56 -13.24 -2.78 2.19
N VAL A 57 -12.08 -3.24 1.74
CA VAL A 57 -11.33 -4.27 2.47
C VAL A 57 -9.88 -3.84 2.68
N GLY A 58 -9.66 -2.54 2.80
CA GLY A 58 -8.32 -2.02 2.99
C GLY A 58 -7.97 -1.87 4.46
N LYS A 59 -7.35 -0.75 4.82
CA LYS A 59 -6.96 -0.50 6.19
C LYS A 59 -7.06 0.98 6.52
N ASN A 60 -6.19 1.78 5.92
CA ASN A 60 -6.17 3.22 6.15
C ASN A 60 -7.03 3.94 5.12
N ASP A 61 -7.26 5.23 5.34
CA ASP A 61 -8.06 6.03 4.43
C ASP A 61 -7.22 7.13 3.79
N GLY A 62 -5.94 6.85 3.59
CA GLY A 62 -5.04 7.82 2.98
C GLY A 62 -4.15 8.50 4.00
N ALA A 63 -4.63 8.62 5.23
CA ALA A 63 -3.87 9.26 6.30
C ALA A 63 -3.50 8.24 7.39
N VAL A 64 -2.21 8.11 7.65
CA VAL A 64 -1.73 7.17 8.66
C VAL A 64 -1.02 7.91 9.79
N GLY A 65 -1.56 7.80 11.00
CA GLY A 65 -0.96 8.46 12.14
C GLY A 65 -1.20 9.96 12.13
N GLY A 66 -0.11 10.73 11.97
CA GLY A 66 -0.23 12.17 11.94
C GLY A 66 0.23 12.76 10.62
N VAL A 67 0.02 12.03 9.54
CA VAL A 67 0.43 12.48 8.21
C VAL A 67 -0.57 12.05 7.15
N ARG A 68 -0.60 12.78 6.04
CA ARG A 68 -1.52 12.46 4.95
C ARG A 68 -0.75 12.11 3.68
N TYR A 69 -1.33 11.25 2.85
CA TYR A 69 -0.71 10.83 1.61
C TYR A 69 -1.59 11.18 0.42
N PHE A 70 -2.74 10.52 0.33
CA PHE A 70 -3.68 10.76 -0.76
C PHE A 70 -5.12 10.79 -0.24
N GLU A 71 -5.89 11.76 -0.73
CA GLU A 71 -7.29 11.90 -0.32
C GLU A 71 -8.17 10.90 -1.05
N CYS A 72 -8.51 9.81 -0.37
CA CYS A 72 -9.36 8.79 -0.96
C CYS A 72 -10.37 8.25 0.06
N PRO A 73 -11.35 7.45 -0.38
CA PRO A 73 -12.37 6.87 0.50
C PRO A 73 -11.76 6.16 1.70
N ALA A 74 -12.61 5.75 2.63
CA ALA A 74 -12.16 5.05 3.83
C ALA A 74 -12.14 3.54 3.61
N LEU A 75 -11.27 2.85 4.34
CA LEU A 75 -11.16 1.40 4.24
C LEU A 75 -10.75 1.00 2.82
N GLN A 76 -9.99 1.86 2.16
CA GLN A 76 -9.53 1.58 0.80
C GLN A 76 -8.07 1.96 0.62
N GLY A 77 -7.71 3.13 1.12
CA GLY A 77 -6.33 3.59 1.02
C GLY A 77 -5.36 2.72 1.81
N ILE A 78 -5.00 1.57 1.24
CA ILE A 78 -4.08 0.65 1.89
C ILE A 78 -2.63 0.97 1.52
N PHE A 79 -1.70 0.57 2.39
CA PHE A 79 -0.29 0.81 2.15
C PHE A 79 0.49 -0.50 2.16
N THR A 80 1.38 -0.67 1.19
CA THR A 80 2.19 -1.87 1.09
C THR A 80 3.51 -1.58 0.36
N ARG A 81 4.33 -2.61 0.22
CA ARG A 81 5.61 -2.46 -0.46
C ARG A 81 5.45 -2.54 -1.97
N PRO A 82 6.12 -1.64 -2.72
CA PRO A 82 6.03 -1.62 -4.19
C PRO A 82 6.39 -2.96 -4.80
N SER A 83 7.47 -3.56 -4.32
CA SER A 83 7.93 -4.85 -4.83
C SER A 83 6.84 -5.91 -4.67
N LYS A 84 6.03 -5.77 -3.63
CA LYS A 84 4.95 -6.72 -3.37
C LYS A 84 3.84 -6.58 -4.42
N LEU A 85 3.66 -5.37 -4.91
CA LEU A 85 2.63 -5.10 -5.92
C LEU A 85 2.96 -5.79 -7.24
N THR A 86 1.92 -6.19 -7.96
CA THR A 86 2.12 -6.86 -9.25
C THR A 86 1.23 -6.24 -10.32
N ARG A 87 1.50 -6.56 -11.58
CA ARG A 87 0.73 -6.03 -12.70
C ARG A 87 -0.20 -7.10 -13.28
N GLN A 88 -0.59 -8.05 -12.44
CA GLN A 88 -1.47 -9.14 -12.87
C GLN A 88 -1.78 -10.09 -11.72
N PRO A 89 -2.99 -10.68 -11.70
CA PRO A 89 -3.40 -11.60 -10.64
C PRO A 89 -2.40 -12.74 -10.45
N SER A 90 -1.91 -12.88 -9.22
CA SER A 90 -0.95 -13.94 -8.91
C SER A 90 -1.64 -15.17 -8.37
N GLY A 91 -2.41 -15.00 -7.29
CA GLY A 91 -3.12 -16.09 -6.69
C GLY A 91 -4.58 -16.17 -7.13
N PRO A 92 -5.28 -17.26 -6.80
CA PRO A 92 -6.69 -17.43 -7.17
C PRO A 92 -7.61 -16.48 -6.40
N SER A 93 -8.91 -16.69 -6.54
CA SER A 93 -9.90 -15.86 -5.86
C SER A 93 -10.99 -16.71 -5.22
N SER A 94 -11.86 -16.07 -4.44
CA SER A 94 -12.94 -16.77 -3.78
C SER A 94 -14.12 -16.97 -4.73
N GLY A 95 -14.49 -18.23 -4.94
CA GLY A 95 -15.60 -18.54 -5.83
C GLY A 95 -16.10 -19.96 -5.67
N GLY A 1 7.07 -4.30 23.09
CA GLY A 1 6.57 -2.98 22.65
C GLY A 1 7.17 -2.54 21.32
N SER A 2 8.47 -2.75 21.18
CA SER A 2 9.18 -2.38 19.96
C SER A 2 10.20 -3.45 19.56
N SER A 3 9.70 -4.52 18.95
CA SER A 3 10.56 -5.62 18.52
C SER A 3 10.33 -5.95 17.05
N GLY A 4 11.39 -6.37 16.37
CA GLY A 4 11.29 -6.70 14.96
C GLY A 4 12.54 -6.36 14.18
N SER A 5 12.38 -5.62 13.09
CA SER A 5 13.51 -5.23 12.25
C SER A 5 13.85 -3.75 12.44
N SER A 6 12.87 -2.89 12.17
CA SER A 6 13.06 -1.46 12.31
C SER A 6 11.75 -0.78 12.71
N GLY A 7 10.69 -1.05 11.98
CA GLY A 7 9.39 -0.46 12.28
C GLY A 7 8.72 -1.12 13.47
N ALA A 8 7.52 -0.65 13.79
CA ALA A 8 6.77 -1.20 14.91
C ALA A 8 5.49 -1.88 14.43
N ALA A 9 5.51 -2.39 13.20
CA ALA A 9 4.35 -3.06 12.62
C ALA A 9 4.66 -3.57 11.23
N GLU A 10 4.98 -2.66 10.32
CA GLU A 10 5.30 -3.02 8.94
C GLU A 10 6.47 -2.20 8.43
N VAL A 11 7.25 -2.80 7.53
CA VAL A 11 8.41 -2.13 6.95
C VAL A 11 8.27 -2.01 5.44
N GLY A 12 9.21 -1.29 4.82
CA GLY A 12 9.18 -1.11 3.39
C GLY A 12 10.41 -1.65 2.70
N ASP A 13 10.38 -1.70 1.38
CA ASP A 13 11.52 -2.20 0.60
C ASP A 13 12.52 -1.09 0.32
N ASP A 14 13.73 -1.47 -0.07
CA ASP A 14 14.78 -0.50 -0.37
C ASP A 14 14.87 -0.25 -1.88
N PHE A 15 13.71 -0.19 -2.52
CA PHE A 15 13.65 0.05 -3.96
C PHE A 15 12.21 0.18 -4.44
N LEU A 16 11.93 1.27 -5.15
CA LEU A 16 10.58 1.52 -5.65
C LEU A 16 10.37 0.81 -6.99
N GLY A 17 9.24 0.13 -7.12
CA GLY A 17 8.93 -0.58 -8.35
C GLY A 17 8.55 0.35 -9.49
N ASP A 18 8.33 -0.22 -10.67
CA ASP A 18 7.95 0.57 -11.83
C ASP A 18 6.44 0.79 -11.88
N PHE A 19 5.90 1.40 -10.82
CA PHE A 19 4.47 1.67 -10.74
C PHE A 19 4.21 3.17 -10.74
N VAL A 20 3.25 3.60 -11.57
CA VAL A 20 2.90 5.01 -11.66
C VAL A 20 1.61 5.30 -10.89
N VAL A 21 1.22 6.58 -10.87
CA VAL A 21 0.02 6.99 -10.18
C VAL A 21 -1.19 6.96 -11.10
N GLY A 22 -2.03 5.94 -10.96
CA GLY A 22 -3.22 5.82 -11.78
C GLY A 22 -3.27 4.50 -12.53
N GLU A 23 -2.90 3.42 -11.85
CA GLU A 23 -2.90 2.09 -12.45
C GLU A 23 -3.45 1.06 -11.48
N ARG A 24 -3.85 -0.09 -12.01
CA ARG A 24 -4.40 -1.17 -11.20
C ARG A 24 -3.35 -2.23 -10.92
N VAL A 25 -2.94 -2.34 -9.66
CA VAL A 25 -1.93 -3.32 -9.26
C VAL A 25 -2.49 -4.29 -8.22
N TRP A 26 -2.07 -5.54 -8.30
CA TRP A 26 -2.53 -6.56 -7.37
C TRP A 26 -1.62 -6.63 -6.15
N VAL A 27 -2.11 -6.15 -5.01
CA VAL A 27 -1.34 -6.17 -3.78
C VAL A 27 -1.13 -7.58 -3.27
N ASN A 28 0.12 -8.06 -3.34
CA ASN A 28 0.45 -9.40 -2.89
C ASN A 28 -0.36 -10.45 -3.65
N GLY A 29 -0.70 -10.14 -4.90
CA GLY A 29 -1.48 -11.06 -5.71
C GLY A 29 -2.81 -11.41 -5.08
N VAL A 30 -3.34 -10.51 -4.27
CA VAL A 30 -4.62 -10.73 -3.61
C VAL A 30 -5.75 -10.01 -4.34
N LYS A 31 -5.71 -8.68 -4.31
CA LYS A 31 -6.74 -7.88 -4.98
C LYS A 31 -6.13 -6.65 -5.64
N PRO A 32 -6.70 -6.20 -6.77
CA PRO A 32 -6.20 -5.04 -7.50
C PRO A 32 -6.49 -3.73 -6.76
N GLY A 33 -5.67 -2.72 -7.03
CA GLY A 33 -5.87 -1.43 -6.39
C GLY A 33 -5.36 -0.28 -7.23
N VAL A 34 -5.94 0.90 -7.04
CA VAL A 34 -5.54 2.09 -7.78
C VAL A 34 -4.44 2.85 -7.04
N VAL A 35 -3.25 2.88 -7.62
CA VAL A 35 -2.12 3.58 -7.02
C VAL A 35 -2.39 5.09 -6.96
N GLN A 36 -2.08 5.69 -5.82
CA GLN A 36 -2.27 7.13 -5.64
C GLN A 36 -1.00 7.80 -5.14
N TYR A 37 -0.36 7.18 -4.16
CA TYR A 37 0.87 7.73 -3.59
C TYR A 37 2.03 6.74 -3.78
N LEU A 38 3.22 7.28 -3.98
CA LEU A 38 4.41 6.45 -4.18
C LEU A 38 5.64 7.11 -3.54
N GLY A 39 6.40 6.33 -2.80
CA GLY A 39 7.60 6.85 -2.15
C GLY A 39 7.72 6.42 -0.70
N GLU A 40 8.61 7.06 0.04
CA GLU A 40 8.82 6.74 1.43
C GLU A 40 7.62 7.16 2.29
N THR A 41 7.70 6.90 3.58
CA THR A 41 6.62 7.25 4.50
C THR A 41 7.18 7.81 5.80
N GLN A 42 6.29 8.11 6.74
CA GLN A 42 6.69 8.66 8.03
C GLN A 42 6.43 7.66 9.15
N PHE A 43 5.35 6.90 9.02
CA PHE A 43 4.99 5.91 10.03
C PHE A 43 5.99 4.75 10.03
N ALA A 44 6.53 4.44 8.86
CA ALA A 44 7.49 3.35 8.72
C ALA A 44 8.59 3.71 7.73
N PRO A 45 9.82 3.20 7.96
CA PRO A 45 10.96 3.48 7.07
C PRO A 45 10.85 2.74 5.75
N GLY A 46 11.95 2.73 4.99
CA GLY A 46 11.95 2.06 3.71
C GLY A 46 10.98 2.67 2.72
N GLN A 47 10.96 2.16 1.50
CA GLN A 47 10.07 2.66 0.46
C GLN A 47 8.66 2.09 0.64
N TRP A 48 7.68 2.85 0.18
CA TRP A 48 6.28 2.43 0.28
C TRP A 48 5.48 2.86 -0.94
N ALA A 49 4.25 2.40 -1.03
CA ALA A 49 3.38 2.74 -2.16
C ALA A 49 1.91 2.66 -1.76
N GLY A 50 1.22 3.80 -1.85
CA GLY A 50 -0.19 3.84 -1.49
C GLY A 50 -1.08 3.32 -2.61
N VAL A 51 -1.90 2.34 -2.29
CA VAL A 51 -2.81 1.76 -3.27
C VAL A 51 -4.26 1.79 -2.78
N VAL A 52 -5.13 2.38 -3.59
CA VAL A 52 -6.55 2.48 -3.23
C VAL A 52 -7.33 1.28 -3.74
N LEU A 53 -7.63 0.35 -2.85
CA LEU A 53 -8.38 -0.86 -3.22
C LEU A 53 -9.80 -0.50 -3.64
N ASP A 54 -10.24 -1.08 -4.75
CA ASP A 54 -11.58 -0.84 -5.27
C ASP A 54 -12.64 -1.27 -4.26
N ASP A 55 -12.33 -2.31 -3.50
CA ASP A 55 -13.26 -2.84 -2.50
C ASP A 55 -12.91 -2.32 -1.11
N PRO A 56 -13.92 -2.14 -0.25
CA PRO A 56 -13.70 -1.65 1.12
C PRO A 56 -13.06 -2.69 2.02
N VAL A 57 -11.84 -3.11 1.66
CA VAL A 57 -11.12 -4.11 2.43
C VAL A 57 -9.63 -3.78 2.50
N GLY A 58 -9.32 -2.50 2.48
CA GLY A 58 -7.92 -2.07 2.54
C GLY A 58 -7.36 -2.12 3.95
N LYS A 59 -6.78 -1.01 4.39
CA LYS A 59 -6.19 -0.94 5.71
C LYS A 59 -6.47 0.41 6.36
N ASN A 60 -6.03 1.49 5.69
CA ASN A 60 -6.24 2.84 6.20
C ASN A 60 -7.22 3.60 5.31
N ASP A 61 -7.37 4.89 5.58
CA ASP A 61 -8.28 5.74 4.80
C ASP A 61 -7.53 6.89 4.15
N GLY A 62 -6.28 6.64 3.76
CA GLY A 62 -5.47 7.66 3.13
C GLY A 62 -4.40 8.20 4.05
N ALA A 63 -4.78 8.49 5.30
CA ALA A 63 -3.83 9.02 6.28
C ALA A 63 -3.46 7.96 7.29
N VAL A 64 -2.18 7.96 7.70
CA VAL A 64 -1.69 6.99 8.68
C VAL A 64 -1.03 7.69 9.85
N GLY A 65 -1.52 7.39 11.06
CA GLY A 65 -0.96 8.00 12.25
C GLY A 65 -1.26 9.48 12.34
N GLY A 66 -0.43 10.29 11.68
CA GLY A 66 -0.62 11.73 11.70
C GLY A 66 -0.16 12.40 10.42
N VAL A 67 -0.23 11.66 9.31
CA VAL A 67 0.18 12.19 8.02
C VAL A 67 -0.83 11.86 6.94
N ARG A 68 -1.11 12.83 6.06
CA ARG A 68 -2.06 12.63 4.97
C ARG A 68 -1.35 12.53 3.63
N TYR A 69 -1.46 11.37 2.99
CA TYR A 69 -0.83 11.15 1.70
C TYR A 69 -1.83 11.34 0.56
N PHE A 70 -2.87 10.52 0.55
CA PHE A 70 -3.90 10.59 -0.47
C PHE A 70 -5.29 10.58 0.15
N GLU A 71 -6.19 11.40 -0.41
CA GLU A 71 -7.55 11.49 0.08
C GLU A 71 -8.45 10.46 -0.60
N CYS A 72 -8.85 9.44 0.14
CA CYS A 72 -9.70 8.39 -0.40
C CYS A 72 -10.61 7.82 0.69
N PRO A 73 -11.70 7.14 0.29
CA PRO A 73 -12.64 6.54 1.24
C PRO A 73 -11.95 5.65 2.27
N ALA A 74 -12.66 5.34 3.35
CA ALA A 74 -12.12 4.50 4.39
C ALA A 74 -12.07 3.03 3.96
N LEU A 75 -11.18 2.27 4.58
CA LEU A 75 -11.03 0.86 4.25
C LEU A 75 -10.65 0.67 2.79
N GLN A 76 -9.95 1.66 2.23
CA GLN A 76 -9.52 1.59 0.84
C GLN A 76 -8.04 1.94 0.71
N GLY A 77 -7.63 3.00 1.41
CA GLY A 77 -6.24 3.41 1.36
C GLY A 77 -5.31 2.45 2.08
N ILE A 78 -4.87 1.42 1.37
CA ILE A 78 -3.98 0.43 1.94
C ILE A 78 -2.52 0.76 1.65
N PHE A 79 -1.64 0.48 2.60
CA PHE A 79 -0.21 0.75 2.44
C PHE A 79 0.58 -0.55 2.42
N THR A 80 1.51 -0.65 1.47
CA THR A 80 2.34 -1.84 1.34
C THR A 80 3.60 -1.53 0.55
N ARG A 81 4.45 -2.55 0.37
CA ARG A 81 5.68 -2.38 -0.39
C ARG A 81 5.43 -2.42 -1.89
N PRO A 82 6.09 -1.54 -2.66
CA PRO A 82 5.92 -1.47 -4.11
C PRO A 82 6.13 -2.83 -4.78
N SER A 83 7.14 -3.56 -4.32
CA SER A 83 7.46 -4.87 -4.87
C SER A 83 6.28 -5.82 -4.71
N LYS A 84 5.56 -5.69 -3.60
CA LYS A 84 4.40 -6.54 -3.33
C LYS A 84 3.33 -6.36 -4.39
N LEU A 85 3.26 -5.16 -4.96
CA LEU A 85 2.28 -4.85 -5.99
C LEU A 85 2.64 -5.54 -7.31
N THR A 86 1.62 -6.04 -8.00
CA THR A 86 1.84 -6.72 -9.28
C THR A 86 0.81 -6.26 -10.32
N ARG A 87 0.98 -6.73 -11.54
CA ARG A 87 0.08 -6.36 -12.63
C ARG A 87 -0.70 -7.58 -13.14
N GLN A 88 -0.83 -8.60 -12.28
CA GLN A 88 -1.54 -9.81 -12.64
C GLN A 88 -2.02 -10.55 -11.40
N PRO A 89 -3.21 -11.17 -11.45
CA PRO A 89 -3.78 -11.91 -10.32
C PRO A 89 -3.10 -13.26 -10.13
N SER A 90 -2.29 -13.37 -9.07
CA SER A 90 -1.58 -14.61 -8.78
C SER A 90 -2.04 -15.20 -7.44
N GLY A 91 -2.01 -16.53 -7.34
CA GLY A 91 -2.42 -17.17 -6.10
C GLY A 91 -1.46 -18.26 -5.68
N PRO A 92 -1.22 -18.41 -4.36
CA PRO A 92 -0.30 -19.43 -3.83
C PRO A 92 -0.66 -20.83 -4.32
N SER A 93 0.36 -21.64 -4.60
CA SER A 93 0.15 -22.99 -5.07
C SER A 93 -0.23 -23.92 -3.91
N SER A 94 -0.91 -25.01 -4.23
CA SER A 94 -1.33 -25.97 -3.23
C SER A 94 -0.29 -27.07 -3.05
N GLY A 95 0.96 -26.66 -2.86
CA GLY A 95 2.03 -27.62 -2.67
C GLY A 95 2.36 -27.87 -1.22
#